data_9FM2
#
_entry.id   9FM2
#
_cell.length_a   1.00
_cell.length_b   1.00
_cell.length_c   1.00
_cell.angle_alpha   90.00
_cell.angle_beta   90.00
_cell.angle_gamma   90.00
#
_symmetry.space_group_name_H-M   'P 1'
#
loop_
_entity.id
_entity.type
_entity.pdbx_description
1 polymer 'Single-domain antibody hVHH-525'
2 polymer Neuraminidase
3 non-polymer 2-acetamido-2-deoxy-beta-D-glucopyranose
#
loop_
_entity_poly.entity_id
_entity_poly.type
_entity_poly.pdbx_seq_one_letter_code
_entity_poly.pdbx_strand_id
1 'polypeptide(L)'
;DVQLVESGGGLVQPGGSLRLSCAASGDIFSTHIMGWYRQAPGKQRELVATIDTDGSTNYADSVKGRFTISRDNAKNTVYL
QMNSLRPEDTAVYYCNAESAYSDYRLPDYWGQGTLVTVSS
;
A
2 'polypeptide(L)'
;MPMGSLQPLATLYLLGMLVASVLSAWSHPQFEKGSGIINETADDIVYRLTVIIDDRYESLKNLITLRADRLEMIINDNVS
TILASIGSGVTLLLPEPEWTYPRLSCPGSTFQKALLISPHRFGETKGNSAPLIIREPFVACGPNECKHFALTHYAAQPGG
YYNGTRGDRNKLRHLISVKLGKIPTVENSIFHMAAWSGSACHDGKEWTYIGVDGPDNNALLKVKYGEAYTDTYHSYANNI
LRTQESACNCIGGNCYLMITDGSASGVSECRFLKIREGRIIKEIFPTGRVKHTEECTCGFASNKTIECACRDNRYTAKRP
FVKLNVETDTAEIRLMCTDTYLDTPRPNDGSITGPCESDGDKGSGGIKGGFVHQRMKSKIGRWYSRTMSKTERMGMGLYV
KYGGDPWADSDALTFSGVMVSMKEPGWYSFGFEIKDKKCDVPCIGIEMVHDGGKETWHSAATAIYCLMGSGQLLWDTVTG
VDMAL
;
B,C,D,E
#
# COMPACT_ATOMS: atom_id res chain seq x y z
N ASP A 1 -49.48 -13.11 18.28
CA ASP A 1 -48.01 -13.29 18.27
C ASP A 1 -47.69 -14.77 18.40
N VAL A 2 -46.48 -15.08 18.87
CA VAL A 2 -46.03 -16.45 19.06
C VAL A 2 -45.60 -16.62 20.52
N GLN A 3 -46.07 -17.72 21.13
CA GLN A 3 -45.75 -18.02 22.51
C GLN A 3 -45.49 -19.52 22.65
N LEU A 4 -44.87 -19.89 23.76
CA LEU A 4 -44.58 -21.29 24.06
C LEU A 4 -45.32 -21.67 25.34
N VAL A 5 -45.94 -22.85 25.32
CA VAL A 5 -46.68 -23.36 26.47
C VAL A 5 -46.19 -24.77 26.76
N GLU A 6 -46.04 -25.07 28.05
CA GLU A 6 -45.57 -26.37 28.51
C GLU A 6 -46.69 -27.07 29.26
N SER A 7 -46.88 -28.37 28.98
CA SER A 7 -47.94 -29.15 29.59
C SER A 7 -47.44 -30.49 30.12
N GLY A 8 -46.12 -30.60 30.36
CA GLY A 8 -45.54 -31.83 30.87
C GLY A 8 -44.51 -31.61 31.96
N LEU A 18 -42.97 -39.82 32.04
CA LEU A 18 -44.00 -38.77 31.88
C LEU A 18 -43.73 -38.03 30.56
N ARG A 19 -44.82 -37.58 29.93
CA ARG A 19 -44.77 -36.97 28.61
C ARG A 19 -44.80 -35.46 28.73
N LEU A 20 -43.93 -34.79 27.96
CA LEU A 20 -43.89 -33.34 27.90
C LEU A 20 -44.35 -32.87 26.51
N SER A 21 -45.02 -31.72 26.48
CA SER A 21 -45.44 -31.10 25.24
C SER A 21 -45.13 -29.60 25.33
N CYS A 22 -44.29 -29.12 24.41
CA CYS A 22 -43.99 -27.70 24.30
C CYS A 22 -44.61 -27.20 22.99
N ALA A 23 -45.84 -26.70 23.08
CA ALA A 23 -46.60 -26.26 21.92
C ALA A 23 -46.30 -24.79 21.64
N ALA A 24 -46.19 -24.45 20.35
CA ALA A 24 -45.93 -23.09 19.92
C ALA A 24 -46.88 -22.73 18.78
N SER A 25 -47.15 -21.44 18.65
CA SER A 25 -47.93 -20.90 17.55
C SER A 25 -47.01 -20.28 16.51
N GLY A 26 -47.58 -19.92 15.36
CA GLY A 26 -46.81 -19.34 14.29
C GLY A 26 -45.89 -20.37 13.63
N ASP A 27 -44.80 -19.88 13.03
CA ASP A 27 -43.87 -20.72 12.29
C ASP A 27 -42.44 -20.56 12.81
N ILE A 28 -42.28 -20.64 14.13
CA ILE A 28 -40.95 -20.53 14.75
C ILE A 28 -40.31 -21.91 14.96
N PHE A 29 -40.99 -22.98 14.54
CA PHE A 29 -40.51 -24.33 14.78
C PHE A 29 -39.42 -24.74 13.81
N SER A 30 -39.19 -23.95 12.74
CA SER A 30 -38.24 -24.31 11.70
C SER A 30 -37.07 -23.34 11.59
N THR A 31 -36.98 -22.35 12.48
CA THR A 31 -35.90 -21.35 12.40
C THR A 31 -35.25 -21.05 13.75
N HIS A 32 -35.90 -21.44 14.85
CA HIS A 32 -35.38 -21.15 16.18
C HIS A 32 -34.89 -22.45 16.82
N ILE A 33 -33.86 -22.33 17.65
CA ILE A 33 -33.31 -23.47 18.36
C ILE A 33 -34.05 -23.62 19.69
N MET A 34 -34.60 -24.80 19.92
CA MET A 34 -35.36 -25.08 21.12
C MET A 34 -34.41 -25.63 22.20
N GLY A 35 -34.74 -25.31 23.44
CA GLY A 35 -33.99 -25.85 24.57
C GLY A 35 -34.92 -26.17 25.74
N TRP A 36 -34.40 -26.97 26.67
CA TRP A 36 -35.04 -27.22 27.94
C TRP A 36 -34.10 -26.77 29.05
N TYR A 37 -34.60 -25.91 29.94
CA TYR A 37 -33.88 -25.47 31.12
C TYR A 37 -34.68 -25.83 32.37
N ARG A 38 -33.99 -26.30 33.40
CA ARG A 38 -34.62 -26.68 34.65
C ARG A 38 -34.17 -25.73 35.76
N GLN A 39 -34.91 -25.76 36.88
CA GLN A 39 -34.58 -24.92 38.02
C GLN A 39 -34.73 -25.71 39.34
N GLN A 44 -28.56 -24.09 39.83
CA GLN A 44 -28.95 -22.80 39.19
C GLN A 44 -29.44 -23.06 37.77
N ARG A 45 -29.37 -22.03 36.93
CA ARG A 45 -29.81 -22.13 35.55
C ARG A 45 -28.77 -22.91 34.74
N GLU A 46 -29.11 -24.16 34.41
CA GLU A 46 -28.15 -25.08 33.79
C GLU A 46 -28.82 -25.84 32.66
N LEU A 47 -28.00 -26.28 31.70
CA LEU A 47 -28.50 -26.90 30.48
C LEU A 47 -29.08 -28.28 30.77
N VAL A 48 -30.19 -28.60 30.08
CA VAL A 48 -30.83 -29.90 30.20
C VAL A 48 -30.86 -30.61 28.84
N ALA A 49 -31.56 -30.03 27.86
CA ALA A 49 -31.67 -30.64 26.55
C ALA A 49 -31.94 -29.57 25.50
N THR A 50 -31.33 -29.74 24.33
CA THR A 50 -31.56 -28.87 23.18
C THR A 50 -31.71 -29.71 21.92
N ILE A 51 -32.46 -29.17 20.95
CA ILE A 51 -32.57 -29.76 19.62
C ILE A 51 -32.41 -28.63 18.61
N ASP A 52 -32.06 -29.00 17.38
CA ASP A 52 -31.97 -28.05 16.28
C ASP A 52 -33.05 -28.36 15.25
N THR A 53 -33.02 -27.60 14.15
CA THR A 53 -34.00 -27.75 13.09
C THR A 53 -33.52 -28.71 12.00
N ASP A 54 -32.34 -29.33 12.17
CA ASP A 54 -31.85 -30.33 11.22
C ASP A 54 -31.91 -31.74 11.80
N GLY A 55 -32.29 -31.90 13.07
CA GLY A 55 -32.34 -33.22 13.68
C GLY A 55 -31.21 -33.48 14.65
N SER A 56 -30.18 -32.62 14.69
CA SER A 56 -29.05 -32.81 15.57
C SER A 56 -29.47 -32.57 17.02
N THR A 57 -29.07 -33.48 17.92
CA THR A 57 -29.48 -33.43 19.31
C THR A 57 -28.25 -33.27 20.21
N ASN A 58 -28.32 -32.26 21.09
CA ASN A 58 -27.28 -32.01 22.08
C ASN A 58 -27.89 -32.11 23.48
N TYR A 59 -27.13 -32.70 24.40
CA TYR A 59 -27.56 -32.86 25.78
C TYR A 59 -26.42 -32.49 26.71
N ALA A 60 -26.78 -32.16 27.95
CA ALA A 60 -25.79 -31.85 28.98
C ALA A 60 -25.07 -33.11 29.41
N ASP A 61 -23.89 -32.92 30.02
CA ASP A 61 -23.01 -34.04 30.37
C ASP A 61 -23.63 -34.98 31.40
N SER A 62 -24.35 -34.42 32.37
CA SER A 62 -24.94 -35.20 33.45
C SER A 62 -26.16 -36.00 33.00
N VAL A 63 -26.68 -35.75 31.78
CA VAL A 63 -27.93 -36.35 31.34
C VAL A 63 -27.74 -37.14 30.04
N LYS A 64 -26.53 -37.65 29.80
CA LYS A 64 -26.30 -38.54 28.67
C LYS A 64 -27.12 -39.83 28.81
N GLY A 65 -27.79 -40.19 27.72
CA GLY A 65 -28.39 -41.51 27.56
C GLY A 65 -29.70 -41.70 28.33
N ARG A 66 -30.32 -40.61 28.80
CA ARG A 66 -31.49 -40.74 29.65
C ARG A 66 -32.66 -39.90 29.09
N PHE A 67 -32.34 -38.92 28.23
CA PHE A 67 -33.32 -38.03 27.62
C PHE A 67 -33.58 -38.47 26.18
N THR A 68 -34.86 -38.45 25.78
CA THR A 68 -35.27 -38.67 24.40
C THR A 68 -36.15 -37.52 23.95
N ILE A 69 -35.76 -36.86 22.85
CA ILE A 69 -36.48 -35.71 22.32
C ILE A 69 -37.03 -36.06 20.95
N SER A 70 -38.29 -35.69 20.72
CA SER A 70 -38.98 -35.94 19.46
C SER A 70 -39.84 -34.74 19.12
N ARG A 71 -39.74 -34.28 17.86
CA ARG A 71 -40.44 -33.10 17.39
C ARG A 71 -41.60 -33.50 16.47
N ASP A 72 -42.41 -32.49 16.12
CA ASP A 72 -43.51 -32.66 15.18
C ASP A 72 -43.63 -31.37 14.38
N ASN A 73 -43.10 -31.38 13.14
CA ASN A 73 -43.13 -30.20 12.30
C ASN A 73 -44.54 -29.92 11.76
N ALA A 74 -45.40 -30.94 11.74
CA ALA A 74 -46.73 -30.78 11.15
C ALA A 74 -47.62 -29.88 12.01
N LYS A 75 -47.58 -30.05 13.34
CA LYS A 75 -48.50 -29.35 14.23
C LYS A 75 -47.77 -28.57 15.34
N ASN A 76 -46.45 -28.37 15.22
CA ASN A 76 -45.72 -27.37 15.99
C ASN A 76 -45.75 -27.67 17.49
N THR A 77 -45.28 -28.88 17.85
CA THR A 77 -45.13 -29.25 19.25
C THR A 77 -44.07 -30.33 19.35
N VAL A 78 -43.12 -30.12 20.27
CA VAL A 78 -42.04 -31.07 20.51
C VAL A 78 -42.35 -31.84 21.79
N TYR A 79 -41.79 -33.05 21.89
CA TYR A 79 -42.09 -33.95 23.00
C TYR A 79 -40.82 -34.33 23.74
N LEU A 80 -40.97 -34.60 25.05
CA LEU A 80 -39.89 -35.06 25.89
C LEU A 80 -40.43 -36.16 26.83
N GLN A 81 -39.63 -37.20 27.02
CA GLN A 81 -40.02 -38.37 27.80
C GLN A 81 -38.91 -38.70 28.80
N MET A 82 -39.31 -39.05 30.02
CA MET A 82 -38.36 -39.49 31.04
C MET A 82 -38.37 -41.02 31.17
N ASN A 83 -37.19 -41.57 31.46
CA ASN A 83 -37.01 -42.97 31.81
C ASN A 83 -36.14 -43.04 33.07
N SER A 84 -36.56 -43.89 34.03
CA SER A 84 -35.87 -44.08 35.29
C SER A 84 -35.68 -42.75 36.02
N LEU A 85 -36.79 -42.14 36.41
CA LEU A 85 -36.79 -40.84 37.09
C LEU A 85 -36.05 -40.94 38.43
N ARG A 86 -35.21 -39.92 38.69
CA ARG A 86 -34.47 -39.82 39.92
C ARG A 86 -35.04 -38.68 40.76
N PRO A 87 -34.94 -38.75 42.11
CA PRO A 87 -35.35 -37.63 42.94
C PRO A 87 -34.60 -36.32 42.72
N GLU A 88 -33.38 -36.39 42.17
CA GLU A 88 -32.59 -35.20 41.90
C GLU A 88 -33.11 -34.39 40.71
N ASP A 89 -34.02 -34.97 39.92
CA ASP A 89 -34.52 -34.34 38.71
C ASP A 89 -35.71 -33.41 39.00
N THR A 90 -36.18 -33.37 40.25
CA THR A 90 -37.35 -32.58 40.60
C THR A 90 -37.05 -31.09 40.44
N ALA A 91 -37.62 -30.48 39.40
CA ALA A 91 -37.40 -29.08 39.08
C ALA A 91 -38.51 -28.60 38.17
N VAL A 92 -38.50 -27.30 37.87
CA VAL A 92 -39.43 -26.70 36.93
C VAL A 92 -38.74 -26.55 35.58
N TYR A 93 -39.36 -27.13 34.54
CA TYR A 93 -38.73 -27.23 33.24
C TYR A 93 -39.29 -26.15 32.31
N TYR A 94 -38.38 -25.40 31.68
CA TYR A 94 -38.74 -24.30 30.79
C TYR A 94 -38.33 -24.64 29.36
N CYS A 95 -39.28 -24.48 28.43
CA CYS A 95 -39.01 -24.66 27.01
C CYS A 95 -38.93 -23.30 26.36
N ASN A 96 -37.80 -23.03 25.69
CA ASN A 96 -37.52 -21.74 25.10
C ASN A 96 -37.20 -21.88 23.62
N ALA A 97 -37.16 -20.74 22.93
CA ALA A 97 -37.07 -20.69 21.47
C ALA A 97 -36.05 -19.64 21.03
N GLU A 98 -34.83 -19.73 21.55
CA GLU A 98 -33.77 -18.80 21.17
C GLU A 98 -33.43 -18.95 19.68
N SER A 99 -33.09 -17.82 19.05
CA SER A 99 -32.63 -17.79 17.68
C SER A 99 -31.11 -17.82 17.65
N ALA A 100 -30.54 -18.77 16.90
CA ALA A 100 -29.09 -18.92 16.84
C ALA A 100 -28.44 -17.90 15.91
N TYR A 101 -29.22 -17.20 15.09
CA TYR A 101 -28.66 -16.29 14.11
C TYR A 101 -29.02 -14.85 14.47
N SER A 102 -28.01 -13.98 14.51
CA SER A 102 -28.22 -12.55 14.71
C SER A 102 -28.90 -11.91 13.50
N ASP A 103 -28.73 -12.50 12.32
CA ASP A 103 -29.37 -11.96 11.12
C ASP A 103 -30.89 -12.17 11.13
N TYR A 104 -31.38 -13.09 11.97
CA TYR A 104 -32.81 -13.23 12.18
C TYR A 104 -33.24 -12.28 13.29
N ARG A 105 -34.22 -11.42 12.99
CA ARG A 105 -34.61 -10.35 13.89
C ARG A 105 -35.74 -10.74 14.84
N LEU A 106 -35.85 -12.01 15.21
CA LEU A 106 -36.88 -12.32 16.19
C LEU A 106 -36.23 -12.72 17.50
N PRO A 107 -36.80 -12.29 18.64
CA PRO A 107 -36.22 -12.64 19.93
C PRO A 107 -36.60 -14.01 20.47
N ASP A 108 -36.04 -14.36 21.62
CA ASP A 108 -36.39 -15.58 22.33
C ASP A 108 -37.68 -15.39 23.11
N TYR A 109 -38.51 -16.44 23.13
CA TYR A 109 -39.76 -16.43 23.86
C TYR A 109 -39.71 -17.42 25.01
N TRP A 110 -40.18 -16.99 26.19
CA TRP A 110 -40.12 -17.80 27.39
C TRP A 110 -41.49 -18.40 27.68
N GLY A 111 -41.51 -19.72 27.89
CA GLY A 111 -42.74 -20.40 28.25
C GLY A 111 -43.01 -20.32 29.75
N GLN A 112 -44.24 -20.68 30.11
CA GLN A 112 -44.65 -20.66 31.52
C GLN A 112 -43.99 -21.81 32.28
N GLY A 113 -43.79 -22.94 31.60
CA GLY A 113 -43.11 -24.08 32.20
C GLY A 113 -44.04 -24.92 33.07
N THR A 114 -43.49 -26.06 33.53
CA THR A 114 -44.21 -26.97 34.39
C THR A 114 -43.40 -27.26 35.65
N GLU B 98 -16.24 7.78 -21.67
CA GLU B 98 -15.39 6.95 -20.78
C GLU B 98 -16.18 6.50 -19.54
N TRP B 99 -17.50 6.35 -19.72
CA TRP B 99 -18.39 5.93 -18.66
C TRP B 99 -18.48 4.41 -18.60
N THR B 100 -19.42 3.92 -17.80
CA THR B 100 -19.67 2.49 -17.68
C THR B 100 -20.93 2.15 -18.47
N TYR B 101 -20.81 1.15 -19.36
CA TYR B 101 -21.94 0.67 -20.13
C TYR B 101 -21.93 -0.86 -20.08
N PRO B 102 -23.11 -1.51 -20.19
CA PRO B 102 -23.13 -2.97 -20.33
C PRO B 102 -22.53 -3.40 -21.67
N ARG B 103 -21.97 -4.61 -21.70
CA ARG B 103 -21.48 -5.21 -22.93
C ARG B 103 -21.84 -6.69 -22.96
N LEU B 104 -21.28 -7.43 -23.92
CA LEU B 104 -21.48 -8.88 -23.98
C LEU B 104 -20.45 -9.57 -23.10
N SER B 105 -20.85 -10.71 -22.56
CA SER B 105 -20.01 -11.51 -21.70
C SER B 105 -19.02 -12.32 -22.54
N CYS B 106 -17.85 -12.57 -21.95
CA CYS B 106 -16.84 -13.40 -22.58
C CYS B 106 -17.37 -14.83 -22.73
N PRO B 107 -16.98 -15.56 -23.79
CA PRO B 107 -17.43 -16.93 -23.96
C PRO B 107 -17.01 -17.85 -22.82
N GLY B 108 -17.86 -18.85 -22.57
CA GLY B 108 -17.60 -19.82 -21.53
C GLY B 108 -18.83 -20.70 -21.33
N SER B 109 -18.60 -21.80 -20.61
CA SER B 109 -19.65 -22.80 -20.39
C SER B 109 -19.90 -23.02 -18.91
N THR B 110 -18.81 -23.15 -18.11
CA THR B 110 -18.98 -23.51 -16.72
C THR B 110 -18.03 -22.71 -15.83
N PHE B 111 -18.48 -22.44 -14.60
CA PHE B 111 -17.69 -21.82 -13.56
C PHE B 111 -16.53 -22.70 -13.12
N GLN B 112 -15.42 -22.05 -12.76
CA GLN B 112 -14.23 -22.71 -12.23
C GLN B 112 -13.70 -21.88 -11.08
N LYS B 113 -13.11 -22.59 -10.11
CA LYS B 113 -12.55 -21.92 -8.93
C LYS B 113 -11.43 -21.00 -9.38
N ALA B 114 -11.35 -19.80 -8.78
CA ALA B 114 -10.38 -18.82 -9.24
C ALA B 114 -9.48 -18.32 -8.12
N LEU B 115 -10.02 -18.09 -6.94
CA LEU B 115 -9.28 -17.43 -5.89
C LEU B 115 -9.98 -17.66 -4.55
N LEU B 116 -9.24 -17.40 -3.46
CA LEU B 116 -9.82 -17.25 -2.14
C LEU B 116 -8.94 -16.35 -1.28
N ILE B 117 -9.60 -15.52 -0.43
CA ILE B 117 -8.91 -14.69 0.51
C ILE B 117 -9.29 -15.11 1.91
N SER B 118 -8.30 -15.63 2.68
CA SER B 118 -8.59 -16.20 4.00
C SER B 118 -7.72 -15.54 5.06
N PRO B 119 -8.12 -14.38 5.59
CA PRO B 119 -7.33 -13.72 6.62
C PRO B 119 -7.19 -14.51 7.92
N HIS B 120 -8.07 -15.49 8.15
CA HIS B 120 -8.00 -16.30 9.37
C HIS B 120 -6.70 -17.10 9.45
N ARG B 121 -6.19 -17.53 8.29
CA ARG B 121 -4.96 -18.31 8.24
C ARG B 121 -3.75 -17.47 8.67
N PHE B 122 -3.72 -16.20 8.23
CA PHE B 122 -2.62 -15.30 8.57
C PHE B 122 -3.09 -14.32 9.66
N ALA B 130 -1.75 -8.40 11.17
CA ALA B 130 -2.91 -8.22 12.09
C ALA B 130 -4.21 -8.16 11.29
N PRO B 131 -4.79 -9.33 10.97
CA PRO B 131 -6.05 -9.34 10.23
C PRO B 131 -7.18 -8.70 11.02
N LEU B 132 -8.10 -8.07 10.28
CA LEU B 132 -9.23 -7.40 10.91
C LEU B 132 -10.38 -8.38 11.11
N ILE B 133 -11.48 -7.87 11.68
CA ILE B 133 -12.73 -8.61 11.76
C ILE B 133 -13.68 -8.02 10.73
N ILE B 134 -14.03 -8.80 9.70
CA ILE B 134 -14.82 -8.29 8.59
C ILE B 134 -16.07 -9.16 8.41
N ARG B 135 -17.17 -8.52 7.99
CA ARG B 135 -18.40 -9.23 7.66
C ARG B 135 -19.11 -8.50 6.54
N GLU B 136 -20.01 -9.23 5.87
CA GLU B 136 -20.72 -8.81 4.66
C GLU B 136 -19.79 -8.27 3.59
N PRO B 137 -18.80 -9.06 3.12
CA PRO B 137 -17.90 -8.59 2.09
C PRO B 137 -18.52 -8.59 0.70
N PHE B 138 -18.22 -7.54 -0.07
CA PHE B 138 -18.74 -7.38 -1.42
C PHE B 138 -17.65 -6.70 -2.24
N VAL B 139 -17.67 -7.00 -3.54
CA VAL B 139 -16.62 -6.54 -4.43
C VAL B 139 -17.29 -5.96 -5.68
N ALA B 140 -16.83 -4.76 -6.06
CA ALA B 140 -17.21 -4.14 -7.31
C ALA B 140 -15.96 -3.78 -8.07
N CYS B 141 -15.98 -4.02 -9.40
CA CYS B 141 -14.82 -3.82 -10.22
C CYS B 141 -15.03 -2.63 -11.13
N GLY B 142 -14.04 -1.72 -11.12
CA GLY B 142 -14.03 -0.60 -12.04
C GLY B 142 -13.34 -0.98 -13.33
N PRO B 143 -13.04 0.01 -14.18
CA PRO B 143 -12.38 -0.27 -15.45
C PRO B 143 -10.96 -0.83 -15.28
N ASN B 144 -10.32 -0.58 -14.13
CA ASN B 144 -8.92 -0.94 -13.96
C ASN B 144 -8.62 -1.74 -12.70
N GLU B 145 -9.50 -1.77 -11.70
CA GLU B 145 -9.17 -2.42 -10.44
C GLU B 145 -10.45 -2.84 -9.74
N CYS B 146 -10.28 -3.77 -8.79
CA CYS B 146 -11.36 -4.25 -7.96
C CYS B 146 -10.95 -4.05 -6.51
N LYS B 147 -11.90 -3.60 -5.68
CA LYS B 147 -11.66 -3.47 -4.25
C LYS B 147 -12.52 -4.45 -3.46
N HIS B 148 -11.93 -5.08 -2.45
CA HIS B 148 -12.62 -6.01 -1.60
C HIS B 148 -13.16 -5.25 -0.39
N PHE B 149 -14.40 -4.76 -0.49
CA PHE B 149 -15.03 -3.99 0.58
C PHE B 149 -15.55 -4.89 1.69
N ALA B 150 -15.82 -4.30 2.83
CA ALA B 150 -16.18 -5.06 4.02
C ALA B 150 -16.64 -4.08 5.12
N LEU B 151 -16.98 -4.62 6.29
CA LEU B 151 -17.38 -3.84 7.45
C LEU B 151 -16.62 -4.36 8.66
N THR B 152 -15.95 -3.44 9.37
CA THR B 152 -15.13 -3.82 10.51
C THR B 152 -15.89 -3.61 11.80
N HIS B 153 -15.32 -4.11 12.89
CA HIS B 153 -15.89 -3.95 14.23
C HIS B 153 -14.94 -3.08 15.04
N ARG B 169 -25.90 -0.68 14.83
CA ARG B 169 -25.02 -1.49 15.72
C ARG B 169 -24.11 -0.56 16.53
N ASN B 170 -22.86 -1.00 16.73
CA ASN B 170 -21.89 -0.23 17.48
C ASN B 170 -21.32 0.91 16.65
N LYS B 171 -20.61 1.82 17.31
CA LYS B 171 -19.99 2.96 16.65
C LYS B 171 -18.65 2.60 15.98
N LEU B 172 -18.19 1.36 16.15
CA LEU B 172 -16.93 0.93 15.53
C LEU B 172 -17.16 0.38 14.11
N ARG B 173 -18.41 0.31 13.64
CA ARG B 173 -18.70 -0.26 12.34
C ARG B 173 -18.24 0.72 11.26
N HIS B 174 -17.11 0.40 10.61
CA HIS B 174 -16.58 1.22 9.54
C HIS B 174 -16.59 0.43 8.24
N LEU B 175 -16.61 1.18 7.14
CA LEU B 175 -16.51 0.63 5.80
C LEU B 175 -15.06 0.77 5.31
N ILE B 176 -14.44 -0.36 4.97
CA ILE B 176 -13.06 -0.38 4.53
C ILE B 176 -12.99 -0.90 3.09
N SER B 177 -11.77 -1.01 2.56
CA SER B 177 -11.58 -1.52 1.20
C SER B 177 -10.11 -1.82 1.00
N VAL B 178 -9.82 -3.04 0.54
CA VAL B 178 -8.48 -3.42 0.09
C VAL B 178 -8.57 -3.93 -1.33
N LYS B 179 -7.46 -3.81 -2.08
CA LYS B 179 -7.45 -4.28 -3.46
C LYS B 179 -7.68 -5.79 -3.50
N LEU B 180 -8.48 -6.25 -4.46
CA LEU B 180 -8.80 -7.66 -4.51
C LEU B 180 -7.52 -8.49 -4.75
N GLY B 181 -7.35 -9.56 -3.97
CA GLY B 181 -6.10 -10.31 -3.95
C GLY B 181 -5.27 -10.06 -2.69
N LYS B 182 -5.57 -8.98 -1.96
CA LYS B 182 -4.84 -8.62 -0.77
C LYS B 182 -5.70 -8.87 0.47
N ILE B 183 -5.10 -9.47 1.49
CA ILE B 183 -5.76 -9.68 2.77
C ILE B 183 -5.89 -8.36 3.50
N PRO B 184 -7.06 -8.05 4.09
CA PRO B 184 -7.27 -6.75 4.71
C PRO B 184 -6.51 -6.56 6.02
N THR B 185 -5.24 -6.15 5.92
CA THR B 185 -4.45 -5.84 7.09
C THR B 185 -4.81 -4.45 7.62
N VAL B 186 -4.17 -4.07 8.73
CA VAL B 186 -4.43 -2.77 9.34
C VAL B 186 -3.85 -1.63 8.49
N GLU B 187 -2.66 -1.85 7.94
CA GLU B 187 -2.00 -0.79 7.18
C GLU B 187 -2.45 -0.75 5.71
N ASN B 188 -3.04 -1.84 5.20
CA ASN B 188 -3.52 -1.87 3.84
C ASN B 188 -4.94 -1.35 3.70
N SER B 189 -5.71 -1.30 4.79
CA SER B 189 -7.11 -0.97 4.73
C SER B 189 -7.30 0.53 4.93
N ILE B 190 -8.02 1.15 3.99
CA ILE B 190 -8.38 2.56 4.08
C ILE B 190 -9.84 2.65 4.55
N PHE B 191 -10.08 3.42 5.58
CA PHE B 191 -11.43 3.61 6.09
C PHE B 191 -12.13 4.63 5.20
N HIS B 192 -13.46 4.49 5.14
CA HIS B 192 -14.24 5.37 4.30
C HIS B 192 -15.27 6.14 5.09
N MET B 193 -15.98 5.49 6.01
CA MET B 193 -17.17 6.05 6.62
C MET B 193 -17.51 5.16 7.80
N ALA B 194 -18.38 5.66 8.69
CA ALA B 194 -18.92 4.88 9.79
C ALA B 194 -20.34 4.47 9.42
N ALA B 195 -20.51 3.18 9.06
CA ALA B 195 -21.82 2.66 8.68
C ALA B 195 -21.91 1.19 9.00
N TRP B 196 -23.11 0.62 8.92
CA TRP B 196 -23.31 -0.81 9.11
C TRP B 196 -23.92 -1.51 7.89
N SER B 197 -24.04 -0.80 6.77
CA SER B 197 -24.65 -1.37 5.59
C SER B 197 -24.11 -0.63 4.38
N GLY B 198 -23.30 -1.32 3.58
CA GLY B 198 -22.45 -0.64 2.60
C GLY B 198 -22.83 -1.01 1.16
N SER B 199 -22.33 -0.21 0.24
CA SER B 199 -22.51 -0.38 -1.18
C SER B 199 -21.49 0.47 -1.94
N ALA B 200 -20.91 -0.08 -3.00
CA ALA B 200 -19.91 0.66 -3.74
C ALA B 200 -19.87 0.20 -5.18
N CYS B 201 -19.76 1.15 -6.11
CA CYS B 201 -19.55 0.82 -7.51
C CYS B 201 -18.91 2.00 -8.22
N HIS B 202 -18.80 1.89 -9.53
CA HIS B 202 -18.03 2.81 -10.35
C HIS B 202 -18.93 3.35 -11.47
N ASP B 203 -19.19 4.65 -11.43
CA ASP B 203 -20.04 5.26 -12.45
C ASP B 203 -19.29 5.50 -13.77
N GLY B 204 -17.97 5.30 -13.79
CA GLY B 204 -17.22 5.44 -15.02
C GLY B 204 -15.89 6.16 -14.86
N LYS B 205 -15.84 7.10 -13.90
CA LYS B 205 -14.64 7.90 -13.73
C LYS B 205 -14.04 7.76 -12.33
N GLU B 206 -14.87 7.78 -11.28
CA GLU B 206 -14.37 7.55 -9.93
C GLU B 206 -15.37 6.74 -9.12
N TRP B 207 -15.00 6.46 -7.88
CA TRP B 207 -15.74 5.58 -7.03
C TRP B 207 -16.91 6.26 -6.33
N THR B 208 -17.95 5.48 -6.06
CA THR B 208 -19.11 5.94 -5.30
C THR B 208 -19.35 4.97 -4.14
N TYR B 209 -19.74 5.49 -2.98
CA TYR B 209 -19.98 4.68 -1.81
C TYR B 209 -21.33 5.11 -1.18
N ILE B 210 -21.98 4.15 -0.50
CA ILE B 210 -23.22 4.36 0.23
C ILE B 210 -23.08 3.66 1.57
N GLY B 211 -23.58 4.29 2.63
CA GLY B 211 -23.60 3.68 3.94
C GLY B 211 -24.69 4.31 4.81
N VAL B 212 -25.12 3.59 5.82
CA VAL B 212 -26.19 4.03 6.71
C VAL B 212 -25.73 3.82 8.16
N ASP B 213 -25.95 4.82 9.02
CA ASP B 213 -25.76 4.64 10.46
C ASP B 213 -26.78 5.47 11.23
N GLY B 214 -26.53 5.64 12.52
CA GLY B 214 -27.37 6.45 13.37
C GLY B 214 -28.08 5.64 14.44
N PRO B 215 -29.13 6.19 15.05
CA PRO B 215 -30.02 5.41 15.89
C PRO B 215 -30.79 4.41 15.04
N ASP B 216 -31.30 3.38 15.71
CA ASP B 216 -31.97 2.28 15.04
C ASP B 216 -33.24 2.78 14.33
N ASN B 217 -34.08 3.52 15.06
CA ASN B 217 -35.36 3.94 14.54
C ASN B 217 -35.25 5.17 13.63
N ASN B 218 -34.14 5.91 13.69
CA ASN B 218 -33.98 7.14 12.95
C ASN B 218 -32.67 7.13 12.16
N ALA B 219 -32.48 6.08 11.39
CA ALA B 219 -31.23 5.90 10.66
C ALA B 219 -31.09 6.96 9.56
N LEU B 220 -29.85 7.07 9.08
CA LEU B 220 -29.50 8.07 8.08
C LEU B 220 -28.56 7.47 7.05
N LEU B 221 -28.94 7.59 5.77
CA LEU B 221 -28.13 7.15 4.64
C LEU B 221 -27.06 8.18 4.31
N LYS B 222 -25.92 7.73 3.78
CA LYS B 222 -24.83 8.61 3.40
C LYS B 222 -24.26 8.26 2.04
N VAL B 223 -23.68 9.25 1.37
CA VAL B 223 -23.04 9.13 0.08
C VAL B 223 -21.62 9.70 0.17
N LYS B 224 -20.65 8.94 -0.34
CA LYS B 224 -19.27 9.41 -0.43
C LYS B 224 -18.84 9.31 -1.88
N TYR B 225 -18.65 10.45 -2.53
CA TYR B 225 -18.37 10.51 -3.96
C TYR B 225 -17.05 11.21 -4.16
N GLY B 226 -16.15 10.58 -4.90
CA GLY B 226 -14.80 11.10 -5.07
C GLY B 226 -14.06 11.12 -3.74
N GLU B 227 -13.90 12.32 -3.16
CA GLU B 227 -13.30 12.43 -1.84
C GLU B 227 -14.16 13.22 -0.84
N ALA B 228 -15.17 13.92 -1.34
CA ALA B 228 -15.95 14.80 -0.49
C ALA B 228 -17.36 14.21 -0.35
N TYR B 229 -17.87 14.23 0.89
CA TYR B 229 -19.22 13.83 1.22
C TYR B 229 -20.22 14.80 0.60
N THR B 230 -21.31 14.24 0.06
CA THR B 230 -22.24 15.06 -0.69
C THR B 230 -23.63 15.10 -0.03
N ASP B 231 -24.30 13.95 0.13
CA ASP B 231 -25.74 13.98 0.41
C ASP B 231 -26.16 12.87 1.36
N THR B 232 -27.31 13.09 2.01
CA THR B 232 -27.89 12.14 2.95
C THR B 232 -29.38 12.06 2.71
N TYR B 233 -29.97 10.92 3.08
CA TYR B 233 -31.38 10.67 2.99
C TYR B 233 -31.90 10.07 4.30
N HIS B 234 -33.13 10.43 4.67
CA HIS B 234 -33.72 10.01 5.93
C HIS B 234 -34.63 8.79 5.74
N SER B 235 -35.10 8.27 6.88
CA SER B 235 -36.00 7.13 6.90
C SER B 235 -37.45 7.58 6.75
N TYR B 236 -38.31 6.65 6.33
CA TYR B 236 -39.72 6.96 6.11
C TYR B 236 -40.66 6.11 6.97
N ALA B 237 -40.40 4.81 7.08
CA ALA B 237 -41.23 3.94 7.93
C ALA B 237 -40.77 3.95 9.38
N ASN B 238 -39.62 4.58 9.67
CA ASN B 238 -39.20 4.93 11.02
C ASN B 238 -38.98 3.70 11.89
N ASN B 239 -38.55 2.57 11.29
CA ASN B 239 -38.18 1.42 12.08
C ASN B 239 -36.69 1.09 11.92
N ILE B 240 -36.29 0.68 10.70
CA ILE B 240 -34.89 0.42 10.37
C ILE B 240 -34.70 0.77 8.91
N LEU B 241 -33.66 1.56 8.61
CA LEU B 241 -33.32 1.88 7.23
C LEU B 241 -32.03 1.18 6.85
N ARG B 242 -32.07 0.45 5.72
CA ARG B 242 -30.94 -0.37 5.29
C ARG B 242 -30.94 -0.50 3.77
N THR B 243 -29.81 -0.98 3.23
CA THR B 243 -29.60 -1.08 1.79
C THR B 243 -29.19 -2.51 1.42
N GLN B 244 -28.64 -2.69 0.20
CA GLN B 244 -28.41 -4.00 -0.37
C GLN B 244 -27.45 -4.87 0.45
N GLU B 245 -26.52 -4.22 1.15
CA GLU B 245 -25.38 -4.92 1.76
C GLU B 245 -24.56 -5.68 0.70
N SER B 246 -24.44 -5.07 -0.48
CA SER B 246 -23.74 -5.65 -1.62
C SER B 246 -23.42 -4.52 -2.58
N ALA B 247 -22.97 -4.89 -3.76
CA ALA B 247 -22.55 -3.89 -4.73
C ALA B 247 -23.74 -3.19 -5.35
N CYS B 248 -23.43 -2.11 -6.07
CA CYS B 248 -24.43 -1.34 -6.81
C CYS B 248 -24.21 -1.38 -8.30
N ASN B 249 -25.26 -1.12 -9.05
CA ASN B 249 -25.28 -1.22 -10.49
C ASN B 249 -25.54 0.14 -11.10
N CYS B 250 -24.61 0.66 -11.90
CA CYS B 250 -24.73 2.01 -12.40
C CYS B 250 -24.63 2.00 -13.91
N ILE B 251 -25.63 2.60 -14.58
CA ILE B 251 -25.67 2.65 -16.04
C ILE B 251 -25.90 4.09 -16.50
N GLY B 252 -25.05 4.54 -17.43
CA GLY B 252 -25.25 5.81 -18.09
C GLY B 252 -25.14 6.99 -17.12
N GLY B 253 -24.27 6.86 -16.10
CA GLY B 253 -24.09 7.92 -15.14
C GLY B 253 -25.22 8.04 -14.12
N ASN B 254 -26.20 7.14 -14.15
CA ASN B 254 -27.30 7.12 -13.19
C ASN B 254 -27.23 5.81 -12.42
N CYS B 255 -26.77 5.89 -11.17
CA CYS B 255 -26.48 4.70 -10.36
C CYS B 255 -27.69 4.30 -9.55
N TYR B 256 -28.04 3.01 -9.57
CA TYR B 256 -29.30 2.50 -9.03
C TYR B 256 -29.07 1.66 -7.80
N LEU B 257 -29.78 1.97 -6.73
CA LEU B 257 -29.64 1.28 -5.44
C LEU B 257 -31.04 0.94 -4.96
N MET B 258 -31.11 0.14 -3.90
CA MET B 258 -32.36 -0.27 -3.29
C MET B 258 -32.26 -0.14 -1.77
N ILE B 259 -33.25 0.54 -1.17
CA ILE B 259 -33.32 0.70 0.27
C ILE B 259 -34.72 0.32 0.72
N THR B 260 -34.82 -0.13 1.99
CA THR B 260 -36.09 -0.52 2.55
C THR B 260 -36.22 0.03 3.96
N ASP B 261 -37.47 0.17 4.41
CA ASP B 261 -37.76 0.62 5.76
C ASP B 261 -39.02 -0.08 6.26
N GLY B 262 -38.92 -0.62 7.47
CA GLY B 262 -40.03 -1.35 8.06
C GLY B 262 -39.52 -2.36 9.07
N SER B 263 -40.33 -3.40 9.30
CA SER B 263 -40.06 -4.42 10.29
C SER B 263 -39.77 -5.75 9.60
N ALA B 264 -38.98 -6.59 10.28
CA ALA B 264 -38.70 -7.94 9.80
C ALA B 264 -39.97 -8.80 9.84
N SER B 265 -40.74 -8.68 10.93
CA SER B 265 -41.94 -9.47 11.13
C SER B 265 -43.20 -8.76 10.63
N GLY B 266 -43.04 -7.58 10.01
CA GLY B 266 -44.18 -6.85 9.50
C GLY B 266 -44.06 -6.60 7.99
N VAL B 267 -44.15 -5.33 7.61
CA VAL B 267 -44.03 -4.91 6.23
C VAL B 267 -42.81 -4.02 6.10
N SER B 268 -41.94 -4.36 5.14
CA SER B 268 -40.73 -3.61 4.86
C SER B 268 -40.69 -3.29 3.38
N GLU B 269 -41.37 -2.21 2.99
CA GLU B 269 -41.49 -1.85 1.58
C GLU B 269 -40.15 -1.28 1.11
N CYS B 270 -39.83 -1.54 -0.15
CA CYS B 270 -38.52 -1.20 -0.71
C CYS B 270 -38.66 -0.06 -1.72
N ARG B 271 -37.57 0.71 -1.85
CA ARG B 271 -37.53 1.81 -2.80
C ARG B 271 -36.23 1.72 -3.61
N PHE B 272 -36.30 2.19 -4.86
CA PHE B 272 -35.13 2.33 -5.71
C PHE B 272 -34.63 3.76 -5.70
N LEU B 273 -33.31 3.93 -5.71
CA LEU B 273 -32.66 5.24 -5.72
C LEU B 273 -31.92 5.49 -7.02
N LYS B 274 -31.96 6.72 -7.51
CA LYS B 274 -31.29 7.12 -8.73
C LYS B 274 -30.33 8.27 -8.38
N ILE B 275 -29.04 7.94 -8.30
CA ILE B 275 -28.01 8.90 -7.91
C ILE B 275 -27.07 9.15 -9.08
N ARG B 276 -26.69 10.39 -9.29
CA ARG B 276 -25.78 10.78 -10.36
C ARG B 276 -24.83 11.84 -9.83
N GLU B 277 -23.52 11.59 -9.97
CA GLU B 277 -22.46 12.46 -9.44
C GLU B 277 -22.68 12.71 -7.94
N GLY B 278 -23.04 11.64 -7.22
CA GLY B 278 -23.21 11.73 -5.79
C GLY B 278 -24.48 12.44 -5.32
N ARG B 279 -25.43 12.74 -6.21
CA ARG B 279 -26.64 13.47 -5.84
C ARG B 279 -27.87 12.63 -6.18
N ILE B 280 -28.82 12.56 -5.24
CA ILE B 280 -30.06 11.81 -5.42
C ILE B 280 -30.97 12.59 -6.37
N ILE B 281 -31.46 11.89 -7.40
CA ILE B 281 -32.33 12.50 -8.40
C ILE B 281 -33.78 12.05 -8.24
N LYS B 282 -34.05 10.75 -8.35
CA LYS B 282 -35.41 10.25 -8.37
C LYS B 282 -35.54 9.03 -7.45
N GLU B 283 -36.76 8.80 -6.97
CA GLU B 283 -37.10 7.61 -6.23
C GLU B 283 -38.16 6.82 -6.99
N ILE B 284 -38.04 5.49 -6.94
CA ILE B 284 -38.93 4.60 -7.67
C ILE B 284 -39.75 3.78 -6.68
N PHE B 285 -41.07 3.77 -6.89
CA PHE B 285 -41.98 3.00 -6.06
C PHE B 285 -42.46 1.77 -6.82
N PRO B 286 -42.11 0.55 -6.36
CA PRO B 286 -42.57 -0.66 -7.04
C PRO B 286 -44.08 -0.87 -6.93
N THR B 287 -44.61 -1.62 -7.89
CA THR B 287 -46.03 -1.94 -7.96
C THR B 287 -46.23 -3.45 -7.86
N GLY B 288 -47.28 -3.86 -7.15
CA GLY B 288 -47.62 -5.26 -7.02
C GLY B 288 -47.44 -5.75 -5.59
N ARG B 289 -47.08 -7.04 -5.45
CA ARG B 289 -46.85 -7.63 -4.14
C ARG B 289 -45.55 -7.08 -3.60
N VAL B 290 -45.66 -6.05 -2.74
CA VAL B 290 -44.49 -5.32 -2.30
C VAL B 290 -44.34 -5.36 -0.78
N LYS B 291 -44.91 -6.37 -0.15
CA LYS B 291 -45.04 -6.36 1.31
C LYS B 291 -43.75 -6.76 2.03
N HIS B 292 -42.73 -7.23 1.32
CA HIS B 292 -41.45 -7.56 1.97
C HIS B 292 -40.38 -7.68 0.89
N THR B 293 -39.29 -6.91 1.04
CA THR B 293 -38.13 -7.01 0.18
C THR B 293 -36.92 -6.42 0.91
N GLU B 294 -35.78 -7.10 0.87
CA GLU B 294 -34.57 -6.64 1.55
C GLU B 294 -33.37 -7.44 1.07
N GLU B 295 -32.19 -6.88 1.21
CA GLU B 295 -30.92 -7.60 1.15
C GLU B 295 -30.74 -8.33 -0.16
N CYS B 296 -30.54 -7.61 -1.27
CA CYS B 296 -30.48 -8.32 -2.54
C CYS B 296 -29.58 -7.80 -3.63
N THR B 297 -28.85 -8.73 -4.27
CA THR B 297 -28.01 -8.43 -5.39
C THR B 297 -28.79 -8.24 -6.67
N CYS B 298 -28.18 -7.52 -7.62
CA CYS B 298 -28.80 -7.16 -8.89
C CYS B 298 -27.75 -7.19 -9.99
N GLY B 299 -28.21 -7.29 -11.22
CA GLY B 299 -27.33 -7.32 -12.38
C GLY B 299 -28.07 -6.87 -13.63
N PHE B 300 -27.30 -6.36 -14.60
CA PHE B 300 -27.83 -5.92 -15.88
C PHE B 300 -28.16 -7.12 -16.75
N ALA B 301 -29.44 -7.48 -16.77
CA ALA B 301 -29.90 -8.50 -17.71
C ALA B 301 -29.73 -8.02 -19.15
N SER B 302 -30.02 -6.73 -19.39
CA SER B 302 -29.88 -6.14 -20.71
C SER B 302 -29.73 -4.63 -20.54
N ASN B 303 -29.68 -3.92 -21.67
CA ASN B 303 -29.60 -2.47 -21.65
C ASN B 303 -30.93 -1.86 -21.18
N LYS B 304 -32.05 -2.52 -21.50
CA LYS B 304 -33.37 -1.95 -21.27
C LYS B 304 -34.00 -2.42 -19.96
N THR B 305 -33.72 -3.67 -19.54
CA THR B 305 -34.33 -4.22 -18.34
C THR B 305 -33.25 -4.70 -17.38
N ILE B 306 -33.37 -4.30 -16.12
CA ILE B 306 -32.41 -4.63 -15.08
C ILE B 306 -33.16 -5.41 -14.02
N GLU B 307 -32.56 -6.48 -13.53
CA GLU B 307 -33.26 -7.40 -12.66
C GLU B 307 -32.65 -7.29 -11.24
N CYS B 308 -33.34 -7.94 -10.32
CA CYS B 308 -32.80 -8.23 -9.03
C CYS B 308 -33.37 -9.57 -8.56
N ALA B 309 -32.77 -10.09 -7.46
CA ALA B 309 -33.23 -11.29 -6.82
C ALA B 309 -33.12 -11.15 -5.32
N CYS B 310 -34.27 -11.12 -4.61
CA CYS B 310 -34.30 -10.61 -3.24
C CYS B 310 -34.73 -11.68 -2.25
N ARG B 311 -34.89 -11.26 -0.99
CA ARG B 311 -35.11 -12.19 0.10
C ARG B 311 -36.39 -11.86 0.86
N ASP B 312 -37.24 -12.86 1.11
CA ASP B 312 -38.43 -12.70 1.92
C ASP B 312 -38.20 -13.40 3.25
N ASN B 313 -38.28 -12.64 4.35
CA ASN B 313 -37.92 -13.14 5.67
C ASN B 313 -39.08 -13.90 6.30
N ARG B 314 -40.30 -13.34 6.26
CA ARG B 314 -41.40 -13.89 7.04
C ARG B 314 -42.46 -14.60 6.20
N TYR B 315 -42.88 -13.99 5.09
CA TYR B 315 -44.05 -14.50 4.38
C TYR B 315 -43.71 -15.73 3.56
N THR B 316 -42.75 -15.60 2.63
CA THR B 316 -42.53 -16.62 1.62
C THR B 316 -41.10 -17.14 1.70
N ALA B 317 -40.96 -18.44 1.42
CA ALA B 317 -39.66 -19.09 1.33
C ALA B 317 -39.08 -19.04 -0.09
N LYS B 318 -39.46 -18.03 -0.88
CA LYS B 318 -38.97 -17.86 -2.24
C LYS B 318 -38.22 -16.53 -2.36
N ARG B 319 -37.82 -16.19 -3.59
CA ARG B 319 -37.10 -14.95 -3.84
C ARG B 319 -37.96 -13.99 -4.65
N PRO B 320 -38.31 -12.82 -4.10
CA PRO B 320 -39.04 -11.83 -4.88
C PRO B 320 -38.19 -11.27 -6.01
N PHE B 321 -38.71 -11.39 -7.25
CA PHE B 321 -37.96 -11.01 -8.43
C PHE B 321 -38.40 -9.62 -8.88
N VAL B 322 -37.44 -8.70 -8.94
CA VAL B 322 -37.73 -7.31 -9.25
C VAL B 322 -37.24 -7.01 -10.65
N LYS B 323 -38.08 -6.34 -11.43
CA LYS B 323 -37.70 -5.87 -12.76
C LYS B 323 -37.64 -4.35 -12.78
N LEU B 324 -36.48 -3.82 -13.16
CA LEU B 324 -36.26 -2.40 -13.31
C LEU B 324 -36.09 -2.06 -14.80
N ASN B 325 -36.78 -1.01 -15.22
CA ASN B 325 -36.59 -0.43 -16.55
C ASN B 325 -35.96 0.93 -16.38
N VAL B 326 -34.75 1.11 -16.94
CA VAL B 326 -34.04 2.37 -16.79
C VAL B 326 -34.72 3.48 -17.60
N GLU B 327 -35.41 3.14 -18.69
CA GLU B 327 -36.02 4.14 -19.55
C GLU B 327 -37.27 4.75 -18.91
N THR B 328 -38.09 3.93 -18.26
CA THR B 328 -39.37 4.39 -17.71
C THR B 328 -39.33 4.54 -16.18
N ASP B 329 -38.31 3.99 -15.51
CA ASP B 329 -38.17 4.10 -14.06
C ASP B 329 -39.38 3.54 -13.31
N THR B 330 -39.75 2.30 -13.67
CA THR B 330 -40.83 1.58 -13.01
C THR B 330 -40.32 0.24 -12.50
N ALA B 331 -40.88 -0.20 -11.38
CA ALA B 331 -40.50 -1.45 -10.75
C ALA B 331 -41.74 -2.32 -10.54
N GLU B 332 -41.60 -3.62 -10.81
CA GLU B 332 -42.63 -4.60 -10.49
C GLU B 332 -41.99 -5.79 -9.78
N ILE B 333 -42.61 -6.22 -8.68
CA ILE B 333 -42.09 -7.30 -7.87
C ILE B 333 -43.06 -8.47 -7.92
N ARG B 334 -42.54 -9.62 -8.41
CA ARG B 334 -43.29 -10.86 -8.44
C ARG B 334 -42.40 -11.97 -7.93
N LEU B 335 -43.02 -12.98 -7.32
CA LEU B 335 -42.29 -14.11 -6.77
C LEU B 335 -41.97 -15.10 -7.89
N MET B 336 -40.84 -15.77 -7.75
CA MET B 336 -40.42 -16.75 -8.74
C MET B 336 -41.26 -18.01 -8.68
N CYS B 337 -41.71 -18.48 -9.84
CA CYS B 337 -42.65 -19.58 -9.94
C CYS B 337 -41.95 -20.94 -10.04
N THR B 338 -40.63 -20.98 -10.12
CA THR B 338 -39.92 -22.24 -10.27
C THR B 338 -40.01 -23.07 -8.99
N ASP B 339 -39.80 -24.38 -9.16
CA ASP B 339 -39.98 -25.32 -8.06
C ASP B 339 -38.83 -25.26 -7.06
N THR B 340 -37.63 -24.87 -7.52
CA THR B 340 -36.46 -24.84 -6.64
C THR B 340 -36.54 -23.58 -5.76
N TYR B 341 -37.00 -23.75 -4.52
CA TYR B 341 -37.10 -22.63 -3.61
C TYR B 341 -35.70 -22.30 -3.08
N LEU B 342 -35.12 -21.19 -3.59
CA LEU B 342 -33.72 -20.93 -3.32
C LEU B 342 -33.44 -20.42 -1.91
N ASP B 343 -34.48 -19.96 -1.19
CA ASP B 343 -34.29 -19.39 0.13
C ASP B 343 -33.94 -20.49 1.14
N THR B 344 -33.51 -20.05 2.32
CA THR B 344 -33.19 -20.96 3.41
C THR B 344 -33.71 -20.32 4.70
N PRO B 345 -34.52 -21.01 5.51
CA PRO B 345 -34.98 -22.40 5.33
C PRO B 345 -36.07 -22.55 4.29
N ARG B 346 -36.21 -23.78 3.80
CA ARG B 346 -37.13 -24.07 2.71
C ARG B 346 -37.84 -25.38 3.02
N PRO B 347 -39.03 -25.59 2.41
CA PRO B 347 -39.63 -26.92 2.39
C PRO B 347 -39.04 -27.76 1.26
N ASN B 348 -39.62 -28.95 1.04
CA ASN B 348 -39.25 -29.77 -0.09
C ASN B 348 -39.63 -29.06 -1.39
N ASP B 349 -38.83 -29.27 -2.43
CA ASP B 349 -39.05 -28.62 -3.71
C ASP B 349 -40.33 -29.12 -4.35
N GLY B 350 -41.14 -28.20 -4.86
CA GLY B 350 -42.38 -28.54 -5.51
C GLY B 350 -43.48 -28.98 -4.55
N SER B 351 -43.40 -28.54 -3.28
CA SER B 351 -44.40 -28.90 -2.27
C SER B 351 -45.45 -27.80 -2.07
N ILE B 352 -45.32 -26.66 -2.77
CA ILE B 352 -46.26 -25.56 -2.63
C ILE B 352 -47.16 -25.57 -3.86
N THR B 353 -48.44 -25.88 -3.66
CA THR B 353 -49.39 -25.99 -4.76
C THR B 353 -50.07 -24.64 -4.99
N GLY B 354 -50.90 -24.61 -6.03
CA GLY B 354 -51.65 -23.42 -6.40
C GLY B 354 -50.87 -22.54 -7.36
N PRO B 355 -51.18 -21.22 -7.40
CA PRO B 355 -50.47 -20.33 -8.29
C PRO B 355 -49.05 -20.02 -7.82
N CYS B 356 -48.35 -19.17 -8.57
CA CYS B 356 -46.97 -18.84 -8.26
C CYS B 356 -46.86 -17.99 -6.99
N GLU B 357 -47.87 -17.14 -6.74
CA GLU B 357 -47.78 -16.16 -5.66
C GLU B 357 -48.18 -16.75 -4.31
N SER B 358 -48.49 -18.06 -4.25
CA SER B 358 -48.79 -18.71 -2.98
C SER B 358 -47.52 -18.76 -2.12
N ASP B 359 -47.61 -18.22 -0.91
CA ASP B 359 -46.45 -18.12 -0.05
C ASP B 359 -45.99 -19.50 0.43
N GLY B 360 -46.95 -20.38 0.73
CA GLY B 360 -46.64 -21.69 1.24
C GLY B 360 -46.27 -21.64 2.73
N ASP B 361 -45.85 -22.80 3.23
CA ASP B 361 -45.51 -22.95 4.64
C ASP B 361 -44.00 -22.81 4.83
N LYS B 362 -43.59 -22.64 6.09
CA LYS B 362 -42.20 -22.49 6.48
C LYS B 362 -41.53 -21.32 5.74
N GLY B 363 -42.27 -20.22 5.62
CA GLY B 363 -41.75 -19.02 4.98
C GLY B 363 -40.94 -18.12 5.91
N SER B 364 -40.90 -18.48 7.20
CA SER B 364 -40.13 -17.70 8.18
C SER B 364 -38.63 -17.91 7.94
N GLY B 365 -37.85 -16.84 8.16
CA GLY B 365 -36.42 -16.89 7.94
C GLY B 365 -36.07 -16.61 6.48
N GLY B 366 -34.80 -16.33 6.25
CA GLY B 366 -34.32 -16.05 4.91
C GLY B 366 -32.81 -15.80 4.93
N ILE B 367 -32.25 -15.71 3.72
CA ILE B 367 -30.84 -15.44 3.53
C ILE B 367 -30.65 -14.90 2.12
N LYS B 368 -29.64 -14.02 1.96
CA LYS B 368 -29.25 -13.53 0.65
C LYS B 368 -28.67 -14.69 -0.16
N GLY B 369 -28.97 -14.65 -1.46
CA GLY B 369 -28.54 -15.69 -2.38
C GLY B 369 -27.77 -15.06 -3.54
N GLY B 370 -26.81 -15.81 -4.07
CA GLY B 370 -26.08 -15.34 -5.22
C GLY B 370 -26.99 -15.33 -6.46
N PHE B 371 -26.62 -14.46 -7.40
CA PHE B 371 -27.36 -14.31 -8.64
C PHE B 371 -26.49 -13.53 -9.62
N VAL B 372 -26.23 -14.10 -10.80
CA VAL B 372 -25.44 -13.40 -11.80
C VAL B 372 -25.89 -13.82 -13.19
N HIS B 373 -25.80 -12.87 -14.14
CA HIS B 373 -26.27 -13.04 -15.50
C HIS B 373 -25.24 -13.78 -16.37
N GLN B 374 -25.58 -14.00 -17.63
CA GLN B 374 -24.67 -14.51 -18.64
C GLN B 374 -25.15 -13.98 -20.00
N ARG B 375 -24.52 -12.90 -20.47
CA ARG B 375 -25.01 -12.15 -21.62
C ARG B 375 -24.42 -12.72 -22.92
N MET B 376 -25.30 -13.21 -23.80
CA MET B 376 -24.92 -13.66 -25.13
C MET B 376 -25.56 -12.75 -26.18
N LYS B 377 -25.32 -13.09 -27.45
CA LYS B 377 -25.75 -12.26 -28.56
C LYS B 377 -27.28 -12.19 -28.65
N SER B 378 -27.95 -13.34 -28.50
CA SER B 378 -29.39 -13.40 -28.68
C SER B 378 -30.08 -14.24 -27.61
N LYS B 379 -29.43 -14.47 -26.46
CA LYS B 379 -30.00 -15.30 -25.42
C LYS B 379 -29.42 -14.90 -24.08
N ILE B 380 -30.25 -14.97 -23.02
CA ILE B 380 -29.84 -14.64 -21.67
C ILE B 380 -29.99 -15.89 -20.81
N GLY B 381 -28.88 -16.26 -20.17
CA GLY B 381 -28.88 -17.36 -19.22
C GLY B 381 -28.76 -16.81 -17.80
N ARG B 382 -29.31 -17.56 -16.84
CA ARG B 382 -29.30 -17.14 -15.45
C ARG B 382 -28.66 -18.21 -14.55
N TRP B 383 -27.73 -17.80 -13.74
CA TRP B 383 -27.15 -18.61 -12.72
C TRP B 383 -27.85 -18.25 -11.41
N TYR B 384 -28.01 -19.25 -10.55
CA TYR B 384 -28.45 -19.06 -9.17
C TYR B 384 -27.50 -19.77 -8.22
N SER B 385 -27.84 -19.76 -6.95
CA SER B 385 -27.23 -20.58 -5.94
C SER B 385 -28.17 -20.74 -4.76
N ARG B 386 -27.86 -21.65 -3.87
CA ARG B 386 -28.58 -21.80 -2.63
C ARG B 386 -27.74 -22.69 -1.69
N THR B 387 -28.30 -22.93 -0.51
CA THR B 387 -27.69 -23.83 0.44
C THR B 387 -28.12 -25.27 0.11
N MET B 388 -27.15 -26.17 0.20
CA MET B 388 -27.39 -27.59 0.03
C MET B 388 -28.31 -28.13 1.12
N SER B 389 -28.09 -27.71 2.36
CA SER B 389 -28.97 -28.09 3.46
C SER B 389 -30.30 -27.37 3.33
N LYS B 390 -31.37 -28.03 3.80
CA LYS B 390 -32.71 -27.50 3.72
C LYS B 390 -32.95 -26.41 4.76
N THR B 391 -32.37 -26.55 5.95
CA THR B 391 -32.73 -25.69 7.08
C THR B 391 -31.57 -24.80 7.51
N GLU B 392 -30.42 -25.40 7.86
CA GLU B 392 -29.26 -24.64 8.29
C GLU B 392 -28.37 -24.29 7.09
N ARG B 393 -27.40 -23.41 7.34
CA ARG B 393 -26.54 -22.93 6.27
C ARG B 393 -25.18 -23.62 6.33
N MET B 394 -25.16 -24.83 5.76
CA MET B 394 -23.93 -25.60 5.66
C MET B 394 -23.76 -26.04 4.20
N GLY B 395 -22.93 -25.30 3.47
CA GLY B 395 -22.56 -25.72 2.11
C GLY B 395 -23.34 -24.95 1.05
N MET B 396 -22.68 -24.69 -0.07
CA MET B 396 -23.27 -24.00 -1.20
C MET B 396 -23.42 -24.96 -2.36
N GLY B 397 -24.33 -24.63 -3.28
CA GLY B 397 -24.49 -25.36 -4.53
C GLY B 397 -25.01 -24.42 -5.58
N LEU B 398 -24.72 -24.69 -6.85
CA LEU B 398 -25.04 -23.80 -7.96
C LEU B 398 -26.10 -24.49 -8.84
N TYR B 399 -27.10 -23.74 -9.24
CA TYR B 399 -28.21 -24.28 -10.04
C TYR B 399 -28.56 -23.26 -11.12
N VAL B 400 -28.79 -23.73 -12.35
CA VAL B 400 -28.83 -22.85 -13.52
C VAL B 400 -30.18 -22.99 -14.22
N LYS B 401 -30.55 -21.97 -14.99
CA LYS B 401 -31.69 -22.00 -15.88
C LYS B 401 -31.37 -21.15 -17.10
N TYR B 402 -31.77 -21.64 -18.28
CA TYR B 402 -31.52 -20.96 -19.55
C TYR B 402 -32.82 -20.34 -20.07
N GLY B 403 -32.84 -19.00 -20.09
CA GLY B 403 -33.91 -18.25 -20.70
C GLY B 403 -35.24 -18.39 -19.96
N GLY B 404 -36.32 -18.14 -20.71
CA GLY B 404 -37.67 -18.28 -20.21
C GLY B 404 -38.12 -17.09 -19.38
N ASP B 405 -39.37 -17.15 -18.92
CA ASP B 405 -39.95 -16.13 -18.08
C ASP B 405 -39.87 -16.57 -16.63
N PRO B 406 -39.12 -15.85 -15.77
CA PRO B 406 -39.07 -16.22 -14.34
C PRO B 406 -40.42 -16.17 -13.64
N TRP B 407 -41.32 -15.29 -14.10
CA TRP B 407 -42.60 -15.08 -13.44
C TRP B 407 -43.65 -16.11 -13.88
N ALA B 408 -43.35 -16.94 -14.89
CA ALA B 408 -44.34 -17.85 -15.45
C ALA B 408 -43.87 -19.30 -15.56
N ASP B 409 -42.56 -19.57 -15.50
CA ASP B 409 -42.03 -20.90 -15.73
C ASP B 409 -41.79 -21.59 -14.39
N SER B 410 -42.42 -22.76 -14.21
CA SER B 410 -42.32 -23.52 -12.96
C SER B 410 -41.36 -24.70 -13.10
N ASP B 411 -40.63 -24.79 -14.22
CA ASP B 411 -39.69 -25.89 -14.42
C ASP B 411 -38.52 -25.76 -13.45
N ALA B 412 -37.97 -26.91 -13.05
CA ALA B 412 -36.88 -26.94 -12.08
C ALA B 412 -35.60 -26.40 -12.72
N LEU B 413 -34.74 -25.85 -11.86
CA LEU B 413 -33.43 -25.41 -12.29
C LEU B 413 -32.53 -26.61 -12.55
N THR B 414 -31.71 -26.52 -13.59
CA THR B 414 -30.75 -27.55 -13.94
C THR B 414 -29.58 -27.52 -12.98
N PHE B 415 -29.32 -28.63 -12.29
CA PHE B 415 -28.18 -28.72 -11.40
C PHE B 415 -26.89 -28.63 -12.21
N SER B 416 -25.95 -27.80 -11.73
CA SER B 416 -24.71 -27.58 -12.48
C SER B 416 -23.49 -27.52 -11.57
N GLY B 417 -23.48 -28.28 -10.47
CA GLY B 417 -22.26 -28.46 -9.71
C GLY B 417 -22.42 -28.35 -8.21
N VAL B 418 -21.37 -28.76 -7.50
CA VAL B 418 -21.26 -28.57 -6.07
C VAL B 418 -20.27 -27.45 -5.81
N MET B 419 -20.77 -26.39 -5.17
CA MET B 419 -20.01 -25.16 -5.02
C MET B 419 -19.06 -25.28 -3.84
N VAL B 420 -19.60 -25.59 -2.66
CA VAL B 420 -18.82 -25.79 -1.47
C VAL B 420 -19.31 -27.08 -0.81
N SER B 421 -18.39 -27.90 -0.32
CA SER B 421 -18.74 -29.15 0.32
C SER B 421 -19.45 -28.90 1.65
N MET B 422 -20.19 -29.90 2.10
CA MET B 422 -21.12 -29.76 3.23
C MET B 422 -20.38 -29.61 4.56
N LYS B 423 -19.07 -29.84 4.60
CA LYS B 423 -18.31 -29.70 5.84
C LYS B 423 -17.82 -28.27 6.07
N GLU B 424 -18.14 -27.34 5.16
CA GLU B 424 -17.76 -25.96 5.30
C GLU B 424 -19.01 -25.08 5.24
N PRO B 425 -19.03 -23.95 5.97
CA PRO B 425 -20.24 -23.14 6.05
C PRO B 425 -20.39 -22.17 4.89
N GLY B 426 -21.58 -22.14 4.32
CA GLY B 426 -21.85 -21.20 3.24
C GLY B 426 -22.82 -20.09 3.69
N TRP B 427 -22.24 -18.92 3.99
CA TRP B 427 -23.01 -17.79 4.48
C TRP B 427 -23.39 -16.88 3.32
N TYR B 428 -23.57 -15.60 3.60
CA TYR B 428 -23.92 -14.60 2.63
C TYR B 428 -23.12 -14.72 1.34
N SER B 429 -23.79 -14.70 0.19
CA SER B 429 -23.15 -14.77 -1.10
C SER B 429 -23.52 -13.53 -1.91
N PHE B 430 -22.73 -13.24 -2.90
CA PHE B 430 -22.94 -12.08 -3.73
C PHE B 430 -22.72 -12.41 -5.22
N GLY B 431 -23.19 -11.53 -6.09
CA GLY B 431 -22.92 -11.68 -7.50
C GLY B 431 -22.39 -10.39 -8.10
N PHE B 432 -21.35 -10.52 -8.95
CA PHE B 432 -20.69 -9.35 -9.48
C PHE B 432 -20.00 -9.68 -10.79
N GLU B 433 -19.39 -8.64 -11.39
CA GLU B 433 -18.72 -8.75 -12.68
C GLU B 433 -17.36 -8.08 -12.64
N ILE B 434 -16.41 -8.65 -13.39
CA ILE B 434 -15.07 -8.08 -13.53
C ILE B 434 -14.96 -7.63 -14.99
N LYS B 435 -14.48 -6.41 -15.21
CA LYS B 435 -14.42 -5.83 -16.54
C LYS B 435 -13.15 -6.30 -17.27
N ASP B 436 -13.34 -6.89 -18.45
CA ASP B 436 -12.24 -7.24 -19.34
C ASP B 436 -12.09 -6.16 -20.41
N LYS B 437 -11.08 -6.31 -21.28
CA LYS B 437 -10.80 -5.34 -22.32
C LYS B 437 -11.95 -5.25 -23.33
N LYS B 438 -12.50 -6.40 -23.76
CA LYS B 438 -13.49 -6.42 -24.82
C LYS B 438 -14.81 -7.06 -24.40
N CYS B 439 -14.86 -7.67 -23.20
CA CYS B 439 -16.07 -8.32 -22.73
C CYS B 439 -16.10 -8.23 -21.20
N ASP B 440 -17.00 -9.02 -20.59
CA ASP B 440 -17.12 -9.10 -19.14
C ASP B 440 -17.16 -10.56 -18.72
N VAL B 441 -16.72 -10.82 -17.49
CA VAL B 441 -16.78 -12.15 -16.91
C VAL B 441 -17.74 -12.14 -15.73
N PRO B 442 -18.83 -12.95 -15.78
CA PRO B 442 -19.68 -13.18 -14.62
C PRO B 442 -19.07 -14.10 -13.57
N CYS B 443 -18.69 -13.53 -12.42
CA CYS B 443 -18.10 -14.24 -11.33
C CYS B 443 -19.00 -14.20 -10.12
N ILE B 444 -19.05 -15.31 -9.37
CA ILE B 444 -19.88 -15.39 -8.16
C ILE B 444 -18.98 -15.74 -7.00
N GLY B 445 -19.29 -15.14 -5.84
CA GLY B 445 -18.44 -15.34 -4.67
C GLY B 445 -19.26 -15.77 -3.49
N ILE B 446 -18.60 -16.33 -2.48
CA ILE B 446 -19.28 -16.77 -1.26
C ILE B 446 -18.42 -16.33 -0.07
N GLU B 447 -19.07 -15.86 0.98
CA GLU B 447 -18.44 -15.64 2.27
C GLU B 447 -18.51 -16.93 3.13
N MET B 448 -17.41 -17.20 3.84
CA MET B 448 -17.37 -18.26 4.81
C MET B 448 -16.96 -17.68 6.16
N VAL B 449 -17.61 -18.11 7.23
CA VAL B 449 -17.29 -17.65 8.57
C VAL B 449 -16.71 -18.81 9.39
N HIS B 450 -16.34 -18.55 10.64
CA HIS B 450 -15.87 -19.59 11.53
C HIS B 450 -16.37 -19.33 12.96
N HIS B 458 -15.19 -14.51 14.85
CA HIS B 458 -16.21 -14.38 13.76
C HIS B 458 -15.69 -13.47 12.64
N SER B 459 -14.50 -13.78 12.13
CA SER B 459 -13.93 -13.14 10.97
C SER B 459 -14.21 -14.00 9.74
N ALA B 460 -14.31 -13.35 8.58
CA ALA B 460 -14.82 -13.98 7.38
C ALA B 460 -13.71 -14.16 6.36
N ALA B 461 -13.81 -15.26 5.60
CA ALA B 461 -13.07 -15.43 4.35
C ALA B 461 -14.00 -15.28 3.16
N THR B 462 -13.41 -15.25 1.97
CA THR B 462 -14.16 -15.21 0.69
C THR B 462 -13.56 -16.19 -0.32
N ALA B 463 -14.44 -16.83 -1.09
CA ALA B 463 -14.05 -17.71 -2.19
C ALA B 463 -14.71 -17.21 -3.45
N ILE B 464 -13.92 -16.95 -4.48
CA ILE B 464 -14.40 -16.26 -5.68
C ILE B 464 -14.27 -17.16 -6.89
N TYR B 465 -15.39 -17.46 -7.55
CA TYR B 465 -15.43 -18.35 -8.69
C TYR B 465 -15.88 -17.57 -9.92
N CYS B 466 -15.24 -17.83 -11.06
CA CYS B 466 -15.57 -17.15 -12.30
C CYS B 466 -15.92 -18.14 -13.40
N LEU B 467 -16.61 -17.64 -14.42
CA LEU B 467 -16.92 -18.42 -15.60
C LEU B 467 -15.68 -18.51 -16.48
N MET B 468 -15.36 -19.71 -16.94
CA MET B 468 -14.04 -19.98 -17.52
C MET B 468 -14.01 -21.32 -18.27
N GLY B 469 -13.60 -21.28 -19.52
CA GLY B 469 -13.45 -22.50 -20.29
C GLY B 469 -14.79 -23.19 -20.59
N SER B 470 -14.70 -24.50 -20.79
CA SER B 470 -15.85 -25.33 -21.04
C SER B 470 -15.70 -26.62 -20.25
N GLY B 471 -16.62 -27.56 -20.49
CA GLY B 471 -16.55 -28.88 -19.88
C GLY B 471 -17.41 -29.01 -18.63
N GLN B 472 -16.82 -29.62 -17.58
CA GLN B 472 -17.55 -29.90 -16.36
C GLN B 472 -16.86 -29.24 -15.18
N LEU B 473 -17.67 -28.76 -14.22
CA LEU B 473 -17.14 -28.20 -12.99
C LEU B 473 -16.61 -29.35 -12.12
N LEU B 474 -15.47 -29.10 -11.48
CA LEU B 474 -14.86 -30.08 -10.60
C LEU B 474 -15.52 -30.05 -9.19
N GLU C 98 -4.43 26.78 -12.63
CA GLU C 98 -4.55 25.52 -11.86
C GLU C 98 -4.29 25.76 -10.38
N TRP C 99 -4.49 27.00 -9.92
CA TRP C 99 -4.16 27.38 -8.56
C TRP C 99 -5.40 27.22 -7.68
N THR C 100 -5.34 27.76 -6.46
CA THR C 100 -6.46 27.71 -5.54
C THR C 100 -7.12 29.09 -5.50
N TYR C 101 -8.45 29.07 -5.66
CA TYR C 101 -9.28 30.25 -5.50
C TYR C 101 -10.48 29.86 -4.66
N PRO C 102 -11.08 30.80 -3.92
CA PRO C 102 -12.36 30.54 -3.27
C PRO C 102 -13.47 30.29 -4.26
N ARG C 103 -14.46 29.50 -3.85
CA ARG C 103 -15.65 29.27 -4.63
C ARG C 103 -16.89 29.31 -3.73
N LEU C 104 -18.04 28.89 -4.28
CA LEU C 104 -19.26 28.77 -3.50
C LEU C 104 -19.29 27.41 -2.82
N SER C 105 -19.97 27.37 -1.67
CA SER C 105 -20.12 26.15 -0.91
C SER C 105 -21.18 25.25 -1.55
N CYS C 106 -20.95 23.93 -1.47
CA CYS C 106 -21.92 22.97 -1.92
C CYS C 106 -23.17 23.09 -1.06
N PRO C 107 -24.38 22.86 -1.64
CA PRO C 107 -25.61 23.00 -0.86
C PRO C 107 -25.67 22.02 0.31
N GLY C 108 -26.36 22.48 1.36
CA GLY C 108 -26.50 21.72 2.58
C GLY C 108 -27.04 22.64 3.68
N SER C 109 -27.82 22.04 4.57
CA SER C 109 -28.49 22.80 5.61
C SER C 109 -27.86 22.57 6.97
N THR C 110 -27.62 21.28 7.30
CA THR C 110 -27.11 20.92 8.59
C THR C 110 -26.02 19.88 8.47
N PHE C 111 -25.05 19.96 9.39
CA PHE C 111 -23.95 19.03 9.49
C PHE C 111 -24.43 17.64 9.88
N GLN C 112 -23.67 16.62 9.42
CA GLN C 112 -23.86 15.22 9.79
C GLN C 112 -22.51 14.57 10.03
N LYS C 113 -22.48 13.61 10.95
CA LYS C 113 -21.23 12.91 11.25
C LYS C 113 -20.77 12.14 10.01
N ALA C 114 -19.47 12.16 9.75
CA ALA C 114 -18.91 11.64 8.51
C ALA C 114 -17.85 10.59 8.75
N LEU C 115 -16.95 10.79 9.70
CA LEU C 115 -15.83 9.89 9.86
C LEU C 115 -15.26 10.08 11.26
N LEU C 116 -14.42 9.11 11.67
CA LEU C 116 -13.57 9.27 12.84
C LEU C 116 -12.34 8.40 12.70
N ILE C 117 -11.18 8.92 13.15
CA ILE C 117 -9.94 8.17 13.19
C ILE C 117 -9.53 8.00 14.64
N SER C 118 -9.51 6.74 15.12
CA SER C 118 -9.23 6.46 16.53
C SER C 118 -8.09 5.46 16.65
N PRO C 119 -6.82 5.90 16.55
CA PRO C 119 -5.70 4.98 16.59
C PRO C 119 -5.55 4.23 17.92
N HIS C 120 -6.16 4.73 18.99
CA HIS C 120 -6.05 4.10 20.30
C HIS C 120 -6.65 2.69 20.32
N ARG C 121 -7.64 2.43 19.47
CA ARG C 121 -8.31 1.15 19.45
C ARG C 121 -7.42 0.03 18.91
N PHE C 122 -6.43 0.37 18.07
CA PHE C 122 -5.53 -0.61 17.48
C PHE C 122 -4.13 -0.40 18.06
N ALA C 130 1.53 -0.29 15.23
CA ALA C 130 2.21 0.53 16.26
C ALA C 130 1.79 1.99 16.11
N PRO C 131 0.64 2.38 16.68
CA PRO C 131 0.19 3.76 16.58
C PRO C 131 1.14 4.69 17.32
N LEU C 132 1.27 5.92 16.79
CA LEU C 132 2.11 6.94 17.38
C LEU C 132 1.38 7.66 18.50
N ILE C 133 2.06 8.65 19.09
CA ILE C 133 1.42 9.58 20.02
C ILE C 133 1.34 10.92 19.30
N ILE C 134 0.10 11.34 18.99
CA ILE C 134 -0.12 12.54 18.17
C ILE C 134 -0.90 13.57 18.98
N ARG C 135 -0.65 14.84 18.65
CA ARG C 135 -1.38 15.93 19.30
C ARG C 135 -1.51 17.08 18.33
N GLU C 136 -2.52 17.91 18.56
CA GLU C 136 -2.90 19.06 17.73
C GLU C 136 -3.11 18.67 16.27
N PRO C 137 -3.99 17.72 15.94
CA PRO C 137 -4.19 17.31 14.57
C PRO C 137 -5.02 18.30 13.76
N PHE C 138 -4.64 18.48 12.50
CA PHE C 138 -5.35 19.37 11.60
C PHE C 138 -5.26 18.79 10.21
N VAL C 139 -6.23 19.17 9.39
CA VAL C 139 -6.34 18.63 8.05
C VAL C 139 -6.48 19.79 7.08
N ALA C 140 -5.62 19.78 6.05
CA ALA C 140 -5.77 20.67 4.92
C ALA C 140 -5.88 19.81 3.66
N CYS C 141 -6.88 20.12 2.84
CA CYS C 141 -7.17 19.30 1.68
C CYS C 141 -6.69 20.02 0.43
N GLY C 142 -5.92 19.28 -0.39
CA GLY C 142 -5.51 19.76 -1.69
C GLY C 142 -6.58 19.48 -2.73
N PRO C 143 -6.25 19.67 -4.02
CA PRO C 143 -7.23 19.42 -5.06
C PRO C 143 -7.66 17.95 -5.16
N ASN C 144 -6.81 17.03 -4.68
CA ASN C 144 -7.07 15.61 -4.88
C ASN C 144 -6.93 14.76 -3.60
N GLU C 145 -6.32 15.28 -2.53
CA GLU C 145 -6.10 14.47 -1.36
C GLU C 145 -6.16 15.35 -0.11
N CYS C 146 -6.49 14.70 1.01
CA CYS C 146 -6.52 15.36 2.30
C CYS C 146 -5.48 14.72 3.20
N LYS C 147 -4.68 15.56 3.86
CA LYS C 147 -3.61 15.06 4.72
C LYS C 147 -3.94 15.31 6.19
N HIS C 148 -3.85 14.24 7.00
CA HIS C 148 -4.12 14.35 8.42
C HIS C 148 -2.81 14.61 9.14
N PHE C 149 -2.46 15.89 9.33
CA PHE C 149 -1.22 16.28 9.99
C PHE C 149 -1.33 16.15 11.52
N ALA C 150 -0.17 16.15 12.14
CA ALA C 150 -0.08 15.85 13.57
C ALA C 150 1.31 16.21 14.08
N LEU C 151 1.50 16.12 15.41
CA LEU C 151 2.77 16.35 16.06
C LEU C 151 3.09 15.16 16.95
N THR C 152 4.20 14.47 16.64
CA THR C 152 4.58 13.30 17.40
C THR C 152 5.44 13.71 18.58
N HIS C 153 5.63 12.77 19.50
CA HIS C 153 6.44 12.99 20.69
C HIS C 153 7.79 12.30 20.53
N ASN C 170 10.12 18.79 23.46
CA ASN C 170 11.47 18.68 24.08
C ASN C 170 12.51 18.28 23.03
N LYS C 171 12.60 19.08 21.96
CA LYS C 171 13.66 18.98 20.96
C LYS C 171 13.58 17.67 20.16
N LEU C 172 12.40 17.05 20.13
CA LEU C 172 12.21 15.77 19.46
C LEU C 172 10.93 15.79 18.61
N ARG C 173 9.98 16.67 18.92
CA ARG C 173 8.65 16.62 18.30
C ARG C 173 8.76 16.88 16.79
N HIS C 174 8.10 16.01 16.01
CA HIS C 174 8.17 16.09 14.58
C HIS C 174 6.77 16.32 14.01
N LEU C 175 6.75 16.95 12.83
CA LEU C 175 5.55 17.08 12.05
C LEU C 175 5.44 15.90 11.05
N ILE C 176 4.33 15.18 11.14
CA ILE C 176 4.06 14.06 10.26
C ILE C 176 2.83 14.36 9.39
N SER C 177 2.45 13.40 8.55
CA SER C 177 1.28 13.55 7.71
C SER C 177 0.91 12.19 7.15
N VAL C 178 -0.31 11.74 7.44
CA VAL C 178 -0.88 10.57 6.81
C VAL C 178 -2.10 10.99 6.00
N LYS C 179 -2.40 10.22 4.95
CA LYS C 179 -3.57 10.52 4.13
C LYS C 179 -4.84 10.36 4.97
N LEU C 180 -5.77 11.31 4.83
CA LEU C 180 -6.99 11.28 5.63
C LEU C 180 -7.78 10.02 5.28
N GLY C 181 -8.29 9.35 6.33
CA GLY C 181 -8.93 8.06 6.20
C GLY C 181 -8.08 6.93 6.77
N LYS C 182 -6.76 7.11 6.77
CA LYS C 182 -5.84 6.11 7.29
C LYS C 182 -5.50 6.45 8.74
N ILE C 183 -4.87 5.48 9.41
CA ILE C 183 -4.46 5.66 10.80
C ILE C 183 -2.95 5.78 10.87
N PRO C 184 -2.43 6.72 11.69
CA PRO C 184 -1.00 7.05 11.62
C PRO C 184 -0.09 5.99 12.24
N THR C 185 0.27 4.98 11.45
CA THR C 185 1.24 3.98 11.89
C THR C 185 2.64 4.51 11.70
N VAL C 186 3.64 3.73 12.12
CA VAL C 186 5.03 4.12 11.96
C VAL C 186 5.43 4.02 10.48
N GLU C 187 4.95 2.99 9.79
CA GLU C 187 5.26 2.83 8.37
C GLU C 187 4.51 3.86 7.51
N ASN C 188 3.27 4.19 7.88
CA ASN C 188 2.41 5.00 7.06
C ASN C 188 2.66 6.51 7.22
N SER C 189 3.51 6.91 8.14
CA SER C 189 3.73 8.32 8.41
C SER C 189 5.06 8.77 7.81
N ILE C 190 5.03 9.89 7.08
CA ILE C 190 6.24 10.55 6.60
C ILE C 190 6.57 11.75 7.47
N PHE C 191 7.78 11.82 7.97
CA PHE C 191 8.20 12.96 8.78
C PHE C 191 8.55 14.12 7.85
N HIS C 192 8.38 15.33 8.37
CA HIS C 192 8.55 16.51 7.56
C HIS C 192 9.60 17.45 8.15
N MET C 193 9.60 17.66 9.45
CA MET C 193 10.35 18.73 10.07
C MET C 193 10.31 18.50 11.58
N ALA C 194 11.20 19.18 12.30
CA ALA C 194 11.27 19.06 13.74
C ALA C 194 10.73 20.33 14.36
N ALA C 195 9.42 20.33 14.69
CA ALA C 195 8.80 21.51 15.29
C ALA C 195 7.77 21.11 16.32
N TRP C 196 7.23 22.10 17.04
CA TRP C 196 6.10 21.88 17.94
C TRP C 196 4.91 22.79 17.65
N SER C 197 4.80 23.24 16.41
CA SER C 197 3.67 24.04 15.97
C SER C 197 3.51 23.84 14.47
N GLY C 198 2.33 23.33 14.08
CA GLY C 198 2.12 22.87 12.71
C GLY C 198 1.24 23.83 11.91
N SER C 199 1.47 23.79 10.60
CA SER C 199 0.71 24.53 9.61
C SER C 199 1.01 23.99 8.23
N ALA C 200 -0.03 23.71 7.45
CA ALA C 200 0.18 23.25 6.09
C ALA C 200 -1.06 23.51 5.26
N CYS C 201 -0.85 23.84 3.99
CA CYS C 201 -1.94 23.94 3.04
C CYS C 201 -1.37 23.86 1.62
N HIS C 202 -2.26 23.99 0.65
CA HIS C 202 -1.94 23.79 -0.74
C HIS C 202 -2.04 25.12 -1.48
N ASP C 203 -0.90 25.61 -1.97
CA ASP C 203 -0.86 26.87 -2.68
C ASP C 203 -1.38 26.75 -4.11
N GLY C 204 -1.60 25.53 -4.61
CA GLY C 204 -2.16 25.36 -5.94
C GLY C 204 -1.54 24.22 -6.72
N LYS C 205 -0.24 23.97 -6.50
CA LYS C 205 0.43 22.92 -7.26
C LYS C 205 1.13 21.92 -6.35
N GLU C 206 1.64 22.35 -5.18
CA GLU C 206 2.29 21.45 -4.25
C GLU C 206 1.99 21.87 -2.82
N TRP C 207 2.62 21.17 -1.87
CA TRP C 207 2.40 21.41 -0.46
C TRP C 207 3.32 22.47 0.12
N THR C 208 2.84 23.14 1.16
CA THR C 208 3.63 24.09 1.92
C THR C 208 3.52 23.72 3.41
N TYR C 209 4.61 23.90 4.18
CA TYR C 209 4.60 23.61 5.59
C TYR C 209 5.29 24.78 6.35
N ILE C 210 4.89 24.96 7.61
CA ILE C 210 5.50 25.90 8.53
C ILE C 210 5.67 25.20 9.87
N GLY C 211 6.84 25.39 10.49
CA GLY C 211 7.05 24.95 11.85
C GLY C 211 7.97 25.89 12.61
N VAL C 212 7.93 25.78 13.93
CA VAL C 212 8.71 26.63 14.81
C VAL C 212 9.48 25.75 15.79
N ASP C 213 10.77 26.03 15.96
CA ASP C 213 11.63 25.30 16.89
C ASP C 213 12.71 26.24 17.42
N GLY C 214 13.59 25.71 18.27
CA GLY C 214 14.66 26.48 18.83
C GLY C 214 14.55 26.59 20.35
N PRO C 215 15.43 27.40 20.97
CA PRO C 215 15.25 27.73 22.38
C PRO C 215 14.00 28.57 22.54
N ASP C 216 13.38 28.46 23.72
CA ASP C 216 12.04 28.98 23.91
C ASP C 216 12.01 30.50 23.78
N ASN C 217 13.00 31.18 24.38
CA ASN C 217 13.06 32.63 24.32
C ASN C 217 13.69 33.14 23.02
N ASN C 218 14.32 32.27 22.23
CA ASN C 218 15.01 32.68 21.01
C ASN C 218 14.64 31.74 19.87
N ALA C 219 13.35 31.52 19.68
CA ALA C 219 12.91 30.46 18.78
C ALA C 219 13.09 30.88 17.33
N LEU C 220 12.84 29.90 16.45
CA LEU C 220 13.04 30.03 15.02
C LEU C 220 11.87 29.40 14.28
N LEU C 221 11.40 30.08 13.24
CA LEU C 221 10.36 29.57 12.33
C LEU C 221 11.00 29.13 11.03
N LYS C 222 10.47 28.07 10.42
CA LYS C 222 11.05 27.49 9.22
C LYS C 222 9.97 26.99 8.27
N VAL C 223 10.28 26.96 6.98
CA VAL C 223 9.35 26.68 5.91
C VAL C 223 9.85 25.49 5.07
N LYS C 224 8.95 24.57 4.74
CA LYS C 224 9.24 23.47 3.83
C LYS C 224 8.33 23.56 2.62
N TYR C 225 8.87 23.94 1.47
CA TYR C 225 8.11 24.20 0.27
C TYR C 225 8.55 23.24 -0.81
N GLY C 226 7.58 22.53 -1.40
CA GLY C 226 7.87 21.46 -2.34
C GLY C 226 8.64 20.34 -1.63
N GLU C 227 9.96 20.25 -1.88
CA GLU C 227 10.79 19.33 -1.14
C GLU C 227 12.03 19.99 -0.51
N ALA C 228 12.33 21.23 -0.93
CA ALA C 228 13.53 21.91 -0.49
C ALA C 228 13.16 23.05 0.45
N TYR C 229 13.95 23.16 1.53
CA TYR C 229 13.76 24.15 2.56
C TYR C 229 14.19 25.51 2.05
N THR C 230 13.44 26.55 2.43
CA THR C 230 13.63 27.84 1.81
C THR C 230 14.05 28.93 2.80
N ASP C 231 13.22 29.24 3.82
CA ASP C 231 13.40 30.50 4.53
C ASP C 231 13.06 30.40 6.01
N THR C 232 13.51 31.40 6.79
CA THR C 232 13.31 31.45 8.23
C THR C 232 12.91 32.85 8.66
N TYR C 233 12.27 32.89 9.84
CA TYR C 233 11.90 34.14 10.49
C TYR C 233 12.19 34.04 11.98
N HIS C 234 12.67 35.14 12.57
CA HIS C 234 13.13 35.16 13.95
C HIS C 234 12.07 35.73 14.89
N SER C 235 12.39 35.76 16.18
CA SER C 235 11.50 36.32 17.19
C SER C 235 11.66 37.84 17.26
N TYR C 236 10.63 38.52 17.76
CA TYR C 236 10.73 39.97 17.99
C TYR C 236 10.50 40.33 19.45
N ALA C 237 9.51 39.72 20.11
CA ALA C 237 9.32 39.91 21.54
C ALA C 237 10.23 39.01 22.38
N ASN C 238 10.80 37.97 21.75
CA ASN C 238 11.86 37.15 22.32
C ASN C 238 11.44 36.45 23.61
N ASN C 239 10.16 36.08 23.72
CA ASN C 239 9.70 35.30 24.87
C ASN C 239 9.19 33.92 24.44
N ILE C 240 8.12 33.89 23.63
CA ILE C 240 7.52 32.65 23.16
C ILE C 240 7.15 32.84 21.70
N LEU C 241 7.51 31.87 20.85
CA LEU C 241 7.10 31.92 19.45
C LEU C 241 6.18 30.76 19.10
N ARG C 242 5.06 31.06 18.42
CA ARG C 242 4.08 30.05 18.04
C ARG C 242 3.24 30.55 16.88
N THR C 243 2.52 29.61 16.24
CA THR C 243 1.63 29.93 15.12
C THR C 243 0.23 29.36 15.42
N GLN C 244 -0.62 29.24 14.39
CA GLN C 244 -2.01 28.84 14.54
C GLN C 244 -2.20 27.49 15.20
N GLU C 245 -1.25 26.57 14.98
CA GLU C 245 -1.49 25.14 15.25
C GLU C 245 -2.71 24.63 14.47
N SER C 246 -2.83 25.10 13.23
CA SER C 246 -3.93 24.76 12.35
C SER C 246 -3.51 25.03 10.92
N ALA C 247 -4.47 25.04 10.03
CA ALA C 247 -4.14 25.17 8.62
C ALA C 247 -3.87 26.62 8.23
N CYS C 248 -3.53 26.75 6.93
CA CYS C 248 -3.34 28.03 6.32
C CYS C 248 -4.26 28.23 5.13
N ASN C 249 -4.49 29.50 4.80
CA ASN C 249 -5.38 29.91 3.74
C ASN C 249 -4.54 30.64 2.71
N CYS C 250 -4.55 30.13 1.48
CA CYS C 250 -3.64 30.64 0.46
C CYS C 250 -4.43 30.99 -0.80
N ILE C 251 -4.25 32.20 -1.30
CA ILE C 251 -5.00 32.68 -2.46
C ILE C 251 -4.02 33.32 -3.45
N GLY C 252 -4.10 32.85 -4.71
CA GLY C 252 -3.35 33.44 -5.80
C GLY C 252 -1.84 33.32 -5.59
N GLY C 253 -1.39 32.22 -5.01
CA GLY C 253 0.03 32.00 -4.77
C GLY C 253 0.59 32.79 -3.58
N ASN C 254 -0.26 33.52 -2.86
CA ASN C 254 0.15 34.26 -1.67
C ASN C 254 -0.53 33.64 -0.46
N CYS C 255 0.24 32.88 0.33
CA CYS C 255 -0.31 32.15 1.47
C CYS C 255 -0.18 32.99 2.73
N TYR C 256 -1.24 33.04 3.54
CA TYR C 256 -1.34 33.95 4.69
C TYR C 256 -1.48 33.18 5.98
N LEU C 257 -0.68 33.55 6.99
CA LEU C 257 -0.57 32.80 8.23
C LEU C 257 -0.60 33.80 9.39
N MET C 258 -0.18 33.36 10.59
CA MET C 258 -0.13 34.19 11.77
C MET C 258 1.11 33.84 12.59
N ILE C 259 1.81 34.86 13.10
CA ILE C 259 2.84 34.69 14.09
C ILE C 259 2.52 35.58 15.29
N THR C 260 2.62 34.98 16.50
CA THR C 260 2.52 35.79 17.71
C THR C 260 3.74 35.56 18.59
N ASP C 261 4.11 36.61 19.33
CA ASP C 261 5.31 36.61 20.13
C ASP C 261 5.07 37.45 21.38
N GLY C 262 5.48 36.91 22.52
CA GLY C 262 5.33 37.61 23.78
C GLY C 262 5.08 36.61 24.91
N SER C 263 4.45 37.12 25.98
CA SER C 263 4.14 36.33 27.16
C SER C 263 2.67 35.89 27.13
N ALA C 264 2.42 34.71 27.73
CA ALA C 264 1.06 34.19 27.84
C ALA C 264 0.22 35.07 28.77
N SER C 265 0.82 35.52 29.88
CA SER C 265 0.11 36.29 30.88
C SER C 265 0.24 37.80 30.67
N GLY C 266 0.93 38.23 29.60
CA GLY C 266 1.16 39.64 29.37
C GLY C 266 0.58 40.10 28.03
N VAL C 267 1.45 40.64 27.17
CA VAL C 267 1.07 41.10 25.86
C VAL C 267 1.77 40.23 24.82
N SER C 268 0.98 39.63 23.92
CA SER C 268 1.50 38.78 22.86
C SER C 268 0.93 39.27 21.53
N GLU C 269 1.61 40.24 20.91
CA GLU C 269 1.14 40.84 19.68
C GLU C 269 1.26 39.83 18.53
N CYS C 270 0.33 39.94 17.58
CA CYS C 270 0.23 38.99 16.49
C CYS C 270 0.56 39.68 15.17
N ARG C 271 1.01 38.88 14.20
CA ARG C 271 1.33 39.38 12.87
C ARG C 271 0.76 38.44 11.81
N PHE C 272 0.49 39.00 10.63
CA PHE C 272 0.12 38.21 9.45
C PHE C 272 1.27 38.24 8.46
N LEU C 273 1.59 37.08 7.86
CA LEU C 273 2.72 36.97 6.93
C LEU C 273 2.24 36.67 5.51
N LYS C 274 2.98 37.15 4.51
CA LYS C 274 2.70 36.89 3.11
C LYS C 274 3.85 36.08 2.51
N ILE C 275 3.58 34.80 2.25
CA ILE C 275 4.58 33.91 1.66
C ILE C 275 4.12 33.52 0.26
N ARG C 276 5.03 33.61 -0.71
CA ARG C 276 4.75 33.21 -2.08
C ARG C 276 5.91 32.39 -2.60
N GLU C 277 5.60 31.21 -3.14
CA GLU C 277 6.59 30.29 -3.67
C GLU C 277 7.64 29.92 -2.59
N GLY C 278 7.19 29.83 -1.35
CA GLY C 278 8.07 29.44 -0.26
C GLY C 278 8.87 30.58 0.35
N ARG C 279 8.71 31.83 -0.11
CA ARG C 279 9.52 32.93 0.35
C ARG C 279 8.64 33.99 1.02
N ILE C 280 9.07 34.48 2.20
CA ILE C 280 8.32 35.49 2.94
C ILE C 280 8.45 36.82 2.20
N ILE C 281 7.30 37.45 1.92
CA ILE C 281 7.27 38.68 1.15
C ILE C 281 6.91 39.87 2.04
N LYS C 282 5.73 39.86 2.66
CA LYS C 282 5.20 41.02 3.33
C LYS C 282 4.68 40.63 4.71
N GLU C 283 4.76 41.60 5.64
CA GLU C 283 4.25 41.42 6.99
C GLU C 283 3.13 42.43 7.24
N ILE C 284 2.19 42.02 8.09
CA ILE C 284 1.00 42.82 8.39
C ILE C 284 0.95 43.08 9.90
N PHE C 285 0.79 44.35 10.26
CA PHE C 285 0.61 44.73 11.65
C PHE C 285 -0.84 45.13 11.87
N PRO C 286 -1.61 44.37 12.68
CA PRO C 286 -2.99 44.76 12.96
C PRO C 286 -3.12 46.05 13.74
N THR C 287 -4.29 46.69 13.57
CA THR C 287 -4.60 47.96 14.20
C THR C 287 -5.76 47.77 15.18
N GLY C 288 -5.60 48.32 16.38
CA GLY C 288 -6.65 48.28 17.38
C GLY C 288 -6.22 47.52 18.63
N ARG C 289 -7.21 46.89 19.29
CA ARG C 289 -6.98 46.16 20.52
C ARG C 289 -6.22 44.88 20.19
N VAL C 290 -4.89 44.93 20.34
CA VAL C 290 -4.03 43.83 19.90
C VAL C 290 -3.26 43.22 21.08
N LYS C 291 -3.70 43.52 22.30
CA LYS C 291 -2.92 43.21 23.49
C LYS C 291 -2.84 41.71 23.79
N HIS C 292 -3.67 40.89 23.16
CA HIS C 292 -3.56 39.45 23.29
C HIS C 292 -4.31 38.80 22.13
N THR C 293 -3.60 37.94 21.39
CA THR C 293 -4.16 37.26 20.24
C THR C 293 -3.27 36.06 19.93
N GLU C 294 -3.85 34.87 19.87
CA GLU C 294 -3.10 33.65 19.62
C GLU C 294 -4.05 32.55 19.19
N GLU C 295 -3.49 31.53 18.55
CA GLU C 295 -4.19 30.29 18.22
C GLU C 295 -5.41 30.56 17.37
N CYS C 296 -5.26 31.40 16.34
CA CYS C 296 -6.36 31.92 15.56
C CYS C 296 -6.79 30.94 14.49
N THR C 297 -8.10 30.74 14.34
CA THR C 297 -8.63 29.86 13.33
C THR C 297 -9.34 30.68 12.26
N CYS C 298 -9.03 30.42 11.00
CA CYS C 298 -9.31 31.34 9.91
C CYS C 298 -9.97 30.61 8.73
N GLY C 299 -10.56 31.40 7.84
CA GLY C 299 -11.14 30.89 6.61
C GLY C 299 -11.45 32.03 5.66
N PHE C 300 -11.57 31.71 4.37
CA PHE C 300 -11.93 32.69 3.35
C PHE C 300 -13.42 33.04 3.46
N ALA C 301 -13.71 34.14 4.15
CA ALA C 301 -15.07 34.65 4.18
C ALA C 301 -15.53 35.08 2.78
N SER C 302 -14.63 35.71 2.02
CA SER C 302 -14.93 36.18 0.69
C SER C 302 -13.62 36.33 -0.08
N ASN C 303 -13.72 36.79 -1.33
CA ASN C 303 -12.54 37.05 -2.14
C ASN C 303 -11.75 38.23 -1.59
N LYS C 304 -12.45 39.24 -1.08
CA LYS C 304 -11.83 40.47 -0.64
C LYS C 304 -11.45 40.47 0.85
N THR C 305 -11.94 39.49 1.61
CA THR C 305 -11.76 39.49 3.06
C THR C 305 -11.51 38.08 3.55
N ILE C 306 -10.56 37.94 4.46
CA ILE C 306 -10.38 36.72 5.23
C ILE C 306 -10.62 37.08 6.69
N GLU C 307 -11.40 36.24 7.37
CA GLU C 307 -11.62 36.43 8.79
C GLU C 307 -10.74 35.45 9.60
N CYS C 308 -10.77 35.62 10.90
CA CYS C 308 -10.25 34.64 11.79
C CYS C 308 -11.10 34.56 13.07
N ALA C 309 -10.90 33.49 13.83
CA ALA C 309 -11.50 33.29 15.14
C ALA C 309 -10.43 32.84 16.11
N CYS C 310 -10.26 33.63 17.18
CA CYS C 310 -9.06 33.62 17.99
C CYS C 310 -9.37 33.25 19.42
N ARG C 311 -8.34 33.31 20.27
CA ARG C 311 -8.50 32.97 21.68
C ARG C 311 -7.75 33.98 22.54
N ASP C 312 -8.40 34.44 23.61
CA ASP C 312 -7.75 35.28 24.61
C ASP C 312 -7.54 34.48 25.88
N ASN C 313 -6.27 34.39 26.33
CA ASN C 313 -5.93 33.58 27.48
C ASN C 313 -6.17 34.33 28.79
N ARG C 314 -5.79 35.61 28.85
CA ARG C 314 -5.74 36.32 30.12
C ARG C 314 -6.83 37.40 30.28
N TYR C 315 -7.16 38.12 29.21
CA TYR C 315 -7.96 39.33 29.36
C TYR C 315 -9.46 39.06 29.25
N THR C 316 -9.89 38.53 28.11
CA THR C 316 -11.31 38.45 27.80
C THR C 316 -11.73 36.99 27.68
N ALA C 317 -12.95 36.72 28.15
CA ALA C 317 -13.56 35.40 28.05
C ALA C 317 -14.29 35.20 26.73
N LYS C 318 -13.96 36.00 25.70
CA LYS C 318 -14.60 35.90 24.39
C LYS C 318 -13.54 35.53 23.35
N ARG C 319 -13.94 35.57 22.07
CA ARG C 319 -13.03 35.31 20.97
C ARG C 319 -12.80 36.61 20.20
N PRO C 320 -11.55 37.10 20.16
CA PRO C 320 -11.26 38.27 19.33
C PRO C 320 -11.43 37.95 17.84
N PHE C 321 -12.05 38.89 17.12
CA PHE C 321 -12.35 38.71 15.71
C PHE C 321 -11.40 39.53 14.86
N VAL C 322 -10.76 38.87 13.91
CA VAL C 322 -9.81 39.51 13.03
C VAL C 322 -10.41 39.59 11.63
N LYS C 323 -10.29 40.75 10.99
CA LYS C 323 -10.60 40.90 9.58
C LYS C 323 -9.33 41.24 8.82
N LEU C 324 -8.99 40.40 7.85
CA LEU C 324 -7.89 40.66 6.94
C LEU C 324 -8.42 41.01 5.55
N ASN C 325 -7.88 42.10 5.00
CA ASN C 325 -8.19 42.51 3.64
C ASN C 325 -7.00 42.19 2.76
N VAL C 326 -7.14 41.19 1.90
CA VAL C 326 -6.04 40.71 1.08
C VAL C 326 -5.59 41.77 0.06
N GLU C 327 -6.50 42.68 -0.31
CA GLU C 327 -6.19 43.66 -1.36
C GLU C 327 -5.27 44.76 -0.81
N THR C 328 -5.51 45.21 0.42
CA THR C 328 -4.77 46.34 0.97
C THR C 328 -3.78 45.94 2.06
N ASP C 329 -3.79 44.69 2.50
CA ASP C 329 -2.86 44.20 3.53
C ASP C 329 -2.99 44.97 4.84
N THR C 330 -4.23 45.10 5.33
CA THR C 330 -4.53 45.75 6.60
C THR C 330 -5.34 44.80 7.46
N ALA C 331 -5.05 44.80 8.77
CA ALA C 331 -5.73 43.95 9.73
C ALA C 331 -6.31 44.78 10.86
N GLU C 332 -7.48 44.37 11.35
CA GLU C 332 -8.12 44.97 12.50
C GLU C 332 -8.64 43.88 13.42
N ILE C 333 -8.44 44.07 14.73
CA ILE C 333 -8.87 43.11 15.73
C ILE C 333 -9.91 43.75 16.64
N ARG C 334 -11.10 43.14 16.67
CA ARG C 334 -12.18 43.54 17.58
C ARG C 334 -12.71 42.31 18.29
N LEU C 335 -13.53 42.55 19.32
CA LEU C 335 -14.10 41.48 20.11
C LEU C 335 -15.49 41.11 19.58
N MET C 336 -16.00 39.96 20.03
CA MET C 336 -17.30 39.49 19.63
C MET C 336 -18.34 40.15 20.54
N CYS C 337 -19.31 40.82 19.91
CA CYS C 337 -20.35 41.53 20.63
C CYS C 337 -21.53 40.63 21.03
N THR C 338 -21.60 39.41 20.51
CA THR C 338 -22.70 38.52 20.83
C THR C 338 -22.58 38.01 22.25
N ASP C 339 -23.72 37.60 22.81
CA ASP C 339 -23.80 37.14 24.19
C ASP C 339 -23.20 35.75 24.41
N THR C 340 -23.07 34.96 23.35
CA THR C 340 -22.55 33.60 23.48
C THR C 340 -21.03 33.66 23.60
N TYR C 341 -20.52 33.65 24.82
CA TYR C 341 -19.09 33.71 25.04
C TYR C 341 -18.49 32.34 24.75
N LEU C 342 -17.85 32.20 23.59
CA LEU C 342 -17.49 30.88 23.09
C LEU C 342 -16.28 30.27 23.80
N ASP C 343 -15.52 31.08 24.57
CA ASP C 343 -14.31 30.60 25.20
C ASP C 343 -14.63 29.65 26.36
N THR C 344 -13.60 28.95 26.82
CA THR C 344 -13.71 28.08 27.97
C THR C 344 -12.48 28.32 28.84
N PRO C 345 -12.63 28.61 30.15
CA PRO C 345 -13.90 28.77 30.86
C PRO C 345 -14.60 30.09 30.57
N ARG C 346 -15.91 30.11 30.81
CA ARG C 346 -16.74 31.25 30.47
C ARG C 346 -17.66 31.55 31.65
N PRO C 347 -18.12 32.80 31.77
CA PRO C 347 -19.20 33.11 32.71
C PRO C 347 -20.55 32.80 32.10
N ASN C 348 -21.62 33.17 32.82
CA ASN C 348 -22.97 33.01 32.32
C ASN C 348 -23.17 33.91 31.09
N ASP C 349 -23.98 33.44 30.15
CA ASP C 349 -24.20 34.16 28.91
C ASP C 349 -24.98 35.46 29.17
N GLY C 350 -24.53 36.54 28.54
CA GLY C 350 -25.19 37.84 28.69
C GLY C 350 -24.95 38.50 30.06
N SER C 351 -23.83 38.14 30.72
CA SER C 351 -23.51 38.70 32.03
C SER C 351 -22.55 39.89 31.95
N ILE C 352 -22.13 40.28 30.73
CA ILE C 352 -21.19 41.37 30.55
C ILE C 352 -21.96 42.58 30.04
N THR C 353 -21.92 43.66 30.83
CA THR C 353 -22.64 44.89 30.50
C THR C 353 -21.71 45.87 29.79
N GLY C 354 -22.34 46.89 29.18
CA GLY C 354 -21.63 47.94 28.51
C GLY C 354 -21.40 47.62 27.03
N PRO C 355 -20.33 48.17 26.43
CA PRO C 355 -20.07 47.94 25.02
C PRO C 355 -19.55 46.54 24.73
N CYS C 356 -19.21 46.29 23.48
CA CYS C 356 -18.77 44.97 23.04
C CYS C 356 -17.36 44.67 23.56
N GLU C 357 -16.55 45.70 23.80
CA GLU C 357 -15.14 45.48 24.12
C GLU C 357 -14.90 45.32 25.62
N SER C 358 -15.95 45.32 26.44
CA SER C 358 -15.80 45.11 27.87
C SER C 358 -15.41 43.66 28.14
N ASP C 359 -14.24 43.45 28.73
CA ASP C 359 -13.72 42.09 28.90
C ASP C 359 -14.52 41.32 29.94
N GLY C 360 -14.99 42.02 30.98
CA GLY C 360 -15.76 41.38 32.04
C GLY C 360 -14.89 40.54 32.96
N ASP C 361 -15.54 39.69 33.76
CA ASP C 361 -14.84 38.91 34.77
C ASP C 361 -14.49 37.53 34.22
N LYS C 362 -13.49 36.91 34.86
CA LYS C 362 -13.03 35.57 34.51
C LYS C 362 -12.54 35.53 33.06
N GLY C 363 -11.60 36.43 32.77
CA GLY C 363 -10.94 36.42 31.48
C GLY C 363 -9.75 35.48 31.42
N SER C 364 -9.32 34.95 32.56
CA SER C 364 -8.18 34.04 32.62
C SER C 364 -8.55 32.69 32.00
N GLY C 365 -7.59 32.08 31.32
CA GLY C 365 -7.79 30.81 30.65
C GLY C 365 -8.38 30.99 29.25
N GLY C 366 -8.29 29.91 28.48
CA GLY C 366 -8.78 29.94 27.11
C GLY C 366 -8.59 28.59 26.44
N ILE C 367 -9.20 28.46 25.27
CA ILE C 367 -9.10 27.25 24.47
C ILE C 367 -9.34 27.63 23.01
N LYS C 368 -8.84 26.80 22.10
CA LYS C 368 -9.07 27.02 20.68
C LYS C 368 -10.52 26.67 20.36
N GLY C 369 -11.08 27.38 19.38
CA GLY C 369 -12.48 27.24 19.02
C GLY C 369 -12.63 26.94 17.53
N GLY C 370 -13.62 26.10 17.21
CA GLY C 370 -13.90 25.83 15.82
C GLY C 370 -14.57 27.06 15.18
N PHE C 371 -14.38 27.16 13.86
CA PHE C 371 -14.92 28.24 13.07
C PHE C 371 -14.80 27.90 11.59
N VAL C 372 -15.93 27.95 10.86
CA VAL C 372 -15.92 27.69 9.44
C VAL C 372 -17.03 28.49 8.77
N HIS C 373 -16.79 28.88 7.51
CA HIS C 373 -17.69 29.75 6.76
C HIS C 373 -18.76 28.94 6.03
N GLN C 374 -19.64 29.62 5.29
CA GLN C 374 -20.59 28.99 4.39
C GLN C 374 -20.93 29.99 3.29
N ARG C 375 -20.30 29.81 2.11
CA ARG C 375 -20.38 30.79 1.04
C ARG C 375 -21.55 30.49 0.11
N MET C 376 -22.50 31.44 0.05
CA MET C 376 -23.61 31.37 -0.90
C MET C 376 -23.50 32.52 -1.91
N LYS C 377 -24.47 32.59 -2.82
CA LYS C 377 -24.44 33.56 -3.90
C LYS C 377 -24.52 35.00 -3.38
N SER C 378 -25.41 35.25 -2.42
CA SER C 378 -25.62 36.60 -1.93
C SER C 378 -25.76 36.67 -0.40
N LYS C 379 -25.28 35.64 0.32
CA LYS C 379 -25.45 35.60 1.76
C LYS C 379 -24.33 34.77 2.37
N ILE C 380 -23.91 35.17 3.58
CA ILE C 380 -22.84 34.48 4.29
C ILE C 380 -23.36 34.05 5.66
N GLY C 381 -23.23 32.75 5.95
CA GLY C 381 -23.54 32.24 7.27
C GLY C 381 -22.25 31.88 8.00
N ARG C 382 -22.34 31.72 9.32
CA ARG C 382 -21.18 31.39 10.15
C ARG C 382 -21.52 30.29 11.15
N TRP C 383 -20.63 29.33 11.28
CA TRP C 383 -20.76 28.25 12.20
C TRP C 383 -19.72 28.42 13.29
N TYR C 384 -20.14 28.28 14.53
CA TYR C 384 -19.22 28.26 15.66
C TYR C 384 -19.43 26.96 16.43
N SER C 385 -18.47 26.66 17.30
CA SER C 385 -18.61 25.60 18.29
C SER C 385 -18.02 26.07 19.62
N ARG C 386 -18.37 25.38 20.68
CA ARG C 386 -17.87 25.73 21.98
C ARG C 386 -18.16 24.53 22.91
N THR C 387 -17.61 24.62 24.12
CA THR C 387 -17.79 23.56 25.09
C THR C 387 -19.20 23.63 25.67
N MET C 388 -19.81 22.44 25.83
CA MET C 388 -21.09 22.35 26.51
C MET C 388 -20.96 22.75 27.98
N SER C 389 -19.90 22.26 28.64
CA SER C 389 -19.65 22.61 30.03
C SER C 389 -19.19 24.07 30.12
N LYS C 390 -19.63 24.75 31.18
CA LYS C 390 -19.31 26.16 31.36
C LYS C 390 -17.87 26.37 31.82
N THR C 391 -17.27 25.35 32.46
CA THR C 391 -16.00 25.54 33.15
C THR C 391 -14.87 24.76 32.48
N GLU C 392 -15.03 23.43 32.35
CA GLU C 392 -13.94 22.58 31.88
C GLU C 392 -14.26 22.05 30.49
N ARG C 393 -13.21 21.55 29.82
CA ARG C 393 -13.34 21.07 28.45
C ARG C 393 -13.97 19.68 28.44
N MET C 394 -15.30 19.67 28.31
CA MET C 394 -16.06 18.43 28.30
C MET C 394 -17.28 18.61 27.42
N GLY C 395 -17.20 18.09 26.18
CA GLY C 395 -18.35 18.06 25.29
C GLY C 395 -18.45 19.27 24.37
N MET C 396 -18.68 19.04 23.08
CA MET C 396 -18.81 20.08 22.09
C MET C 396 -20.27 20.24 21.66
N GLY C 397 -20.57 21.33 20.98
CA GLY C 397 -21.90 21.57 20.44
C GLY C 397 -21.89 22.73 19.48
N LEU C 398 -22.47 22.57 18.29
CA LEU C 398 -22.48 23.60 17.25
C LEU C 398 -23.42 24.74 17.64
N TYR C 399 -23.06 25.96 17.26
CA TYR C 399 -23.92 27.13 17.38
C TYR C 399 -23.76 27.98 16.13
N VAL C 400 -24.87 28.45 15.57
CA VAL C 400 -24.85 29.04 14.22
C VAL C 400 -25.45 30.44 14.26
N LYS C 401 -25.07 31.27 13.28
CA LYS C 401 -25.69 32.57 13.06
C LYS C 401 -25.70 32.84 11.56
N TYR C 402 -26.80 33.45 11.08
CA TYR C 402 -26.96 33.80 9.69
C TYR C 402 -26.79 35.31 9.49
N GLY C 403 -25.71 35.68 8.80
CA GLY C 403 -25.47 37.05 8.39
C GLY C 403 -25.16 37.97 9.57
N GLY C 404 -25.31 39.27 9.31
CA GLY C 404 -25.12 40.29 10.32
C GLY C 404 -23.66 40.69 10.48
N ASP C 405 -23.45 41.70 11.32
CA ASP C 405 -22.12 42.22 11.61
C ASP C 405 -21.68 41.69 12.98
N PRO C 406 -20.63 40.85 13.05
CA PRO C 406 -20.18 40.34 14.34
C PRO C 406 -19.70 41.43 15.30
N TRP C 407 -19.17 42.53 14.76
CA TRP C 407 -18.61 43.59 15.59
C TRP C 407 -19.67 44.48 16.21
N ALA C 408 -20.94 44.36 15.78
CA ALA C 408 -21.98 45.26 16.26
C ALA C 408 -23.23 44.53 16.78
N ASP C 409 -23.49 43.31 16.33
CA ASP C 409 -24.70 42.59 16.74
C ASP C 409 -24.47 41.87 18.05
N SER C 410 -25.41 42.03 19.00
CA SER C 410 -25.32 41.39 20.31
C SER C 410 -26.42 40.34 20.48
N ASP C 411 -27.13 39.98 19.40
CA ASP C 411 -28.16 38.98 19.46
C ASP C 411 -27.55 37.61 19.75
N ALA C 412 -28.34 36.75 20.40
CA ALA C 412 -27.87 35.42 20.77
C ALA C 412 -27.66 34.54 19.53
N LEU C 413 -26.75 33.60 19.68
CA LEU C 413 -26.50 32.59 18.65
C LEU C 413 -27.69 31.63 18.58
N THR C 414 -27.83 30.99 17.42
CA THR C 414 -28.89 30.01 17.22
C THR C 414 -28.35 28.61 17.53
N PHE C 415 -28.89 27.99 18.56
CA PHE C 415 -28.47 26.64 18.93
C PHE C 415 -28.94 25.67 17.85
N SER C 416 -28.00 24.86 17.31
CA SER C 416 -28.31 24.01 16.19
C SER C 416 -27.64 22.65 16.29
N GLY C 417 -27.61 22.06 17.47
CA GLY C 417 -27.21 20.67 17.59
C GLY C 417 -26.27 20.41 18.77
N VAL C 418 -25.95 19.14 18.95
CA VAL C 418 -25.01 18.68 19.95
C VAL C 418 -24.03 17.75 19.24
N MET C 419 -22.75 18.14 19.26
CA MET C 419 -21.71 17.42 18.55
C MET C 419 -21.29 16.24 19.39
N VAL C 420 -20.82 16.50 20.61
CA VAL C 420 -20.34 15.45 21.48
C VAL C 420 -21.04 15.58 22.82
N SER C 421 -21.55 14.46 23.34
CA SER C 421 -22.25 14.48 24.62
C SER C 421 -21.26 14.70 25.76
N MET C 422 -21.80 14.88 26.97
CA MET C 422 -21.00 15.26 28.12
C MET C 422 -20.12 14.12 28.64
N LYS C 423 -20.23 12.93 28.08
CA LYS C 423 -19.45 11.78 28.56
C LYS C 423 -18.13 11.61 27.82
N GLU C 424 -17.80 12.50 26.88
CA GLU C 424 -16.54 12.43 26.16
C GLU C 424 -15.90 13.80 26.18
N PRO C 425 -14.55 13.87 26.22
CA PRO C 425 -13.87 15.17 26.31
C PRO C 425 -13.72 15.87 24.97
N GLY C 426 -14.01 17.16 24.96
CA GLY C 426 -13.83 17.97 23.75
C GLY C 426 -12.63 18.91 23.87
N TRP C 427 -11.52 18.53 23.25
CA TRP C 427 -10.32 19.33 23.28
C TRP C 427 -10.26 20.23 22.04
N TYR C 428 -9.05 20.60 21.62
CA TYR C 428 -8.86 21.47 20.48
C TYR C 428 -9.74 21.11 19.29
N SER C 429 -10.40 22.11 18.69
CA SER C 429 -11.19 21.92 17.50
C SER C 429 -10.64 22.81 16.39
N PHE C 430 -10.87 22.40 15.15
CA PHE C 430 -10.39 23.11 14.00
C PHE C 430 -11.47 23.27 12.94
N GLY C 431 -11.24 24.10 11.95
CA GLY C 431 -12.17 24.20 10.85
C GLY C 431 -11.47 24.20 9.50
N PHE C 432 -12.06 23.48 8.53
CA PHE C 432 -11.38 23.29 7.26
C PHE C 432 -12.38 23.00 6.16
N GLU C 433 -11.87 22.87 4.94
CA GLU C 433 -12.69 22.67 3.75
C GLU C 433 -12.09 21.56 2.90
N ILE C 434 -12.98 20.68 2.40
CA ILE C 434 -12.59 19.62 1.49
C ILE C 434 -12.97 20.06 0.10
N LYS C 435 -12.06 19.91 -0.86
CA LYS C 435 -12.27 20.45 -2.21
C LYS C 435 -13.04 19.43 -3.05
N ASP C 436 -14.26 19.82 -3.45
CA ASP C 436 -15.04 19.07 -4.43
C ASP C 436 -14.71 19.60 -5.84
N LYS C 437 -15.20 18.88 -6.86
CA LYS C 437 -14.91 19.23 -8.24
C LYS C 437 -15.49 20.60 -8.62
N LYS C 438 -16.74 20.88 -8.20
CA LYS C 438 -17.44 22.07 -8.65
C LYS C 438 -17.73 23.05 -7.50
N CYS C 439 -17.61 22.61 -6.24
CA CYS C 439 -17.87 23.47 -5.11
C CYS C 439 -16.97 23.04 -3.94
N ASP C 440 -17.29 23.52 -2.74
CA ASP C 440 -16.57 23.17 -1.53
C ASP C 440 -17.55 22.76 -0.44
N VAL C 441 -17.09 21.86 0.44
CA VAL C 441 -17.89 21.45 1.59
C VAL C 441 -17.24 21.97 2.86
N PRO C 442 -17.93 22.84 3.63
CA PRO C 442 -17.45 23.26 4.94
C PRO C 442 -17.60 22.17 6.01
N CYS C 443 -16.50 21.56 6.42
CA CYS C 443 -16.48 20.50 7.41
C CYS C 443 -15.78 20.99 8.66
N ILE C 444 -16.25 20.51 9.82
CA ILE C 444 -15.62 20.89 11.09
C ILE C 444 -15.26 19.62 11.84
N GLY C 445 -14.09 19.68 12.51
CA GLY C 445 -13.59 18.50 13.20
C GLY C 445 -13.36 18.78 14.66
N ILE C 446 -13.18 17.72 15.44
CA ILE C 446 -12.88 17.85 16.86
C ILE C 446 -11.79 16.83 17.20
N GLU C 447 -10.84 17.22 18.05
CA GLU C 447 -9.89 16.31 18.67
C GLU C 447 -10.43 15.85 20.05
N MET C 448 -10.35 14.54 20.25
CA MET C 448 -10.70 13.93 21.51
C MET C 448 -9.49 13.16 22.01
N VAL C 449 -9.17 13.35 23.29
CA VAL C 449 -8.03 12.69 23.90
C VAL C 449 -8.51 11.68 24.94
N HIS C 450 -7.56 10.98 25.55
CA HIS C 450 -7.86 10.00 26.58
C HIS C 450 -7.06 10.26 27.87
N HIS C 458 -1.98 9.69 26.36
CA HIS C 458 -2.49 10.98 25.79
C HIS C 458 -2.41 10.93 24.25
N SER C 459 -3.06 9.91 23.68
CA SER C 459 -3.17 9.79 22.23
C SER C 459 -4.49 10.41 21.77
N ALA C 460 -4.43 11.03 20.58
CA ALA C 460 -5.52 11.84 20.08
C ALA C 460 -6.31 11.07 19.03
N ALA C 461 -7.64 11.11 19.18
CA ALA C 461 -8.56 10.59 18.18
C ALA C 461 -9.36 11.73 17.60
N THR C 462 -9.53 11.71 16.28
CA THR C 462 -10.15 12.84 15.56
C THR C 462 -11.49 12.41 14.97
N ALA C 463 -12.53 13.20 15.24
CA ALA C 463 -13.85 13.03 14.66
C ALA C 463 -14.17 14.17 13.73
N ILE C 464 -14.62 13.86 12.52
CA ILE C 464 -14.76 14.86 11.45
C ILE C 464 -16.16 14.92 10.94
N TYR C 465 -16.83 16.06 11.09
CA TYR C 465 -18.20 16.24 10.65
C TYR C 465 -18.24 17.17 9.43
N CYS C 466 -19.11 16.86 8.49
CA CYS C 466 -19.29 17.69 7.30
C CYS C 466 -20.74 18.08 7.13
N LEU C 467 -20.98 18.98 6.18
CA LEU C 467 -22.30 19.50 5.92
C LEU C 467 -22.93 18.72 4.77
N MET C 468 -24.09 18.11 5.02
CA MET C 468 -24.73 17.25 4.05
C MET C 468 -26.26 17.21 4.30
N GLY C 469 -27.03 17.31 3.23
CA GLY C 469 -28.47 17.14 3.34
C GLY C 469 -29.13 18.29 4.09
N SER C 470 -30.29 17.99 4.63
CA SER C 470 -31.08 18.93 5.41
C SER C 470 -31.75 18.17 6.54
N GLY C 471 -32.64 18.85 7.27
CA GLY C 471 -33.35 18.23 8.38
C GLY C 471 -32.83 18.70 9.72
N GLN C 472 -32.44 17.73 10.58
CA GLN C 472 -31.92 18.05 11.89
C GLN C 472 -30.64 17.28 12.17
N LEU C 473 -29.73 17.93 12.90
CA LEU C 473 -28.50 17.28 13.34
C LEU C 473 -28.86 16.26 14.44
N LEU C 474 -28.33 15.06 14.27
CA LEU C 474 -28.55 13.98 15.22
C LEU C 474 -27.47 14.06 16.31
N GLU D 98 16.92 17.71 -20.32
CA GLU D 98 16.29 17.23 -19.06
C GLU D 98 17.32 16.55 -18.16
N TRP D 99 18.59 16.90 -18.34
CA TRP D 99 19.68 16.22 -17.64
C TRP D 99 19.97 16.95 -16.33
N THR D 100 21.08 16.56 -15.70
CA THR D 100 21.53 17.19 -14.47
C THR D 100 22.68 18.13 -14.79
N TYR D 101 22.41 19.43 -14.63
CA TYR D 101 23.40 20.48 -14.83
C TYR D 101 23.48 21.31 -13.56
N PRO D 102 24.67 21.85 -13.22
CA PRO D 102 24.78 22.76 -12.08
C PRO D 102 24.01 24.06 -12.33
N ARG D 103 23.54 24.66 -11.24
CA ARG D 103 22.94 25.99 -11.31
C ARG D 103 23.46 26.84 -10.15
N LEU D 104 22.96 28.07 -10.04
CA LEU D 104 23.32 28.94 -8.93
C LEU D 104 22.53 28.55 -7.70
N SER D 105 23.18 28.70 -6.55
CA SER D 105 22.58 28.35 -5.27
C SER D 105 21.52 29.38 -4.88
N CYS D 106 20.48 28.92 -4.19
CA CYS D 106 19.46 29.81 -3.69
C CYS D 106 20.07 30.74 -2.64
N PRO D 107 19.58 31.97 -2.49
CA PRO D 107 20.11 32.88 -1.47
C PRO D 107 19.93 32.32 -0.05
N GLY D 108 20.90 32.68 0.79
CA GLY D 108 20.96 32.19 2.14
C GLY D 108 22.30 32.58 2.76
N SER D 109 22.28 32.74 4.10
CA SER D 109 23.45 33.24 4.81
C SER D 109 24.04 32.14 5.70
N THR D 110 23.19 31.49 6.51
CA THR D 110 23.66 30.58 7.51
C THR D 110 22.75 29.36 7.59
N PHE D 111 23.37 28.21 7.87
CA PHE D 111 22.70 26.93 8.00
C PHE D 111 21.80 26.90 9.23
N GLN D 112 20.68 26.15 9.09
CA GLN D 112 19.75 25.90 10.19
C GLN D 112 19.32 24.46 10.15
N LYS D 113 19.04 23.90 11.34
CA LYS D 113 18.66 22.51 11.45
C LYS D 113 17.37 22.29 10.66
N ALA D 114 17.27 21.14 9.99
CA ALA D 114 16.11 20.86 9.15
C ALA D 114 15.43 19.54 9.51
N LEU D 115 16.18 18.50 9.82
CA LEU D 115 15.59 17.19 9.99
C LEU D 115 16.56 16.30 10.77
N LEU D 116 16.03 15.18 11.25
CA LEU D 116 16.84 14.09 11.78
C LEU D 116 16.08 12.78 11.61
N ILE D 117 16.80 11.73 11.19
CA ILE D 117 16.26 10.40 11.08
C ILE D 117 16.91 9.50 12.12
N SER D 118 16.11 9.03 13.09
CA SER D 118 16.62 8.20 14.19
C SER D 118 15.84 6.89 14.27
N PRO D 119 16.19 5.88 13.47
CA PRO D 119 15.50 4.59 13.54
C PRO D 119 15.58 3.90 14.89
N HIS D 120 16.58 4.25 15.71
CA HIS D 120 16.77 3.57 16.99
C HIS D 120 15.62 3.80 17.96
N ARG D 121 14.93 4.94 17.86
CA ARG D 121 13.87 5.27 18.80
C ARG D 121 12.66 4.37 18.61
N PHE D 122 12.33 4.04 17.36
CA PHE D 122 11.19 3.18 17.06
C PHE D 122 11.67 1.76 16.75
N ALA D 130 10.78 -3.39 12.24
CA ALA D 130 12.17 -3.69 12.66
C ALA D 130 13.14 -2.82 11.88
N PRO D 131 13.51 -1.65 12.40
CA PRO D 131 14.62 -0.87 11.84
C PRO D 131 15.90 -1.66 11.69
N LEU D 132 16.60 -1.39 10.58
CA LEU D 132 17.79 -2.14 10.21
C LEU D 132 19.01 -1.63 10.97
N ILE D 133 20.16 -2.29 10.69
CA ILE D 133 21.44 -1.79 11.15
C ILE D 133 22.17 -1.21 9.94
N ILE D 134 22.37 0.10 9.92
CA ILE D 134 22.92 0.80 8.78
C ILE D 134 24.17 1.59 9.20
N ARG D 135 25.15 1.64 8.28
CA ARG D 135 26.33 2.45 8.48
C ARG D 135 26.75 3.06 7.14
N GLU D 136 27.57 4.11 7.23
CA GLU D 136 27.97 4.97 6.13
C GLU D 136 26.78 5.49 5.32
N PRO D 137 25.82 6.21 5.94
CA PRO D 137 24.69 6.73 5.21
C PRO D 137 25.03 7.95 4.37
N PHE D 138 24.43 8.02 3.19
CA PHE D 138 24.59 9.13 2.27
C PHE D 138 23.28 9.31 1.53
N VAL D 139 23.13 10.51 0.97
CA VAL D 139 21.92 10.86 0.27
C VAL D 139 22.30 11.56 -1.04
N ALA D 140 21.57 11.21 -2.10
CA ALA D 140 21.64 11.94 -3.37
C ALA D 140 20.23 12.28 -3.78
N CYS D 141 20.06 13.49 -4.32
CA CYS D 141 18.73 13.98 -4.65
C CYS D 141 18.58 14.10 -6.15
N GLY D 142 17.51 13.48 -6.69
CA GLY D 142 17.17 13.62 -8.08
C GLY D 142 16.34 14.86 -8.33
N PRO D 143 15.74 14.97 -9.52
CA PRO D 143 14.96 16.15 -9.84
C PRO D 143 13.71 16.31 -8.98
N ASN D 144 13.21 15.21 -8.39
CA ASN D 144 11.92 15.24 -7.72
C ASN D 144 11.92 14.53 -6.36
N GLU D 145 12.96 13.75 -6.02
CA GLU D 145 12.95 13.06 -4.73
C GLU D 145 14.38 12.81 -4.28
N CYS D 146 14.50 12.53 -2.97
CA CYS D 146 15.77 12.24 -2.35
C CYS D 146 15.70 10.85 -1.73
N LYS D 147 16.76 10.06 -1.95
CA LYS D 147 16.84 8.73 -1.37
C LYS D 147 17.94 8.67 -0.31
N HIS D 148 17.57 8.23 0.90
CA HIS D 148 18.51 8.06 1.98
C HIS D 148 19.16 6.69 1.84
N PHE D 149 20.30 6.63 1.14
CA PHE D 149 21.05 5.39 0.96
C PHE D 149 21.80 5.02 2.24
N ALA D 150 22.12 3.75 2.35
CA ALA D 150 22.80 3.21 3.51
C ALA D 150 23.28 1.80 3.19
N LEU D 151 24.06 1.21 4.12
CA LEU D 151 24.60 -0.14 3.93
C LEU D 151 24.25 -0.98 5.17
N THR D 152 23.63 -2.13 4.93
CA THR D 152 23.15 -2.98 6.01
C THR D 152 24.10 -4.15 6.22
N HIS D 153 23.85 -4.90 7.29
CA HIS D 153 24.65 -6.08 7.61
C HIS D 153 23.88 -7.33 7.18
N ARG D 169 33.13 -5.92 6.33
CA ARG D 169 33.54 -6.33 4.95
C ARG D 169 33.24 -7.83 4.75
N ASN D 170 32.14 -8.28 5.35
CA ASN D 170 31.70 -9.66 5.23
C ASN D 170 30.99 -9.87 3.89
N LYS D 171 30.52 -11.10 3.68
CA LYS D 171 29.92 -11.51 2.41
C LYS D 171 28.39 -11.40 2.45
N LEU D 172 27.86 -10.49 3.28
CA LEU D 172 26.41 -10.36 3.47
C LEU D 172 25.94 -8.92 3.29
N ARG D 173 26.84 -7.93 3.36
CA ARG D 173 26.43 -6.53 3.39
C ARG D 173 25.73 -6.13 2.09
N HIS D 174 24.57 -5.47 2.23
CA HIS D 174 23.76 -5.07 1.09
C HIS D 174 23.63 -3.55 1.07
N LEU D 175 23.36 -3.04 -0.11
CA LEU D 175 23.06 -1.63 -0.30
C LEU D 175 21.52 -1.45 -0.37
N ILE D 176 20.99 -0.58 0.47
CA ILE D 176 19.56 -0.32 0.52
C ILE D 176 19.30 1.14 0.18
N SER D 177 18.00 1.54 0.20
CA SER D 177 17.64 2.92 -0.03
C SER D 177 16.19 3.11 0.38
N VAL D 178 15.95 4.08 1.27
CA VAL D 178 14.60 4.54 1.58
C VAL D 178 14.46 6.01 1.19
N LYS D 179 13.22 6.44 0.91
CA LYS D 179 12.98 7.83 0.58
C LYS D 179 13.34 8.70 1.79
N LEU D 180 14.01 9.83 1.54
CA LEU D 180 14.47 10.66 2.63
C LEU D 180 13.27 11.18 3.43
N GLY D 181 13.36 11.08 4.77
CA GLY D 181 12.25 11.40 5.64
C GLY D 181 11.60 10.16 6.25
N LYS D 182 11.89 8.98 5.71
CA LYS D 182 11.28 7.75 6.19
C LYS D 182 12.29 6.93 7.00
N ILE D 183 11.80 6.28 8.05
CA ILE D 183 12.61 5.40 8.87
C ILE D 183 12.84 4.12 8.10
N PRO D 184 14.10 3.68 7.90
CA PRO D 184 14.38 2.49 7.08
C PRO D 184 13.95 1.18 7.70
N THR D 185 12.66 0.85 7.55
CA THR D 185 12.13 -0.42 8.02
C THR D 185 12.51 -1.54 7.08
N VAL D 186 12.14 -2.78 7.43
CA VAL D 186 12.45 -3.93 6.63
C VAL D 186 11.50 -4.01 5.43
N GLU D 187 10.34 -3.35 5.51
CA GLU D 187 9.40 -3.32 4.39
C GLU D 187 9.60 -2.08 3.51
N ASN D 188 9.97 -0.95 4.12
CA ASN D 188 10.18 0.29 3.39
C ASN D 188 11.50 0.33 2.62
N SER D 189 12.39 -0.63 2.87
CA SER D 189 13.69 -0.62 2.25
C SER D 189 13.71 -1.57 1.08
N ILE D 190 14.04 -1.04 -0.11
CA ILE D 190 14.37 -1.86 -1.27
C ILE D 190 15.86 -2.18 -1.27
N PHE D 191 16.20 -3.43 -1.48
CA PHE D 191 17.60 -3.79 -1.64
C PHE D 191 18.02 -3.49 -3.07
N HIS D 192 19.32 -3.26 -3.24
CA HIS D 192 19.84 -2.94 -4.55
C HIS D 192 20.91 -3.94 -4.97
N MET D 193 21.79 -4.36 -4.07
CA MET D 193 23.06 -4.98 -4.45
C MET D 193 23.67 -5.61 -3.22
N ALA D 194 24.86 -6.19 -3.36
CA ALA D 194 25.62 -6.76 -2.28
C ALA D 194 27.05 -6.21 -2.33
N ALA D 195 27.30 -5.11 -1.60
CA ALA D 195 28.63 -4.50 -1.57
C ALA D 195 28.97 -4.05 -0.15
N TRP D 196 30.19 -3.54 0.04
CA TRP D 196 30.54 -2.87 1.29
C TRP D 196 30.98 -1.41 1.11
N SER D 197 30.75 -0.84 -0.06
CA SER D 197 31.10 0.55 -0.30
C SER D 197 30.22 1.09 -1.41
N GLY D 198 29.33 2.03 -1.08
CA GLY D 198 28.26 2.42 -1.99
C GLY D 198 28.43 3.86 -2.47
N SER D 199 27.83 4.14 -3.61
CA SER D 199 27.79 5.46 -4.20
C SER D 199 26.62 5.56 -5.17
N ALA D 200 25.86 6.65 -5.11
CA ALA D 200 24.67 6.73 -5.95
C ALA D 200 24.37 8.18 -6.27
N CYS D 201 23.94 8.42 -7.52
CA CYS D 201 23.50 9.74 -7.93
C CYS D 201 22.61 9.61 -9.17
N HIS D 202 22.21 10.77 -9.69
CA HIS D 202 21.23 10.86 -10.75
C HIS D 202 21.88 11.52 -11.96
N ASP D 203 22.04 10.75 -13.04
CA ASP D 203 22.69 11.25 -14.23
C ASP D 203 21.78 12.21 -15.03
N GLY D 204 20.49 12.25 -14.70
CA GLY D 204 19.59 13.14 -15.39
C GLY D 204 18.22 12.54 -15.64
N LYS D 205 18.17 11.21 -15.85
CA LYS D 205 16.91 10.56 -16.15
C LYS D 205 16.56 9.45 -15.16
N GLU D 206 17.55 8.63 -14.76
CA GLU D 206 17.32 7.56 -13.80
C GLU D 206 18.52 7.42 -12.87
N TRP D 207 18.39 6.53 -11.90
CA TRP D 207 19.42 6.35 -10.89
C TRP D 207 20.63 5.56 -11.38
N THR D 208 21.78 5.85 -10.79
CA THR D 208 23.00 5.10 -11.03
C THR D 208 23.59 4.71 -9.67
N TYR D 209 24.12 3.48 -9.56
CA TYR D 209 24.72 3.00 -8.31
C TYR D 209 26.09 2.39 -8.61
N ILE D 210 26.97 2.42 -7.60
CA ILE D 210 28.28 1.80 -7.66
C ILE D 210 28.50 1.06 -6.34
N GLY D 211 29.10 -0.12 -6.40
CA GLY D 211 29.45 -0.86 -5.20
C GLY D 211 30.62 -1.81 -5.47
N VAL D 212 31.28 -2.19 -4.39
CA VAL D 212 32.47 -3.03 -4.46
C VAL D 212 32.27 -4.24 -3.56
N ASP D 213 32.56 -5.43 -4.10
CA ASP D 213 32.47 -6.66 -3.33
C ASP D 213 33.59 -7.62 -3.74
N GLY D 214 33.57 -8.81 -3.14
CA GLY D 214 34.50 -9.86 -3.48
C GLY D 214 35.44 -10.19 -2.33
N PRO D 215 36.56 -10.87 -2.62
CA PRO D 215 37.62 -11.02 -1.63
C PRO D 215 38.32 -9.68 -1.41
N ASP D 216 39.11 -9.63 -0.33
CA ASP D 216 39.80 -8.40 0.04
C ASP D 216 40.82 -8.03 -1.03
N ASN D 217 41.70 -8.96 -1.40
CA ASN D 217 42.82 -8.64 -2.27
C ASN D 217 42.37 -8.55 -3.74
N ASN D 218 41.36 -9.35 -4.10
CA ASN D 218 40.92 -9.42 -5.50
C ASN D 218 39.51 -8.87 -5.62
N ALA D 219 39.27 -7.71 -5.00
CA ALA D 219 37.95 -7.13 -4.98
C ALA D 219 37.50 -6.72 -6.37
N LEU D 220 36.22 -6.35 -6.43
CA LEU D 220 35.53 -6.13 -7.68
C LEU D 220 34.49 -5.07 -7.49
N LEU D 221 34.45 -4.10 -8.42
CA LEU D 221 33.41 -3.07 -8.44
C LEU D 221 32.37 -3.42 -9.49
N LYS D 222 31.12 -3.00 -9.25
CA LYS D 222 30.06 -3.30 -10.17
C LYS D 222 28.95 -2.26 -10.06
N VAL D 223 28.26 -2.05 -11.18
CA VAL D 223 27.37 -0.93 -11.40
C VAL D 223 25.94 -1.45 -11.59
N LYS D 224 24.97 -0.78 -10.97
CA LYS D 224 23.56 -1.04 -11.23
C LYS D 224 22.95 0.18 -11.88
N TYR D 225 22.49 0.01 -13.12
CA TYR D 225 21.93 1.10 -13.90
C TYR D 225 20.52 0.74 -14.34
N GLY D 226 19.56 1.60 -14.03
CA GLY D 226 18.15 1.30 -14.26
C GLY D 226 17.73 0.12 -13.40
N GLU D 227 17.53 -1.04 -14.05
CA GLU D 227 17.31 -2.27 -13.31
C GLU D 227 18.28 -3.38 -13.73
N ALA D 228 18.96 -3.16 -14.87
CA ALA D 228 19.85 -4.18 -15.40
C ALA D 228 21.31 -3.80 -15.14
N TYR D 229 22.04 -4.76 -14.54
CA TYR D 229 23.46 -4.61 -14.26
C TYR D 229 24.25 -4.52 -15.56
N THR D 230 25.27 -3.68 -15.55
CA THR D 230 25.96 -3.35 -16.78
C THR D 230 27.43 -3.78 -16.79
N ASP D 231 28.27 -3.28 -15.85
CA ASP D 231 29.71 -3.38 -16.03
C ASP D 231 30.47 -3.61 -14.73
N THR D 232 31.70 -4.09 -14.89
CA THR D 232 32.62 -4.35 -13.78
C THR D 232 34.01 -3.89 -14.16
N TYR D 233 34.82 -3.61 -13.14
CA TYR D 233 36.21 -3.22 -13.31
C TYR D 233 37.01 -3.81 -12.15
N HIS D 234 38.24 -4.22 -12.46
CA HIS D 234 39.07 -4.98 -11.54
C HIS D 234 40.06 -4.05 -10.82
N SER D 235 40.77 -4.65 -9.85
CA SER D 235 41.76 -3.93 -9.07
C SER D 235 43.08 -3.83 -9.83
N TYR D 236 43.94 -2.89 -9.39
CA TYR D 236 45.25 -2.72 -9.99
C TYR D 236 46.38 -2.90 -8.97
N ALA D 237 46.24 -2.32 -7.76
CA ALA D 237 47.25 -2.50 -6.73
C ALA D 237 47.05 -3.79 -5.93
N ASN D 238 45.90 -4.46 -6.12
CA ASN D 238 45.69 -5.83 -5.66
C ASN D 238 45.74 -5.94 -4.13
N ASN D 239 45.38 -4.87 -3.41
CA ASN D 239 45.30 -4.94 -1.96
C ASN D 239 43.86 -4.73 -1.48
N ILE D 240 43.32 -3.52 -1.67
CA ILE D 240 41.99 -3.15 -1.20
C ILE D 240 41.37 -2.21 -2.24
N LEU D 241 40.13 -2.49 -2.65
CA LEU D 241 39.43 -1.60 -3.57
C LEU D 241 38.25 -0.94 -2.88
N ARG D 242 38.12 0.38 -3.06
CA ARG D 242 37.08 1.15 -2.39
C ARG D 242 36.80 2.42 -3.16
N THR D 243 35.70 3.09 -2.77
CA THR D 243 35.20 4.29 -3.47
C THR D 243 34.96 5.37 -2.43
N GLN D 244 34.17 6.41 -2.78
CA GLN D 244 33.97 7.54 -1.90
C GLN D 244 33.30 7.18 -0.57
N GLU D 245 32.51 6.10 -0.59
CA GLU D 245 31.59 5.79 0.50
C GLU D 245 30.63 6.96 0.74
N SER D 246 30.21 7.59 -0.35
CA SER D 246 29.34 8.75 -0.34
C SER D 246 28.80 8.93 -1.75
N ALA D 247 28.24 10.09 -2.01
CA ALA D 247 27.56 10.29 -3.26
C ALA D 247 28.56 10.50 -4.40
N CYS D 248 27.96 10.52 -5.61
CA CYS D 248 28.66 10.78 -6.84
C CYS D 248 28.14 12.04 -7.51
N ASN D 249 28.93 12.58 -8.41
CA ASN D 249 28.64 13.79 -9.14
C ASN D 249 28.54 13.45 -10.61
N CYS D 250 27.43 13.86 -11.24
CA CYS D 250 27.29 13.61 -12.67
C CYS D 250 26.94 14.91 -13.38
N ILE D 251 27.68 15.24 -14.43
CA ILE D 251 27.39 16.43 -15.23
C ILE D 251 27.42 16.05 -16.70
N GLY D 252 26.33 16.38 -17.40
CA GLY D 252 26.25 16.14 -18.83
C GLY D 252 26.31 14.66 -19.20
N GLY D 253 25.75 13.82 -18.34
CA GLY D 253 25.67 12.38 -18.64
C GLY D 253 26.98 11.62 -18.38
N ASN D 254 28.02 12.31 -17.91
CA ASN D 254 29.29 11.67 -17.57
C ASN D 254 29.51 11.76 -16.07
N CYS D 255 29.23 10.66 -15.36
CA CYS D 255 29.29 10.63 -13.91
C CYS D 255 30.69 10.33 -13.42
N TYR D 256 31.18 11.15 -12.49
CA TYR D 256 32.56 11.08 -12.02
C TYR D 256 32.61 10.51 -10.61
N LEU D 257 33.46 9.51 -10.44
CA LEU D 257 33.64 8.83 -9.17
C LEU D 257 35.13 8.82 -8.88
N MET D 258 35.49 8.41 -7.66
CA MET D 258 36.89 8.29 -7.27
C MET D 258 37.14 6.98 -6.57
N ILE D 259 38.13 6.21 -7.05
CA ILE D 259 38.38 4.86 -6.58
C ILE D 259 39.89 4.74 -6.33
N THR D 260 40.25 4.13 -5.19
CA THR D 260 41.65 3.98 -4.85
C THR D 260 41.96 2.52 -4.57
N ASP D 261 43.25 2.18 -4.69
CA ASP D 261 43.73 0.83 -4.46
C ASP D 261 45.13 0.91 -3.84
N GLY D 262 45.33 0.14 -2.77
CA GLY D 262 46.60 0.13 -2.09
C GLY D 262 46.42 -0.23 -0.63
N SER D 263 47.38 0.22 0.19
CA SER D 263 47.43 -0.09 1.60
C SER D 263 47.06 1.14 2.43
N ALA D 264 46.42 0.90 3.59
CA ALA D 264 46.09 1.98 4.50
C ALA D 264 47.36 2.61 5.10
N SER D 265 48.35 1.76 5.44
CA SER D 265 49.59 2.21 6.03
C SER D 265 50.68 2.43 4.98
N GLY D 266 50.36 2.25 3.69
CA GLY D 266 51.36 2.38 2.64
C GLY D 266 50.97 3.43 1.62
N VAL D 267 50.88 3.01 0.35
CA VAL D 267 50.52 3.90 -0.74
C VAL D 267 49.19 3.44 -1.32
N SER D 268 48.22 4.36 -1.39
CA SER D 268 46.91 4.07 -1.92
C SER D 268 46.56 5.14 -2.96
N GLU D 269 47.01 4.93 -4.20
CA GLU D 269 46.79 5.90 -5.26
C GLU D 269 45.35 5.83 -5.73
N CYS D 270 44.82 6.99 -6.15
CA CYS D 270 43.41 7.11 -6.48
C CYS D 270 43.23 7.35 -7.98
N ARG D 271 42.04 6.99 -8.48
CA ARG D 271 41.69 7.19 -9.88
C ARG D 271 40.30 7.80 -9.98
N PHE D 272 40.07 8.54 -11.06
CA PHE D 272 38.76 9.13 -11.35
C PHE D 272 38.09 8.35 -12.48
N LEU D 273 36.84 7.94 -12.26
CA LEU D 273 36.11 7.09 -13.20
C LEU D 273 35.00 7.88 -13.89
N LYS D 274 34.91 7.77 -15.22
CA LYS D 274 33.96 8.54 -16.02
C LYS D 274 32.99 7.57 -16.69
N ILE D 275 31.82 7.43 -16.09
CA ILE D 275 30.81 6.46 -16.52
C ILE D 275 29.66 7.20 -17.17
N ARG D 276 29.24 6.71 -18.34
CA ARG D 276 28.13 7.29 -19.08
C ARG D 276 27.17 6.19 -19.49
N GLU D 277 25.90 6.37 -19.09
CA GLU D 277 24.84 5.42 -19.38
C GLU D 277 25.18 4.02 -18.87
N GLY D 278 25.81 3.96 -17.71
CA GLY D 278 26.17 2.69 -17.09
C GLY D 278 27.45 2.04 -17.63
N ARG D 279 28.17 2.71 -18.54
CA ARG D 279 29.36 2.14 -19.15
C ARG D 279 30.57 3.03 -18.85
N ILE D 280 31.70 2.41 -18.48
CA ILE D 280 32.90 3.16 -18.18
C ILE D 280 33.52 3.64 -19.49
N ILE D 281 33.83 4.95 -19.55
CA ILE D 281 34.39 5.56 -20.75
C ILE D 281 35.88 5.80 -20.61
N LYS D 282 36.30 6.51 -19.56
CA LYS D 282 37.67 6.96 -19.44
C LYS D 282 38.10 6.94 -17.98
N GLU D 283 39.41 6.80 -17.76
CA GLU D 283 40.01 6.86 -16.44
C GLU D 283 40.99 8.02 -16.39
N ILE D 284 41.15 8.58 -15.19
CA ILE D 284 41.99 9.75 -14.96
C ILE D 284 43.06 9.39 -13.93
N PHE D 285 44.31 9.70 -14.27
CA PHE D 285 45.44 9.54 -13.37
C PHE D 285 45.86 10.91 -12.85
N PRO D 286 45.69 11.19 -11.54
CA PRO D 286 46.11 12.48 -11.01
C PRO D 286 47.62 12.67 -11.03
N THR D 287 48.03 13.93 -11.07
CA THR D 287 49.44 14.32 -11.13
C THR D 287 49.82 15.08 -9.86
N GLY D 288 50.98 14.71 -9.30
CA GLY D 288 51.48 15.36 -8.11
C GLY D 288 51.59 14.37 -6.94
N ARG D 289 51.51 14.92 -5.72
CA ARG D 289 51.60 14.14 -4.51
C ARG D 289 50.34 13.28 -4.39
N VAL D 290 50.49 11.98 -4.68
CA VAL D 290 49.34 11.08 -4.73
C VAL D 290 49.56 9.86 -3.84
N LYS D 291 50.46 9.96 -2.85
CA LYS D 291 50.87 8.78 -2.11
C LYS D 291 49.80 8.28 -1.14
N HIS D 292 48.76 9.07 -0.87
CA HIS D 292 47.64 8.62 -0.07
C HIS D 292 46.44 9.52 -0.35
N THR D 293 45.32 8.91 -0.71
CA THR D 293 44.10 9.64 -1.03
C THR D 293 42.93 8.66 -0.96
N GLU D 294 41.95 8.96 -0.12
CA GLU D 294 40.81 8.07 0.07
C GLU D 294 39.66 8.83 0.73
N GLU D 295 38.46 8.27 0.62
CA GLU D 295 37.27 8.77 1.32
C GLU D 295 36.98 10.21 0.98
N CYS D 296 37.05 10.56 -0.31
CA CYS D 296 37.02 11.96 -0.73
C CYS D 296 35.60 12.45 -0.96
N THR D 297 35.29 13.60 -0.38
CA THR D 297 33.99 14.23 -0.54
C THR D 297 34.12 15.38 -1.53
N CYS D 298 33.18 15.47 -2.47
CA CYS D 298 33.32 16.30 -3.65
C CYS D 298 32.04 17.09 -3.91
N GLY D 299 32.18 18.19 -4.62
CA GLY D 299 31.04 18.99 -5.07
C GLY D 299 31.44 19.82 -6.29
N PHE D 300 30.46 20.33 -6.99
CA PHE D 300 30.68 21.17 -8.17
C PHE D 300 30.98 22.59 -7.69
N ALA D 301 32.25 22.96 -7.76
CA ALA D 301 32.63 24.36 -7.55
C ALA D 301 32.05 25.24 -8.66
N SER D 302 32.15 24.75 -9.91
CA SER D 302 31.66 25.47 -11.08
C SER D 302 31.53 24.47 -12.22
N ASN D 303 31.10 24.97 -13.38
CA ASN D 303 31.02 24.14 -14.58
C ASN D 303 32.42 23.76 -15.08
N LYS D 304 33.36 24.69 -14.94
CA LYS D 304 34.71 24.48 -15.43
C LYS D 304 35.48 23.47 -14.58
N THR D 305 35.28 23.52 -13.25
CA THR D 305 36.13 22.74 -12.34
C THR D 305 35.25 22.08 -11.28
N ILE D 306 35.52 20.81 -11.02
CA ILE D 306 34.97 20.10 -9.88
C ILE D 306 36.09 19.92 -8.87
N GLU D 307 35.78 20.13 -7.61
CA GLU D 307 36.76 19.94 -6.55
C GLU D 307 36.41 18.68 -5.74
N CYS D 308 37.29 18.38 -4.79
CA CYS D 308 37.04 17.38 -3.81
C CYS D 308 37.70 17.74 -2.48
N ALA D 309 37.36 16.98 -1.45
CA ALA D 309 37.95 17.08 -0.12
C ALA D 309 38.16 15.68 0.43
N CYS D 310 39.43 15.38 0.79
CA CYS D 310 39.87 14.02 1.04
C CYS D 310 40.29 13.81 2.48
N ARG D 311 40.83 12.61 2.75
CA ARG D 311 41.34 12.26 4.06
C ARG D 311 42.67 11.56 3.92
N ASP D 312 43.62 11.91 4.79
CA ASP D 312 44.89 11.20 4.88
C ASP D 312 44.94 10.39 6.18
N ASN D 313 45.39 9.14 6.07
CA ASN D 313 45.37 8.22 7.20
C ASN D 313 46.67 8.31 8.00
N ARG D 314 47.83 8.25 7.33
CA ARG D 314 49.08 8.09 8.04
C ARG D 314 50.02 9.27 7.91
N TYR D 315 50.07 9.93 6.74
CA TYR D 315 51.09 10.93 6.47
C TYR D 315 50.77 12.28 7.11
N THR D 316 49.64 12.89 6.73
CA THR D 316 49.36 14.29 7.05
C THR D 316 48.07 14.38 7.84
N ALA D 317 48.03 15.34 8.77
CA ALA D 317 46.83 15.65 9.53
C ALA D 317 45.97 16.70 8.83
N LYS D 318 46.06 16.80 7.50
CA LYS D 318 45.27 17.76 6.73
C LYS D 318 44.40 17.00 5.71
N ARG D 319 43.68 17.77 4.88
CA ARG D 319 42.83 17.18 3.86
C ARG D 319 43.41 17.51 2.48
N PRO D 320 43.83 16.49 1.71
CA PRO D 320 44.37 16.75 0.38
C PRO D 320 43.28 17.22 -0.57
N PHE D 321 43.52 18.38 -1.21
CA PHE D 321 42.54 18.99 -2.09
C PHE D 321 42.79 18.56 -3.53
N VAL D 322 41.70 18.16 -4.20
CA VAL D 322 41.76 17.67 -5.56
C VAL D 322 41.00 18.65 -6.44
N LYS D 323 41.57 18.96 -7.62
CA LYS D 323 40.89 19.76 -8.63
C LYS D 323 40.72 18.93 -9.89
N LEU D 324 39.46 18.77 -10.31
CA LEU D 324 39.13 18.01 -11.51
C LEU D 324 38.56 18.96 -12.57
N ASN D 325 39.02 18.77 -13.81
CA ASN D 325 38.54 19.52 -14.94
C ASN D 325 37.80 18.55 -15.88
N VAL D 326 36.56 18.87 -16.23
CA VAL D 326 35.78 17.96 -17.05
C VAL D 326 36.19 18.07 -18.53
N GLU D 327 36.68 19.23 -18.96
CA GLU D 327 37.02 19.43 -20.36
C GLU D 327 38.33 18.73 -20.73
N THR D 328 39.34 18.83 -19.85
CA THR D 328 40.66 18.30 -20.16
C THR D 328 40.93 16.95 -19.49
N ASP D 329 40.07 16.54 -18.54
CA ASP D 329 40.18 15.26 -17.85
C ASP D 329 41.53 15.12 -17.14
N THR D 330 41.93 16.19 -16.44
CA THR D 330 43.19 16.23 -15.71
C THR D 330 42.90 16.48 -14.24
N ALA D 331 43.66 15.77 -13.38
CA ALA D 331 43.51 15.88 -11.94
C ALA D 331 44.84 16.26 -11.31
N GLU D 332 44.79 17.18 -10.34
CA GLU D 332 45.96 17.55 -9.57
C GLU D 332 45.59 17.53 -8.08
N ILE D 333 46.46 16.92 -7.27
CA ILE D 333 46.20 16.74 -5.85
C ILE D 333 47.30 17.45 -5.07
N ARG D 334 46.89 18.43 -4.25
CA ARG D 334 47.79 19.15 -3.36
C ARG D 334 47.18 19.21 -1.97
N LEU D 335 47.98 19.66 -1.00
CA LEU D 335 47.53 19.76 0.38
C LEU D 335 46.99 21.15 0.65
N MET D 336 46.08 21.24 1.61
CA MET D 336 45.51 22.51 2.02
C MET D 336 46.53 23.30 2.85
N CYS D 337 46.71 24.57 2.51
CA CYS D 337 47.72 25.40 3.15
C CYS D 337 47.17 26.16 4.37
N THR D 338 45.87 26.06 4.64
CA THR D 338 45.27 26.83 5.73
C THR D 338 45.74 26.29 7.09
N ASP D 339 45.66 27.16 8.09
CA ASP D 339 46.13 26.82 9.43
C ASP D 339 45.17 25.89 10.16
N THR D 340 43.87 25.95 9.81
CA THR D 340 42.86 25.11 10.45
C THR D 340 43.00 23.68 9.92
N TYR D 341 43.70 22.84 10.66
CA TYR D 341 43.87 21.45 10.27
C TYR D 341 42.55 20.71 10.49
N LEU D 342 41.97 20.22 9.39
CA LEU D 342 40.59 19.77 9.41
C LEU D 342 40.41 18.31 9.81
N ASP D 343 41.51 17.57 9.91
CA ASP D 343 41.43 16.13 10.13
C ASP D 343 41.29 15.82 11.62
N THR D 344 41.14 14.52 11.94
CA THR D 344 41.09 14.05 13.31
C THR D 344 41.82 12.71 13.35
N PRO D 345 42.78 12.51 14.28
CA PRO D 345 43.30 13.49 15.23
C PRO D 345 44.18 14.55 14.59
N ARG D 346 44.31 15.68 15.29
CA ARG D 346 45.02 16.83 14.76
C ARG D 346 45.87 17.43 15.87
N PRO D 347 46.96 18.14 15.51
CA PRO D 347 47.67 18.96 16.47
C PRO D 347 47.01 20.32 16.67
N ASN D 348 47.66 21.18 17.44
CA ASN D 348 47.20 22.54 17.61
C ASN D 348 47.29 23.28 16.28
N ASP D 349 46.37 24.22 16.07
CA ASP D 349 46.29 24.97 14.83
C ASP D 349 47.52 25.86 14.65
N GLY D 350 48.08 25.85 13.45
CA GLY D 350 49.24 26.65 13.12
C GLY D 350 50.54 26.13 13.74
N SER D 351 50.61 24.83 14.04
CA SER D 351 51.80 24.22 14.63
C SER D 351 52.72 23.59 13.60
N ILE D 352 52.34 23.60 12.31
CA ILE D 352 53.15 23.01 11.25
C ILE D 352 53.86 24.14 10.53
N THR D 353 55.19 24.16 10.66
CA THR D 353 56.01 25.19 10.05
C THR D 353 56.46 24.78 8.67
N GLY D 354 56.98 25.76 7.91
CA GLY D 354 57.48 25.52 6.58
C GLY D 354 56.41 25.76 5.53
N PRO D 355 56.56 25.11 4.35
CA PRO D 355 55.60 25.29 3.27
C PRO D 355 54.26 24.58 3.54
N CYS D 356 53.39 24.62 2.53
CA CYS D 356 52.06 24.03 2.67
C CYS D 356 52.13 22.50 2.70
N GLU D 357 53.13 21.91 2.05
CA GLU D 357 53.18 20.46 1.88
C GLU D 357 53.88 19.76 3.03
N SER D 358 54.30 20.50 4.08
CA SER D 358 54.90 19.87 5.25
C SER D 358 53.86 19.04 5.99
N ASP D 359 54.06 17.72 6.04
CA ASP D 359 53.08 16.82 6.62
C ASP D 359 52.99 17.02 8.13
N GLY D 360 54.11 17.37 8.77
CA GLY D 360 54.13 17.57 10.22
C GLY D 360 53.99 16.25 10.97
N ASP D 361 53.72 16.38 12.26
CA ASP D 361 53.60 15.25 13.15
C ASP D 361 52.14 14.92 13.41
N LYS D 362 51.92 13.75 14.05
CA LYS D 362 50.59 13.28 14.43
C LYS D 362 49.69 13.18 13.20
N GLY D 363 50.24 12.67 12.10
CA GLY D 363 49.47 12.46 10.90
C GLY D 363 48.74 11.12 10.86
N SER D 364 48.92 10.29 11.90
CA SER D 364 48.25 9.00 11.98
C SER D 364 46.76 9.18 12.24
N GLY D 365 45.96 8.33 11.62
CA GLY D 365 44.52 8.36 11.76
C GLY D 365 43.87 9.35 10.79
N GLY D 366 42.55 9.28 10.71
CA GLY D 366 41.82 10.17 9.83
C GLY D 366 40.32 9.84 9.89
N ILE D 367 39.52 10.76 9.35
CA ILE D 367 38.09 10.59 9.27
C ILE D 367 37.58 11.46 8.12
N LYS D 368 36.48 10.99 7.50
CA LYS D 368 35.85 11.74 6.41
C LYS D 368 35.21 12.99 6.99
N GLY D 369 35.37 14.09 6.25
CA GLY D 369 34.87 15.39 6.71
C GLY D 369 33.87 15.97 5.72
N GLY D 370 32.91 16.71 6.26
CA GLY D 370 31.92 17.33 5.40
C GLY D 370 32.56 18.47 4.59
N PHE D 371 31.93 18.72 3.44
CA PHE D 371 32.40 19.70 2.49
C PHE D 371 31.33 19.95 1.44
N VAL D 372 30.98 21.24 1.23
CA VAL D 372 30.00 21.59 0.23
C VAL D 372 30.30 22.97 -0.29
N HIS D 373 29.95 23.21 -1.57
CA HIS D 373 30.19 24.48 -2.24
C HIS D 373 29.05 25.46 -1.99
N GLN D 374 29.12 26.65 -2.58
CA GLN D 374 28.05 27.64 -2.54
C GLN D 374 28.17 28.52 -3.78
N ARG D 375 27.34 28.26 -4.79
CA ARG D 375 27.49 28.87 -6.10
C ARG D 375 26.71 30.19 -6.18
N MET D 376 27.42 31.31 -6.32
CA MET D 376 26.81 32.61 -6.56
C MET D 376 27.18 33.09 -7.96
N LYS D 377 26.67 34.28 -8.32
CA LYS D 377 26.84 34.84 -9.64
C LYS D 377 28.31 35.13 -9.94
N SER D 378 29.04 35.72 -8.97
CA SER D 378 30.41 36.13 -9.20
C SER D 378 31.32 35.82 -8.02
N LYS D 379 30.94 34.88 -7.14
CA LYS D 379 31.74 34.57 -5.97
C LYS D 379 31.47 33.13 -5.54
N ILE D 380 32.51 32.47 -5.04
CA ILE D 380 32.41 31.10 -4.53
C ILE D 380 32.81 31.08 -3.07
N GLY D 381 31.92 30.55 -2.23
CA GLY D 381 32.22 30.35 -0.82
C GLY D 381 32.28 28.86 -0.51
N ARG D 382 33.02 28.53 0.55
CA ARG D 382 33.22 27.14 0.92
C ARG D 382 32.87 26.92 2.39
N TRP D 383 32.10 25.86 2.63
CA TRP D 383 31.80 25.43 3.97
C TRP D 383 32.64 24.19 4.23
N TYR D 384 33.24 24.14 5.43
CA TYR D 384 33.92 22.95 5.90
C TYR D 384 33.27 22.44 7.18
N SER D 385 33.87 21.44 7.77
CA SER D 385 33.50 20.90 9.05
C SER D 385 34.70 20.17 9.63
N ARG D 386 34.68 19.97 10.94
CA ARG D 386 35.69 19.16 11.59
C ARG D 386 35.17 18.80 12.98
N THR D 387 35.83 17.85 13.62
CA THR D 387 35.46 17.44 14.96
C THR D 387 35.89 18.52 15.96
N MET D 388 35.02 18.79 16.94
CA MET D 388 35.33 19.77 17.96
C MET D 388 36.50 19.33 18.83
N SER D 389 36.53 18.04 19.18
CA SER D 389 37.66 17.48 19.92
C SER D 389 38.90 17.40 19.03
N LYS D 390 40.07 17.34 19.67
CA LYS D 390 41.33 17.28 18.97
C LYS D 390 41.74 15.85 18.65
N THR D 391 41.31 14.88 19.47
CA THR D 391 41.78 13.51 19.36
C THR D 391 40.66 12.53 18.98
N GLU D 392 39.55 12.54 19.73
CA GLU D 392 38.52 11.52 19.54
C GLU D 392 37.36 12.06 18.70
N ARG D 393 36.53 11.12 18.21
CA ARG D 393 35.41 11.45 17.35
C ARG D 393 34.20 11.81 18.20
N MET D 394 34.13 13.09 18.57
CA MET D 394 33.10 13.57 19.47
C MET D 394 32.96 15.08 19.29
N GLY D 395 31.83 15.53 18.76
CA GLY D 395 31.55 16.95 18.61
C GLY D 395 31.71 17.41 17.17
N MET D 396 30.73 18.21 16.68
CA MET D 396 30.78 18.72 15.32
C MET D 396 30.64 20.24 15.33
N GLY D 397 31.42 20.91 14.48
CA GLY D 397 31.31 22.34 14.28
C GLY D 397 31.42 22.68 12.81
N LEU D 398 31.14 23.91 12.47
CA LEU D 398 31.16 24.38 11.08
C LEU D 398 32.12 25.55 10.97
N TYR D 399 32.95 25.54 9.95
CA TYR D 399 34.00 26.56 9.77
C TYR D 399 34.03 26.95 8.29
N VAL D 400 33.99 28.24 8.01
CA VAL D 400 33.68 28.74 6.67
C VAL D 400 34.84 29.62 6.19
N LYS D 401 35.00 29.71 4.86
CA LYS D 401 35.93 30.62 4.23
C LYS D 401 35.31 31.13 2.94
N TYR D 402 35.51 32.43 2.67
CA TYR D 402 34.97 33.08 1.49
C TYR D 402 36.08 33.31 0.46
N GLY D 403 35.96 32.58 -0.65
CA GLY D 403 36.86 32.75 -1.79
C GLY D 403 38.29 32.31 -1.47
N GLY D 404 39.21 32.86 -2.27
CA GLY D 404 40.63 32.61 -2.08
C GLY D 404 41.07 31.30 -2.73
N ASP D 405 42.39 31.08 -2.69
CA ASP D 405 42.98 29.87 -3.24
C ASP D 405 43.37 28.95 -2.08
N PRO D 406 42.74 27.78 -1.92
CA PRO D 406 43.12 26.88 -0.83
C PRO D 406 44.56 26.37 -0.90
N TRP D 407 45.11 26.28 -2.12
CA TRP D 407 46.49 25.82 -2.29
C TRP D 407 47.54 26.86 -1.93
N ALA D 408 47.13 28.12 -1.70
CA ALA D 408 48.08 29.20 -1.46
C ALA D 408 47.78 30.04 -0.21
N ASP D 409 46.56 29.96 0.34
CA ASP D 409 46.16 30.79 1.47
C ASP D 409 46.29 30.01 2.76
N SER D 410 47.01 30.61 3.73
CA SER D 410 47.18 30.05 5.06
C SER D 410 46.29 30.74 6.09
N ASP D 411 45.33 31.54 5.64
CA ASP D 411 44.45 32.28 6.53
C ASP D 411 43.54 31.33 7.29
N ALA D 412 43.22 31.69 8.54
CA ALA D 412 42.42 30.84 9.40
C ALA D 412 40.98 30.78 8.91
N LEU D 413 40.34 29.65 9.18
CA LEU D 413 38.93 29.47 8.88
C LEU D 413 38.09 30.34 9.81
N THR D 414 36.98 30.85 9.28
CA THR D 414 36.07 31.66 10.08
C THR D 414 35.08 30.76 10.80
N PHE D 415 35.12 30.76 12.13
CA PHE D 415 34.19 29.97 12.93
C PHE D 415 32.78 30.51 12.73
N SER D 416 31.82 29.59 12.50
CA SER D 416 30.45 30.01 12.22
C SER D 416 29.43 29.09 12.88
N GLY D 417 29.76 28.56 14.07
CA GLY D 417 28.73 27.91 14.87
C GLY D 417 29.11 26.52 15.35
N VAL D 418 28.17 25.92 16.09
CA VAL D 418 28.29 24.59 16.64
C VAL D 418 27.22 23.72 16.01
N MET D 419 27.65 22.62 15.38
CA MET D 419 26.74 21.72 14.69
C MET D 419 26.13 20.77 15.71
N VAL D 420 26.95 20.12 16.53
CA VAL D 420 26.50 19.18 17.53
C VAL D 420 27.13 19.56 18.86
N SER D 421 26.36 19.42 19.94
CA SER D 421 26.84 19.74 21.27
C SER D 421 27.93 18.77 21.73
N MET D 422 28.54 19.12 22.86
CA MET D 422 29.70 18.42 23.39
C MET D 422 29.34 17.02 23.93
N LYS D 423 28.05 16.67 24.03
CA LYS D 423 27.65 15.44 24.69
C LYS D 423 27.24 14.34 23.70
N GLU D 424 27.44 14.57 22.39
CA GLU D 424 27.06 13.57 21.41
C GLU D 424 28.25 13.29 20.50
N PRO D 425 28.40 12.03 20.03
CA PRO D 425 29.51 11.69 19.14
C PRO D 425 29.25 12.05 17.68
N GLY D 426 30.25 12.65 17.05
CA GLY D 426 30.15 13.01 15.66
C GLY D 426 31.01 12.16 14.73
N TRP D 427 30.36 11.23 14.04
CA TRP D 427 31.05 10.29 13.18
C TRP D 427 31.07 10.82 11.73
N TYR D 428 31.18 9.90 10.78
CA TYR D 428 31.25 10.19 9.36
C TYR D 428 30.25 11.26 8.91
N SER D 429 30.72 12.25 8.16
CA SER D 429 29.87 13.33 7.68
C SER D 429 29.94 13.41 6.16
N PHE D 430 28.96 14.06 5.56
CA PHE D 430 28.89 14.16 4.12
C PHE D 430 28.28 15.51 3.72
N GLY D 431 28.39 15.86 2.44
CA GLY D 431 27.73 17.06 1.96
C GLY D 431 27.01 16.79 0.65
N PHE D 432 25.88 17.49 0.48
CA PHE D 432 25.03 17.21 -0.67
C PHE D 432 24.16 18.41 -0.98
N GLU D 433 23.37 18.27 -2.06
CA GLU D 433 22.47 19.31 -2.55
C GLU D 433 21.09 18.72 -2.83
N ILE D 434 20.05 19.48 -2.45
CA ILE D 434 18.68 19.11 -2.76
C ILE D 434 18.24 19.99 -3.91
N LYS D 435 17.59 19.36 -4.91
CA LYS D 435 17.19 20.05 -6.13
C LYS D 435 15.89 20.84 -5.93
N ASP D 436 16.00 22.16 -6.09
CA ASP D 436 14.83 23.03 -6.14
C ASP D 436 14.45 23.29 -7.59
N LYS D 437 13.28 23.89 -7.80
CA LYS D 437 12.77 24.16 -9.13
C LYS D 437 13.64 25.15 -9.90
N LYS D 438 14.08 26.23 -9.24
CA LYS D 438 14.78 27.32 -9.94
C LYS D 438 16.22 27.49 -9.46
N CYS D 439 16.60 26.88 -8.33
CA CYS D 439 17.97 26.98 -7.84
C CYS D 439 18.31 25.70 -7.10
N ASP D 440 19.40 25.73 -6.32
CA ASP D 440 19.83 24.60 -5.52
C ASP D 440 20.14 25.05 -4.11
N VAL D 441 19.96 24.14 -3.14
CA VAL D 441 20.26 24.43 -1.74
C VAL D 441 21.42 23.56 -1.29
N PRO D 442 22.55 24.16 -0.85
CA PRO D 442 23.64 23.39 -0.25
C PRO D 442 23.37 22.99 1.19
N CYS D 443 23.26 21.69 1.45
CA CYS D 443 23.02 21.13 2.76
C CYS D 443 24.21 20.30 3.19
N ILE D 444 24.39 20.15 4.50
CA ILE D 444 25.44 19.26 5.03
C ILE D 444 24.81 18.43 6.13
N GLY D 445 25.10 17.13 6.10
CA GLY D 445 24.56 16.25 7.11
C GLY D 445 25.64 15.63 7.95
N ILE D 446 25.24 15.03 9.07
CA ILE D 446 26.16 14.34 9.95
C ILE D 446 25.50 13.04 10.39
N GLU D 447 26.29 11.97 10.48
CA GLU D 447 25.82 10.69 10.99
C GLU D 447 26.23 10.55 12.48
N MET D 448 25.26 10.10 13.29
CA MET D 448 25.50 9.86 14.70
C MET D 448 25.33 8.38 14.99
N VAL D 449 26.23 7.82 15.80
CA VAL D 449 26.19 6.40 16.15
C VAL D 449 25.96 6.26 17.65
N HIS D 450 25.86 5.01 18.11
CA HIS D 450 25.73 4.70 19.54
C HIS D 450 26.56 3.46 19.89
N HIS D 458 24.73 -0.83 17.48
CA HIS D 458 25.57 0.12 16.72
C HIS D 458 24.88 0.51 15.41
N SER D 459 23.67 1.06 15.54
CA SER D 459 22.91 1.60 14.42
C SER D 459 23.08 3.11 14.38
N ALA D 460 22.99 3.67 13.17
CA ALA D 460 23.32 5.05 12.92
C ALA D 460 22.07 5.88 12.66
N ALA D 461 22.12 7.14 13.13
CA ALA D 461 21.16 8.17 12.79
C ALA D 461 21.72 9.09 11.73
N THR D 462 20.93 10.11 11.40
CA THR D 462 21.38 11.12 10.43
C THR D 462 20.73 12.45 10.74
N ALA D 463 21.54 13.47 11.04
CA ALA D 463 21.07 14.82 11.26
C ALA D 463 21.42 15.67 10.06
N ILE D 464 20.42 16.34 9.49
CA ILE D 464 20.58 17.01 8.20
C ILE D 464 20.35 18.51 8.37
N TYR D 465 21.36 19.30 8.05
CA TYR D 465 21.27 20.76 8.14
C TYR D 465 21.34 21.36 6.73
N CYS D 466 20.51 22.37 6.48
CA CYS D 466 20.50 23.05 5.19
C CYS D 466 20.66 24.54 5.37
N LEU D 467 21.17 25.20 4.33
CA LEU D 467 21.25 26.65 4.31
C LEU D 467 19.84 27.23 4.21
N MET D 468 19.51 28.14 5.11
CA MET D 468 18.11 28.45 5.39
C MET D 468 18.07 29.86 5.99
N GLY D 469 17.55 30.81 5.23
CA GLY D 469 17.39 32.16 5.75
C GLY D 469 18.72 32.84 6.04
N SER D 470 18.71 33.70 7.06
CA SER D 470 19.89 34.46 7.43
C SER D 470 20.02 34.46 8.95
N GLY D 471 20.88 35.32 9.46
CA GLY D 471 21.00 35.52 10.90
C GLY D 471 22.24 34.84 11.48
N GLN D 472 22.05 34.01 12.51
CA GLN D 472 23.15 33.27 13.10
C GLN D 472 22.71 31.86 13.44
N LEU D 473 23.67 30.94 13.41
CA LEU D 473 23.37 29.53 13.58
C LEU D 473 23.11 29.25 15.05
N LEU D 474 21.99 28.58 15.34
CA LEU D 474 21.59 28.26 16.70
C LEU D 474 22.46 27.12 17.30
N GLU E 98 5.21 -1.71 -29.42
CA GLU E 98 5.47 -1.66 -27.96
C GLU E 98 5.38 -3.06 -27.35
N TRP E 99 5.60 -4.09 -28.18
CA TRP E 99 5.47 -5.46 -27.74
C TRP E 99 6.81 -6.00 -27.25
N THR E 100 6.89 -7.32 -27.08
CA THR E 100 8.15 -7.97 -26.75
C THR E 100 8.71 -8.64 -28.00
N TYR E 101 9.99 -8.35 -28.28
CA TYR E 101 10.70 -8.98 -29.38
C TYR E 101 12.09 -9.37 -28.89
N PRO E 102 12.69 -10.43 -29.45
CA PRO E 102 14.10 -10.72 -29.15
C PRO E 102 15.03 -9.64 -29.69
N ARG E 103 16.16 -9.43 -29.03
CA ARG E 103 17.20 -8.53 -29.50
C ARG E 103 18.57 -9.16 -29.28
N LEU E 104 19.63 -8.36 -29.44
CA LEU E 104 20.98 -8.82 -29.18
C LEU E 104 21.29 -8.62 -27.70
N SER E 105 22.14 -9.51 -27.18
CA SER E 105 22.59 -9.44 -25.80
C SER E 105 23.66 -8.36 -25.63
N CYS E 106 23.65 -7.72 -24.46
CA CYS E 106 24.65 -6.71 -24.16
C CYS E 106 26.02 -7.39 -24.07
N PRO E 107 27.10 -6.67 -24.43
CA PRO E 107 28.44 -7.24 -24.35
C PRO E 107 28.84 -7.64 -22.94
N GLY E 108 29.70 -8.65 -22.90
CA GLY E 108 30.24 -9.17 -21.65
C GLY E 108 30.88 -10.53 -21.91
N SER E 109 31.64 -10.98 -20.90
CA SER E 109 32.44 -12.18 -21.04
C SER E 109 32.03 -13.22 -20.00
N THR E 110 31.96 -12.81 -18.72
CA THR E 110 31.77 -13.78 -17.66
C THR E 110 30.78 -13.26 -16.62
N PHE E 111 30.03 -14.19 -16.03
CA PHE E 111 29.02 -13.93 -15.02
C PHE E 111 29.62 -13.41 -13.74
N GLN E 112 28.89 -12.53 -13.06
CA GLN E 112 29.30 -11.91 -11.80
C GLN E 112 28.12 -11.86 -10.84
N LYS E 113 28.41 -12.01 -9.55
CA LYS E 113 27.36 -12.04 -8.55
C LYS E 113 26.66 -10.69 -8.52
N ALA E 114 25.33 -10.68 -8.36
CA ALA E 114 24.58 -9.44 -8.49
C ALA E 114 23.65 -9.20 -7.30
N LEU E 115 23.06 -10.24 -6.73
CA LEU E 115 22.07 -10.04 -5.69
C LEU E 115 21.84 -11.37 -4.96
N LEU E 116 21.14 -11.28 -3.82
CA LEU E 116 20.57 -12.45 -3.15
C LEU E 116 19.42 -12.01 -2.26
N ILE E 117 18.32 -12.76 -2.26
CA ILE E 117 17.20 -12.49 -1.38
C ILE E 117 17.05 -13.64 -0.40
N SER E 118 17.34 -13.41 0.89
CA SER E 118 17.31 -14.47 1.89
C SER E 118 16.33 -14.11 3.02
N PRO E 119 15.05 -14.42 2.88
CA PRO E 119 14.10 -14.21 3.96
C PRO E 119 14.41 -14.97 5.25
N HIS E 120 15.23 -16.03 5.18
CA HIS E 120 15.58 -16.80 6.36
C HIS E 120 16.33 -15.97 7.40
N ARG E 121 17.10 -14.96 6.97
CA ARG E 121 17.79 -14.07 7.89
C ARG E 121 16.80 -13.29 8.77
N PHE E 122 15.70 -12.81 8.18
CA PHE E 122 14.66 -12.13 8.94
C PHE E 122 13.56 -13.11 9.35
N ALA E 130 7.08 -10.80 8.70
CA ALA E 130 6.78 -12.25 8.70
C ALA E 130 6.97 -12.80 7.29
N PRO E 131 8.19 -13.24 6.94
CA PRO E 131 8.41 -13.92 5.66
C PRO E 131 7.56 -15.16 5.51
N LEU E 132 7.11 -15.40 4.27
CA LEU E 132 6.27 -16.54 3.94
C LEU E 132 7.12 -17.80 3.77
N ILE E 133 6.46 -18.90 3.41
CA ILE E 133 7.16 -20.10 2.98
C ILE E 133 7.09 -20.18 1.46
N ILE E 134 8.23 -20.01 0.80
CA ILE E 134 8.27 -19.90 -0.65
C ILE E 134 9.07 -21.07 -1.23
N ARG E 135 8.57 -21.61 -2.35
CA ARG E 135 9.25 -22.69 -3.05
C ARG E 135 9.07 -22.50 -4.55
N GLU E 136 9.99 -23.07 -5.32
CA GLU E 136 10.04 -22.98 -6.79
C GLU E 136 10.01 -21.54 -7.30
N PRO E 137 10.94 -20.67 -6.88
CA PRO E 137 10.91 -19.29 -7.30
C PRO E 137 11.40 -19.10 -8.73
N PHE E 138 10.84 -18.09 -9.39
CA PHE E 138 11.27 -17.73 -10.75
C PHE E 138 10.97 -16.25 -10.90
N VAL E 139 11.57 -15.69 -11.94
CA VAL E 139 11.43 -14.27 -12.23
C VAL E 139 11.24 -14.11 -13.74
N ALA E 140 10.33 -13.19 -14.09
CA ALA E 140 10.16 -12.73 -15.47
C ALA E 140 10.25 -11.22 -15.46
N CYS E 141 10.94 -10.68 -16.46
CA CYS E 141 11.23 -9.25 -16.48
C CYS E 141 10.42 -8.56 -17.56
N GLY E 142 9.66 -7.54 -17.15
CA GLY E 142 8.92 -6.72 -18.09
C GLY E 142 9.79 -5.61 -18.63
N PRO E 143 9.19 -4.64 -19.34
CA PRO E 143 9.97 -3.55 -19.90
C PRO E 143 10.61 -2.66 -18.83
N ASN E 144 10.05 -2.64 -17.61
CA ASN E 144 10.46 -1.69 -16.60
C ASN E 144 10.65 -2.31 -15.21
N GLU E 145 10.18 -3.54 -14.96
CA GLU E 145 10.29 -4.11 -13.63
C GLU E 145 10.33 -5.63 -13.75
N CYS E 146 10.78 -6.25 -12.65
CA CYS E 146 10.89 -7.70 -12.56
C CYS E 146 10.27 -8.15 -11.26
N LYS E 147 9.52 -9.25 -11.28
CA LYS E 147 8.90 -9.74 -10.04
C LYS E 147 9.47 -11.10 -9.66
N HIS E 148 9.73 -11.26 -8.35
CA HIS E 148 10.20 -12.50 -7.79
C HIS E 148 9.01 -13.38 -7.43
N PHE E 149 8.58 -14.23 -8.36
CA PHE E 149 7.44 -15.13 -8.14
C PHE E 149 7.81 -16.30 -7.25
N ALA E 150 6.78 -16.96 -6.76
CA ALA E 150 6.95 -18.03 -5.77
C ALA E 150 5.64 -18.80 -5.63
N LEU E 151 5.63 -19.84 -4.80
CA LEU E 151 4.45 -20.60 -4.49
C LEU E 151 4.42 -20.83 -2.99
N THR E 152 3.44 -20.21 -2.33
CA THR E 152 3.34 -20.27 -0.88
C THR E 152 2.55 -21.50 -0.48
N HIS E 153 2.62 -21.81 0.82
CA HIS E 153 1.91 -22.94 1.38
C HIS E 153 0.57 -22.47 1.97
N ARG E 169 1.10 -30.03 -1.97
CA ARG E 169 0.47 -29.89 -3.31
C ARG E 169 -1.05 -29.90 -3.19
N ASN E 170 -1.57 -29.51 -2.01
CA ASN E 170 -2.99 -29.50 -1.78
C ASN E 170 -3.55 -28.12 -2.15
N LYS E 171 -4.79 -27.84 -1.72
CA LYS E 171 -5.50 -26.61 -2.09
C LYS E 171 -4.95 -25.36 -1.41
N LEU E 172 -4.05 -25.53 -0.43
CA LEU E 172 -3.54 -24.40 0.33
C LEU E 172 -2.59 -23.54 -0.51
N ARG E 173 -1.95 -24.13 -1.53
CA ARG E 173 -0.87 -23.46 -2.25
C ARG E 173 -1.41 -22.33 -3.12
N HIS E 174 -0.74 -21.17 -3.05
CA HIS E 174 -1.10 -20.01 -3.82
C HIS E 174 0.12 -19.51 -4.59
N LEU E 175 -0.13 -18.70 -5.59
CA LEU E 175 0.90 -18.04 -6.37
C LEU E 175 0.99 -16.57 -5.91
N ILE E 176 2.19 -16.11 -5.62
CA ILE E 176 2.42 -14.75 -5.20
C ILE E 176 3.39 -14.07 -6.17
N SER E 177 3.68 -12.79 -5.90
CA SER E 177 4.66 -12.06 -6.69
C SER E 177 5.02 -10.78 -5.96
N VAL E 178 6.30 -10.60 -5.66
CA VAL E 178 6.82 -9.33 -5.15
C VAL E 178 7.87 -8.81 -6.10
N LYS E 179 8.04 -7.49 -6.13
CA LYS E 179 9.04 -6.88 -7.02
C LYS E 179 10.43 -7.37 -6.65
N LEU E 180 11.25 -7.67 -7.66
CA LEU E 180 12.55 -8.23 -7.42
C LEU E 180 13.40 -7.24 -6.62
N GLY E 181 14.07 -7.74 -5.58
CA GLY E 181 14.80 -6.90 -4.64
C GLY E 181 14.09 -6.79 -3.30
N LYS E 182 12.82 -7.17 -3.23
CA LYS E 182 12.04 -7.02 -2.02
C LYS E 182 11.81 -8.39 -1.36
N ILE E 183 11.92 -8.42 -0.04
CA ILE E 183 11.70 -9.63 0.74
C ILE E 183 10.21 -9.90 0.79
N PRO E 184 9.74 -11.10 0.37
CA PRO E 184 8.30 -11.33 0.24
C PRO E 184 7.56 -11.46 1.57
N THR E 185 7.23 -10.31 2.16
CA THR E 185 6.49 -10.28 3.42
C THR E 185 5.02 -10.53 3.18
N VAL E 186 4.23 -10.52 4.26
CA VAL E 186 2.79 -10.72 4.18
C VAL E 186 2.13 -9.51 3.56
N GLU E 187 2.61 -8.31 3.91
CA GLU E 187 2.03 -7.08 3.39
C GLU E 187 2.40 -6.86 1.91
N ASN E 188 3.61 -7.27 1.51
CA ASN E 188 4.09 -7.01 0.16
C ASN E 188 3.61 -8.03 -0.87
N SER E 189 3.08 -9.17 -0.43
CA SER E 189 2.76 -10.26 -1.33
C SER E 189 1.37 -10.04 -1.95
N ILE E 190 1.28 -10.20 -3.27
CA ILE E 190 0.01 -10.11 -3.99
C ILE E 190 -0.40 -11.51 -4.42
N PHE E 191 -1.55 -11.97 -3.94
CA PHE E 191 -2.00 -13.32 -4.26
C PHE E 191 -2.67 -13.28 -5.64
N HIS E 192 -2.23 -14.19 -6.51
CA HIS E 192 -2.68 -14.17 -7.89
C HIS E 192 -3.67 -15.28 -8.19
N MET E 193 -3.49 -16.46 -7.62
CA MET E 193 -4.28 -17.62 -7.99
C MET E 193 -4.08 -18.69 -6.93
N ALA E 194 -4.83 -19.79 -7.05
CA ALA E 194 -4.66 -20.96 -6.23
C ALA E 194 -4.22 -22.10 -7.14
N ALA E 195 -2.88 -22.32 -7.21
CA ALA E 195 -2.34 -23.40 -8.01
C ALA E 195 -1.16 -24.04 -7.28
N TRP E 196 -0.46 -24.95 -7.96
CA TRP E 196 0.74 -25.56 -7.41
C TRP E 196 1.90 -25.61 -8.40
N SER E 197 1.76 -25.00 -9.58
CA SER E 197 2.79 -25.04 -10.59
C SER E 197 2.66 -23.79 -11.45
N GLY E 198 3.62 -22.87 -11.32
CA GLY E 198 3.41 -21.48 -11.77
C GLY E 198 4.25 -21.18 -13.01
N SER E 199 3.82 -20.15 -13.73
CA SER E 199 4.51 -19.65 -14.91
C SER E 199 3.99 -18.26 -15.23
N ALA E 200 4.89 -17.34 -15.56
CA ALA E 200 4.47 -15.96 -15.81
C ALA E 200 5.47 -15.27 -16.71
N CYS E 201 4.98 -14.41 -17.60
CA CYS E 201 5.84 -13.56 -18.39
C CYS E 201 5.03 -12.38 -18.94
N HIS E 202 5.69 -11.58 -19.75
CA HIS E 202 5.17 -10.32 -20.23
C HIS E 202 5.13 -10.36 -21.76
N ASP E 203 3.93 -10.26 -22.33
CA ASP E 203 3.76 -10.33 -23.77
C ASP E 203 4.05 -9.00 -24.45
N GLY E 204 4.29 -7.93 -23.68
CA GLY E 204 4.60 -6.64 -24.25
C GLY E 204 3.83 -5.49 -23.62
N LYS E 205 2.59 -5.77 -23.17
CA LYS E 205 1.74 -4.72 -22.66
C LYS E 205 1.33 -4.94 -21.22
N GLU E 206 0.87 -6.15 -20.87
CA GLU E 206 0.57 -6.47 -19.47
C GLU E 206 0.84 -7.94 -19.19
N TRP E 207 0.80 -8.28 -17.91
CA TRP E 207 1.26 -9.56 -17.41
C TRP E 207 0.34 -10.73 -17.75
N THR E 208 0.93 -11.91 -17.88
CA THR E 208 0.20 -13.14 -18.08
C THR E 208 0.69 -14.16 -17.04
N TYR E 209 -0.22 -14.98 -16.50
CA TYR E 209 0.13 -15.99 -15.54
C TYR E 209 -0.54 -17.32 -15.91
N ILE E 210 0.06 -18.42 -15.45
CA ILE E 210 -0.43 -19.77 -15.68
C ILE E 210 -0.27 -20.54 -14.37
N GLY E 211 -1.25 -21.38 -14.05
CA GLY E 211 -1.17 -22.28 -12.92
C GLY E 211 -2.16 -23.42 -13.10
N VAL E 212 -1.91 -24.51 -12.37
CA VAL E 212 -2.68 -25.74 -12.51
C VAL E 212 -3.14 -26.15 -11.12
N ASP E 213 -4.43 -26.53 -11.01
CA ASP E 213 -5.00 -26.99 -9.75
C ASP E 213 -6.02 -28.10 -10.04
N GLY E 214 -6.58 -28.66 -8.97
CA GLY E 214 -7.65 -29.63 -9.09
C GLY E 214 -7.31 -30.93 -8.37
N PRO E 215 -8.02 -32.02 -8.70
CA PRO E 215 -7.57 -33.34 -8.30
C PRO E 215 -6.29 -33.70 -9.06
N ASP E 216 -5.51 -34.61 -8.47
CA ASP E 216 -4.24 -35.00 -9.07
C ASP E 216 -4.46 -35.67 -10.43
N ASN E 217 -5.43 -36.57 -10.50
CA ASN E 217 -5.66 -37.35 -11.72
C ASN E 217 -6.48 -36.57 -12.76
N ASN E 218 -7.16 -35.49 -12.35
CA ASN E 218 -8.03 -34.76 -13.26
C ASN E 218 -7.84 -33.25 -13.08
N ALA E 219 -6.59 -32.81 -13.05
CA ALA E 219 -6.32 -31.39 -12.84
C ALA E 219 -6.66 -30.59 -14.09
N LEU E 220 -6.50 -29.25 -13.95
CA LEU E 220 -6.79 -28.34 -15.03
C LEU E 220 -5.84 -27.14 -14.95
N LEU E 221 -5.49 -26.60 -16.13
CA LEU E 221 -4.67 -25.38 -16.26
C LEU E 221 -5.55 -24.15 -16.10
N LYS E 222 -4.95 -23.04 -15.66
CA LYS E 222 -5.63 -21.76 -15.55
C LYS E 222 -4.77 -20.61 -16.05
N VAL E 223 -5.41 -19.56 -16.55
CA VAL E 223 -4.76 -18.38 -17.09
C VAL E 223 -5.31 -17.14 -16.38
N LYS E 224 -4.42 -16.24 -15.96
CA LYS E 224 -4.80 -14.96 -15.39
C LYS E 224 -4.19 -13.85 -16.23
N TYR E 225 -5.04 -13.13 -16.98
CA TYR E 225 -4.58 -12.12 -17.90
C TYR E 225 -5.15 -10.77 -17.47
N GLY E 226 -4.26 -9.80 -17.26
CA GLY E 226 -4.66 -8.50 -16.74
C GLY E 226 -5.21 -8.64 -15.32
N GLU E 227 -6.54 -8.53 -15.18
CA GLU E 227 -7.19 -8.85 -13.93
C GLU E 227 -8.32 -9.90 -14.09
N ALA E 228 -8.61 -10.29 -15.34
CA ALA E 228 -9.75 -11.14 -15.61
C ALA E 228 -9.28 -12.53 -16.07
N TYR E 229 -9.93 -13.54 -15.54
CA TYR E 229 -9.69 -14.94 -15.85
C TYR E 229 -10.29 -15.26 -17.21
N THR E 230 -9.56 -16.05 -17.99
CA THR E 230 -10.01 -16.31 -19.35
C THR E 230 -10.32 -17.80 -19.59
N ASP E 231 -9.32 -18.70 -19.48
CA ASP E 231 -9.48 -20.03 -20.04
C ASP E 231 -8.80 -21.12 -19.22
N THR E 232 -9.23 -22.35 -19.48
CA THR E 232 -8.71 -23.54 -18.81
C THR E 232 -8.44 -24.61 -19.86
N TYR E 233 -7.49 -25.49 -19.51
CA TYR E 233 -7.20 -26.66 -20.31
C TYR E 233 -7.17 -27.88 -19.39
N HIS E 234 -7.76 -28.98 -19.86
CA HIS E 234 -7.92 -30.19 -19.06
C HIS E 234 -6.75 -31.14 -19.22
N SER E 235 -6.90 -32.37 -18.71
CA SER E 235 -5.89 -33.40 -18.82
C SER E 235 -6.23 -34.35 -19.97
N TYR E 236 -5.21 -35.06 -20.46
CA TYR E 236 -5.40 -36.05 -21.51
C TYR E 236 -4.93 -37.45 -21.09
N ALA E 237 -3.79 -37.56 -20.40
CA ALA E 237 -3.34 -38.85 -19.89
C ALA E 237 -3.93 -39.17 -18.51
N ASN E 238 -4.58 -38.19 -17.88
CA ASN E 238 -5.37 -38.39 -16.68
C ASN E 238 -4.54 -38.89 -15.50
N ASN E 239 -3.25 -38.52 -15.42
CA ASN E 239 -2.44 -38.91 -14.28
C ASN E 239 -1.98 -37.72 -13.47
N ILE E 240 -1.17 -36.82 -14.06
CA ILE E 240 -0.69 -35.61 -13.41
C ILE E 240 -0.56 -34.54 -14.48
N LEU E 241 -1.03 -33.31 -14.17
CA LEU E 241 -0.81 -32.19 -15.08
C LEU E 241 0.13 -31.16 -14.46
N ARG E 242 1.11 -30.68 -15.24
CA ARG E 242 2.11 -29.74 -14.74
C ARG E 242 2.75 -28.98 -15.88
N THR E 243 3.43 -27.88 -15.53
CA THR E 243 4.07 -26.98 -16.50
C THR E 243 5.55 -26.82 -16.14
N GLN E 244 6.21 -25.76 -16.66
CA GLN E 244 7.64 -25.58 -16.50
C GLN E 244 8.05 -25.40 -15.06
N GLU E 245 7.17 -24.82 -14.24
CA GLU E 245 7.59 -24.26 -12.94
C GLU E 245 8.67 -23.18 -13.14
N SER E 246 8.52 -22.40 -14.21
CA SER E 246 9.46 -21.37 -14.62
C SER E 246 8.75 -20.42 -15.55
N ALA E 247 9.53 -19.53 -16.12
CA ALA E 247 8.95 -18.48 -16.94
C ALA E 247 8.55 -18.99 -18.32
N CYS E 248 7.84 -18.08 -19.01
CA CYS E 248 7.40 -18.32 -20.36
C CYS E 248 8.03 -17.33 -21.33
N ASN E 249 8.07 -17.73 -22.59
CA ASN E 249 8.68 -16.98 -23.66
C ASN E 249 7.60 -16.59 -24.64
N CYS E 250 7.46 -15.29 -24.89
CA CYS E 250 6.36 -14.82 -25.72
C CYS E 250 6.90 -13.92 -26.82
N ILE E 251 6.55 -14.23 -28.07
CA ILE E 251 6.98 -13.43 -29.21
C ILE E 251 5.77 -13.02 -30.05
N GLY E 252 5.69 -11.72 -30.35
CA GLY E 252 4.64 -11.21 -31.21
C GLY E 252 3.24 -11.41 -30.63
N GLY E 253 3.13 -11.40 -29.30
CA GLY E 253 1.87 -11.65 -28.64
C GLY E 253 1.44 -13.11 -28.62
N ASN E 254 2.23 -14.01 -29.22
CA ASN E 254 1.95 -15.43 -29.22
C ASN E 254 2.89 -16.12 -28.23
N CYS E 255 2.37 -16.40 -27.03
CA CYS E 255 3.19 -16.87 -25.92
C CYS E 255 3.25 -18.39 -25.92
N TYR E 256 4.45 -18.94 -25.70
CA TYR E 256 4.70 -20.38 -25.82
C TYR E 256 5.00 -21.00 -24.47
N LEU E 257 4.30 -22.08 -24.15
CA LEU E 257 4.42 -22.74 -22.85
C LEU E 257 4.52 -24.23 -23.11
N MET E 258 4.65 -25.00 -22.02
CA MET E 258 4.76 -26.45 -22.06
C MET E 258 3.99 -27.06 -20.90
N ILE E 259 3.17 -28.06 -21.18
CA ILE E 259 2.56 -28.90 -20.16
C ILE E 259 2.74 -30.34 -20.58
N THR E 260 2.75 -31.23 -19.58
CA THR E 260 2.85 -32.67 -19.83
C THR E 260 1.82 -33.41 -18.98
N ASP E 261 1.49 -34.63 -19.41
CA ASP E 261 0.57 -35.48 -18.68
C ASP E 261 1.03 -36.93 -18.80
N GLY E 262 1.03 -37.62 -17.66
CA GLY E 262 1.46 -39.00 -17.63
C GLY E 262 2.04 -39.34 -16.27
N SER E 263 2.87 -40.39 -16.25
CA SER E 263 3.45 -40.91 -15.03
C SER E 263 4.89 -40.41 -14.88
N ALA E 264 5.29 -40.20 -13.62
CA ALA E 264 6.67 -39.82 -13.31
C ALA E 264 7.63 -40.98 -13.63
N SER E 265 7.21 -42.21 -13.32
CA SER E 265 8.02 -43.40 -13.54
C SER E 265 7.73 -44.07 -14.88
N GLY E 266 6.82 -43.50 -15.68
CA GLY E 266 6.43 -44.13 -16.93
C GLY E 266 6.61 -43.20 -18.12
N VAL E 267 5.51 -42.97 -18.85
CA VAL E 267 5.51 -42.12 -20.03
C VAL E 267 4.75 -40.84 -19.72
N SER E 268 5.39 -39.70 -19.94
CA SER E 268 4.79 -38.40 -19.71
C SER E 268 5.03 -37.54 -20.95
N GLU E 269 4.12 -37.64 -21.92
CA GLU E 269 4.29 -36.93 -23.18
C GLU E 269 4.00 -35.45 -22.97
N CYS E 270 4.77 -34.60 -23.66
CA CYS E 270 4.72 -33.17 -23.46
C CYS E 270 4.15 -32.49 -24.69
N ARG E 271 3.66 -31.26 -24.51
CA ARG E 271 3.09 -30.48 -25.59
C ARG E 271 3.46 -29.01 -25.42
N PHE E 272 3.36 -28.27 -26.53
CA PHE E 272 3.52 -26.82 -26.52
C PHE E 272 2.17 -26.11 -26.61
N LEU E 273 2.13 -24.88 -26.08
CA LEU E 273 0.92 -24.03 -26.12
C LEU E 273 1.22 -22.76 -26.91
N LYS E 274 0.20 -22.18 -27.52
CA LYS E 274 0.32 -20.90 -28.21
C LYS E 274 -0.86 -20.03 -27.79
N ILE E 275 -0.61 -19.16 -26.82
CA ILE E 275 -1.64 -18.34 -26.17
C ILE E 275 -1.44 -16.89 -26.56
N ARG E 276 -2.53 -16.25 -27.01
CA ARG E 276 -2.51 -14.84 -27.38
C ARG E 276 -3.66 -14.14 -26.67
N GLU E 277 -3.40 -12.92 -26.18
CA GLU E 277 -4.33 -12.11 -25.38
C GLU E 277 -4.95 -12.88 -24.20
N GLY E 278 -4.35 -14.00 -23.80
CA GLY E 278 -4.93 -14.81 -22.75
C GLY E 278 -5.78 -15.99 -23.23
N ARG E 279 -5.83 -16.27 -24.54
CA ARG E 279 -6.65 -17.34 -25.07
C ARG E 279 -5.75 -18.37 -25.78
N ILE E 280 -6.03 -19.66 -25.55
CA ILE E 280 -5.27 -20.73 -26.19
C ILE E 280 -5.68 -20.81 -27.65
N ILE E 281 -4.69 -20.76 -28.55
CA ILE E 281 -4.94 -20.73 -29.98
C ILE E 281 -4.56 -22.05 -30.64
N LYS E 282 -3.29 -22.44 -30.55
CA LYS E 282 -2.78 -23.59 -31.28
C LYS E 282 -1.99 -24.49 -30.33
N GLU E 283 -2.06 -25.80 -30.62
CA GLU E 283 -1.33 -26.80 -29.87
C GLU E 283 -0.32 -27.49 -30.77
N ILE E 284 0.82 -27.88 -30.19
CA ILE E 284 1.93 -28.44 -30.93
C ILE E 284 2.25 -29.81 -30.37
N PHE E 285 2.38 -30.79 -31.26
CA PHE E 285 2.75 -32.15 -30.87
C PHE E 285 4.17 -32.43 -31.31
N PRO E 286 5.12 -32.59 -30.37
CA PRO E 286 6.50 -32.90 -30.74
C PRO E 286 6.67 -34.27 -31.39
N THR E 287 7.73 -34.39 -32.19
CA THR E 287 8.06 -35.59 -32.92
C THR E 287 9.42 -36.13 -32.48
N GLY E 288 9.49 -37.45 -32.35
CA GLY E 288 10.74 -38.11 -31.99
C GLY E 288 10.63 -38.85 -30.66
N ARG E 289 11.78 -39.03 -29.99
CA ARG E 289 11.82 -39.66 -28.69
C ARG E 289 11.17 -38.73 -27.67
N VAL E 290 9.91 -39.02 -27.34
CA VAL E 290 9.13 -38.12 -26.49
C VAL E 290 8.67 -38.79 -25.21
N LYS E 291 9.29 -39.92 -24.85
CA LYS E 291 8.70 -40.80 -23.86
C LYS E 291 8.78 -40.26 -22.43
N HIS E 292 9.60 -39.25 -22.19
CA HIS E 292 9.65 -38.60 -20.89
C HIS E 292 10.29 -37.23 -21.05
N THR E 293 9.56 -36.18 -20.69
CA THR E 293 10.02 -34.81 -20.89
C THR E 293 9.18 -33.91 -20.00
N GLU E 294 9.83 -33.13 -19.15
CA GLU E 294 9.14 -32.24 -18.23
C GLU E 294 10.12 -31.22 -17.66
N GLU E 295 9.58 -30.16 -17.06
CA GLU E 295 10.36 -29.17 -16.32
C GLU E 295 11.39 -28.51 -17.23
N CYS E 296 11.00 -28.17 -18.46
CA CYS E 296 11.95 -27.68 -19.45
C CYS E 296 12.14 -26.17 -19.36
N THR E 297 13.38 -25.73 -19.13
CA THR E 297 13.71 -24.33 -19.11
C THR E 297 14.10 -23.92 -20.52
N CYS E 298 13.50 -22.81 -21.00
CA CYS E 298 13.57 -22.44 -22.39
C CYS E 298 14.07 -21.01 -22.52
N GLY E 299 14.72 -20.75 -23.65
CA GLY E 299 15.19 -19.42 -23.95
C GLY E 299 15.20 -19.21 -25.46
N PHE E 300 15.12 -17.96 -25.88
CA PHE E 300 15.11 -17.60 -27.28
C PHE E 300 16.55 -17.68 -27.82
N ALA E 301 16.83 -18.78 -28.51
CA ALA E 301 18.11 -18.91 -29.19
C ALA E 301 18.20 -17.90 -30.34
N SER E 302 17.09 -17.71 -31.06
CA SER E 302 17.06 -16.81 -32.20
C SER E 302 15.61 -16.38 -32.45
N ASN E 303 15.42 -15.58 -33.50
CA ASN E 303 14.08 -15.18 -33.91
C ASN E 303 13.28 -16.37 -34.46
N LYS E 304 13.97 -17.26 -35.18
CA LYS E 304 13.28 -18.36 -35.86
C LYS E 304 13.21 -19.63 -35.01
N THR E 305 13.99 -19.72 -33.93
CA THR E 305 14.10 -20.95 -33.18
C THR E 305 14.05 -20.66 -31.68
N ILE E 306 13.25 -21.43 -30.96
CA ILE E 306 13.28 -21.43 -29.50
C ILE E 306 13.75 -22.80 -29.09
N GLU E 307 14.68 -22.82 -28.14
CA GLU E 307 15.18 -24.07 -27.60
C GLU E 307 14.62 -24.29 -26.19
N CYS E 308 14.87 -25.47 -25.66
CA CYS E 308 14.62 -25.74 -24.28
C CYS E 308 15.67 -26.70 -23.72
N ALA E 309 15.68 -26.84 -22.40
CA ALA E 309 16.49 -27.81 -21.69
C ALA E 309 15.65 -28.51 -20.65
N CYS E 310 15.49 -29.82 -20.78
CA CYS E 310 14.50 -30.61 -20.05
C CYS E 310 15.15 -31.49 -19.00
N ARG E 311 14.31 -32.30 -18.36
CA ARG E 311 14.77 -33.23 -17.34
C ARG E 311 14.10 -34.58 -17.56
N ASP E 312 14.90 -35.65 -17.54
CA ASP E 312 14.37 -37.00 -17.55
C ASP E 312 14.46 -37.61 -16.16
N ASN E 313 13.36 -38.19 -15.70
CA ASN E 313 13.29 -38.75 -14.36
C ASN E 313 13.75 -40.21 -14.32
N ARG E 314 13.38 -41.01 -15.31
CA ARG E 314 13.53 -42.46 -15.22
C ARG E 314 14.56 -43.04 -16.21
N TYR E 315 14.60 -42.53 -17.44
CA TYR E 315 15.29 -43.24 -18.51
C TYR E 315 16.76 -42.82 -18.61
N THR E 316 17.01 -41.53 -18.86
CA THR E 316 18.32 -41.04 -19.26
C THR E 316 18.82 -40.03 -18.24
N ALA E 317 20.13 -40.08 -17.99
CA ALA E 317 20.81 -39.14 -17.10
C ALA E 317 21.27 -37.87 -17.83
N LYS E 318 20.61 -37.52 -18.93
CA LYS E 318 20.93 -36.34 -19.70
C LYS E 318 19.74 -35.38 -19.72
N ARG E 319 19.85 -34.30 -20.50
CA ARG E 319 18.76 -33.36 -20.69
C ARG E 319 18.24 -33.48 -22.13
N PRO E 320 16.96 -33.86 -22.30
CA PRO E 320 16.40 -33.89 -23.64
C PRO E 320 16.24 -32.48 -24.22
N PHE E 321 16.81 -32.27 -25.40
CA PHE E 321 16.81 -30.97 -26.04
C PHE E 321 15.61 -30.84 -26.97
N VAL E 322 14.89 -29.72 -26.82
CA VAL E 322 13.73 -29.43 -27.62
C VAL E 322 14.04 -28.24 -28.51
N LYS E 323 13.59 -28.30 -29.77
CA LYS E 323 13.65 -27.16 -30.68
C LYS E 323 12.24 -26.81 -31.12
N LEU E 324 11.86 -25.54 -30.94
CA LEU E 324 10.61 -24.99 -31.43
C LEU E 324 10.89 -24.03 -32.59
N ASN E 325 10.01 -24.08 -33.59
CA ASN E 325 10.05 -23.16 -34.71
C ASN E 325 8.77 -22.33 -34.68
N VAL E 326 8.89 -21.02 -34.45
CA VAL E 326 7.72 -20.16 -34.35
C VAL E 326 7.00 -20.03 -35.69
N GLU E 327 7.72 -20.19 -36.81
CA GLU E 327 7.10 -20.03 -38.11
C GLU E 327 6.22 -21.23 -38.49
N THR E 328 6.67 -22.44 -38.14
CA THR E 328 6.00 -23.65 -38.58
C THR E 328 5.29 -24.40 -37.44
N ASP E 329 5.57 -24.05 -36.18
CA ASP E 329 4.97 -24.68 -35.02
C ASP E 329 5.25 -26.19 -34.99
N THR E 330 6.50 -26.56 -35.27
CA THR E 330 6.94 -27.95 -35.24
C THR E 330 7.98 -28.11 -34.14
N ALA E 331 7.81 -29.19 -33.35
CA ALA E 331 8.69 -29.46 -32.23
C ALA E 331 9.40 -30.80 -32.44
N GLU E 332 10.70 -30.82 -32.14
CA GLU E 332 11.49 -32.04 -32.20
C GLU E 332 12.28 -32.18 -30.90
N ILE E 333 12.25 -33.40 -30.34
CA ILE E 333 12.91 -33.70 -29.10
C ILE E 333 14.01 -34.72 -29.35
N ARG E 334 15.25 -34.31 -29.08
CA ARG E 334 16.42 -35.18 -29.16
C ARG E 334 17.23 -35.00 -27.88
N LEU E 335 18.13 -35.94 -27.63
CA LEU E 335 18.95 -35.87 -26.43
C LEU E 335 20.18 -35.01 -26.71
N MET E 336 20.63 -34.31 -25.67
CA MET E 336 21.86 -33.52 -25.78
C MET E 336 23.05 -34.46 -25.85
N CYS E 337 23.84 -34.30 -26.91
CA CYS E 337 24.74 -35.35 -27.36
C CYS E 337 26.11 -35.28 -26.68
N THR E 338 26.39 -34.23 -25.90
CA THR E 338 27.72 -34.05 -25.34
C THR E 338 28.01 -35.11 -24.27
N ASP E 339 29.29 -35.22 -23.91
CA ASP E 339 29.74 -36.13 -22.87
C ASP E 339 29.39 -35.63 -21.48
N THR E 340 29.19 -34.32 -21.31
CA THR E 340 28.85 -33.76 -20.01
C THR E 340 27.39 -34.06 -19.68
N TYR E 341 27.17 -34.85 -18.62
CA TYR E 341 25.83 -35.24 -18.24
C TYR E 341 25.31 -34.21 -17.26
N LEU E 342 24.42 -33.33 -17.75
CA LEU E 342 23.99 -32.18 -16.97
C LEU E 342 23.04 -32.57 -15.82
N ASP E 343 22.42 -33.75 -15.89
CA ASP E 343 21.39 -34.12 -14.93
C ASP E 343 22.04 -34.56 -13.61
N THR E 344 21.19 -34.76 -12.60
CA THR E 344 21.61 -35.27 -11.31
C THR E 344 20.51 -36.22 -10.85
N PRO E 345 20.81 -37.48 -10.46
CA PRO E 345 22.17 -38.06 -10.40
C PRO E 345 22.71 -38.44 -11.77
N ARG E 346 24.05 -38.54 -11.84
CA ARG E 346 24.73 -38.78 -13.10
C ARG E 346 25.80 -39.83 -12.88
N PRO E 347 26.23 -40.53 -13.95
CA PRO E 347 27.44 -41.35 -13.86
C PRO E 347 28.69 -40.51 -14.08
N ASN E 348 29.83 -41.19 -14.17
CA ASN E 348 31.07 -40.51 -14.53
C ASN E 348 30.97 -39.99 -15.96
N ASP E 349 31.60 -38.85 -16.21
CA ASP E 349 31.50 -38.18 -17.51
C ASP E 349 32.16 -39.01 -18.60
N GLY E 350 31.48 -39.14 -19.74
CA GLY E 350 32.00 -39.89 -20.87
C GLY E 350 31.98 -41.40 -20.66
N SER E 351 31.08 -41.90 -19.81
CA SER E 351 30.98 -43.33 -19.54
C SER E 351 29.91 -44.03 -20.39
N ILE E 352 29.16 -43.29 -21.20
CA ILE E 352 28.11 -43.86 -22.03
C ILE E 352 28.64 -43.98 -23.45
N THR E 353 28.67 -45.22 -23.95
CA THR E 353 29.22 -45.52 -25.26
C THR E 353 28.09 -45.76 -26.27
N GLY E 354 28.50 -46.06 -27.51
CA GLY E 354 27.57 -46.43 -28.57
C GLY E 354 27.12 -45.21 -29.36
N PRO E 355 25.94 -45.30 -29.99
CA PRO E 355 25.36 -44.11 -30.62
C PRO E 355 24.90 -43.10 -29.57
N CYS E 356 24.68 -41.86 -30.00
CA CYS E 356 24.51 -40.77 -29.06
C CYS E 356 23.17 -40.81 -28.34
N GLU E 357 22.18 -41.52 -28.89
CA GLU E 357 20.89 -41.66 -28.24
C GLU E 357 20.86 -42.82 -27.23
N SER E 358 22.02 -43.39 -26.91
CA SER E 358 22.12 -44.44 -25.90
C SER E 358 21.76 -43.89 -24.51
N ASP E 359 20.89 -44.59 -23.80
CA ASP E 359 20.41 -44.10 -22.52
C ASP E 359 21.50 -44.20 -21.45
N GLY E 360 22.19 -45.34 -21.40
CA GLY E 360 23.18 -45.56 -20.36
C GLY E 360 22.53 -45.96 -19.05
N ASP E 361 23.38 -46.13 -18.03
CA ASP E 361 22.96 -46.56 -16.71
C ASP E 361 22.72 -45.37 -15.80
N LYS E 362 22.06 -45.64 -14.67
CA LYS E 362 21.76 -44.65 -13.64
C LYS E 362 20.95 -43.48 -14.23
N GLY E 363 19.97 -43.83 -15.08
CA GLY E 363 19.09 -42.85 -15.65
C GLY E 363 17.92 -42.46 -14.74
N SER E 364 17.79 -43.14 -13.59
CA SER E 364 16.76 -42.82 -12.63
C SER E 364 17.09 -41.49 -11.94
N GLY E 365 16.05 -40.78 -11.51
CA GLY E 365 16.19 -39.50 -10.86
C GLY E 365 16.35 -38.37 -11.87
N GLY E 366 16.23 -37.14 -11.36
CA GLY E 366 16.37 -35.98 -12.21
C GLY E 366 16.26 -34.70 -11.38
N ILE E 367 16.67 -33.59 -12.01
CA ILE E 367 16.62 -32.29 -11.39
C ILE E 367 16.51 -31.23 -12.48
N LYS E 368 15.88 -30.11 -12.12
CA LYS E 368 15.77 -28.99 -13.05
C LYS E 368 17.14 -28.33 -13.17
N GLY E 369 17.45 -27.85 -14.38
CA GLY E 369 18.74 -27.26 -14.67
C GLY E 369 18.59 -25.87 -15.25
N GLY E 370 19.50 -24.97 -14.86
CA GLY E 370 19.49 -23.65 -15.46
C GLY E 370 20.07 -23.75 -16.88
N PHE E 371 19.65 -22.78 -17.71
CA PHE E 371 20.02 -22.72 -19.11
C PHE E 371 19.66 -21.34 -19.66
N VAL E 372 20.63 -20.64 -20.26
CA VAL E 372 20.38 -19.33 -20.82
C VAL E 372 21.29 -19.12 -22.02
N HIS E 373 20.77 -18.39 -23.02
CA HIS E 373 21.47 -18.14 -24.27
C HIS E 373 22.43 -16.96 -24.16
N GLN E 374 23.10 -16.62 -25.26
CA GLN E 374 23.90 -15.42 -25.36
C GLN E 374 23.90 -14.98 -26.83
N ARG E 375 23.06 -13.99 -27.15
CA ARG E 375 22.80 -13.60 -28.53
C ARG E 375 23.80 -12.55 -29.00
N MET E 376 24.62 -12.92 -29.98
CA MET E 376 25.52 -11.99 -30.65
C MET E 376 25.06 -11.80 -32.10
N LYS E 377 25.82 -10.98 -32.84
CA LYS E 377 25.44 -10.61 -34.20
C LYS E 377 25.46 -11.81 -35.13
N SER E 378 26.50 -12.66 -35.02
CA SER E 378 26.65 -13.79 -35.93
C SER E 378 27.10 -15.06 -35.21
N LYS E 379 26.86 -15.16 -33.90
CA LYS E 379 27.31 -16.32 -33.14
C LYS E 379 26.42 -16.53 -31.93
N ILE E 380 26.20 -17.79 -31.57
CA ILE E 380 25.36 -18.17 -30.44
C ILE E 380 26.18 -19.03 -29.49
N GLY E 381 26.20 -18.65 -28.21
CA GLY E 381 26.82 -19.47 -27.19
C GLY E 381 25.81 -19.93 -26.17
N ARG E 382 26.19 -20.95 -25.39
CA ARG E 382 25.29 -21.52 -24.39
C ARG E 382 25.96 -21.61 -23.03
N TRP E 383 25.21 -21.26 -22.00
CA TRP E 383 25.62 -21.42 -20.65
C TRP E 383 24.78 -22.52 -20.05
N TYR E 384 25.45 -23.50 -19.42
CA TYR E 384 24.78 -24.54 -18.65
C TYR E 384 25.13 -24.40 -17.17
N SER E 385 24.39 -25.09 -16.34
CA SER E 385 24.70 -25.28 -14.94
C SER E 385 24.40 -26.73 -14.56
N ARG E 386 25.07 -27.20 -13.53
CA ARG E 386 24.78 -28.54 -13.04
C ARG E 386 25.31 -28.64 -11.60
N THR E 387 24.89 -29.66 -10.89
CA THR E 387 25.35 -29.91 -9.55
C THR E 387 26.79 -30.42 -9.57
N MET E 388 27.58 -29.93 -8.63
CA MET E 388 28.96 -30.39 -8.47
C MET E 388 29.00 -31.84 -8.00
N SER E 389 28.12 -32.19 -7.05
CA SER E 389 28.06 -33.55 -6.55
C SER E 389 27.46 -34.48 -7.62
N LYS E 390 27.94 -35.72 -7.66
CA LYS E 390 27.50 -36.68 -8.65
C LYS E 390 26.12 -37.25 -8.30
N THR E 391 25.82 -37.37 -7.00
CA THR E 391 24.62 -38.07 -6.55
C THR E 391 23.60 -37.11 -5.92
N GLU E 392 24.04 -36.35 -4.91
CA GLU E 392 23.14 -35.50 -4.15
C GLU E 392 23.12 -34.08 -4.71
N ARG E 393 22.05 -33.36 -4.40
CA ARG E 393 21.87 -32.00 -4.92
C ARG E 393 22.54 -31.02 -3.97
N MET E 394 23.86 -30.85 -4.18
CA MET E 394 24.68 -30.02 -3.33
C MET E 394 25.71 -29.32 -4.22
N GLY E 395 25.63 -27.99 -4.31
CA GLY E 395 26.64 -27.20 -4.99
C GLY E 395 26.29 -26.95 -6.47
N MET E 396 26.66 -25.76 -6.96
CA MET E 396 26.47 -25.41 -8.36
C MET E 396 27.80 -25.00 -9.00
N GLY E 397 27.82 -25.08 -10.33
CA GLY E 397 28.93 -24.61 -11.13
C GLY E 397 28.42 -23.82 -12.32
N LEU E 398 29.23 -23.75 -13.36
CA LEU E 398 28.86 -23.18 -14.65
C LEU E 398 29.77 -23.79 -15.71
N TYR E 399 29.18 -24.24 -16.81
CA TYR E 399 29.89 -24.95 -17.87
C TYR E 399 29.41 -24.41 -19.20
N VAL E 400 30.34 -24.01 -20.07
CA VAL E 400 30.01 -23.21 -21.25
C VAL E 400 30.44 -23.94 -22.52
N LYS E 401 29.77 -23.64 -23.63
CA LYS E 401 30.18 -24.11 -24.95
C LYS E 401 29.84 -23.02 -25.96
N TYR E 402 30.74 -22.81 -26.93
CA TYR E 402 30.58 -21.79 -27.96
C TYR E 402 30.24 -22.45 -29.29
N GLY E 403 29.04 -22.17 -29.78
CA GLY E 403 28.59 -22.64 -31.07
C GLY E 403 28.40 -24.16 -31.11
N GLY E 404 28.35 -24.68 -32.33
CA GLY E 404 28.21 -26.11 -32.55
C GLY E 404 26.77 -26.58 -32.49
N ASP E 405 26.57 -27.85 -32.86
CA ASP E 405 25.26 -28.46 -32.86
C ASP E 405 25.13 -29.35 -31.63
N PRO E 406 24.21 -29.05 -30.69
CA PRO E 406 24.04 -29.88 -29.51
C PRO E 406 23.62 -31.32 -29.82
N TRP E 407 22.96 -31.54 -30.96
CA TRP E 407 22.49 -32.87 -31.31
C TRP E 407 23.57 -33.79 -31.87
N ALA E 408 24.74 -33.24 -32.24
CA ALA E 408 25.77 -34.02 -32.93
C ALA E 408 27.15 -33.92 -32.28
N ASP E 409 27.40 -32.91 -31.43
CA ASP E 409 28.71 -32.69 -30.85
C ASP E 409 28.81 -33.40 -29.51
N SER E 410 29.84 -34.26 -29.37
CA SER E 410 30.11 -34.98 -28.14
C SER E 410 31.26 -34.34 -27.35
N ASP E 411 31.70 -33.15 -27.75
CA ASP E 411 32.81 -32.48 -27.09
C ASP E 411 32.40 -32.04 -25.70
N ALA E 412 33.36 -32.06 -24.77
CA ALA E 412 33.10 -31.73 -23.39
C ALA E 412 32.79 -30.24 -23.23
N LEU E 413 32.00 -29.94 -22.21
CA LEU E 413 31.70 -28.56 -21.85
C LEU E 413 32.95 -27.91 -21.25
N THR E 414 33.15 -26.64 -21.55
CA THR E 414 34.27 -25.89 -21.00
C THR E 414 33.91 -25.39 -19.60
N PHE E 415 34.68 -25.79 -18.60
CA PHE E 415 34.49 -25.30 -17.24
C PHE E 415 34.79 -23.80 -17.20
N SER E 416 33.88 -23.04 -16.58
CA SER E 416 34.03 -21.59 -16.55
C SER E 416 33.64 -20.99 -15.20
N GLY E 417 33.89 -21.74 -14.11
CA GLY E 417 33.76 -21.15 -12.80
C GLY E 417 33.04 -22.06 -11.83
N VAL E 418 33.04 -21.64 -10.56
CA VAL E 418 32.33 -22.29 -9.49
C VAL E 418 31.26 -21.31 -9.01
N MET E 419 30.00 -21.76 -9.08
CA MET E 419 28.89 -20.88 -8.78
C MET E 419 28.65 -20.83 -7.28
N VAL E 420 28.47 -22.01 -6.68
CA VAL E 420 28.23 -22.11 -5.26
C VAL E 420 29.21 -23.11 -4.68
N SER E 421 29.80 -22.75 -3.54
CA SER E 421 30.76 -23.64 -2.88
C SER E 421 30.05 -24.86 -2.31
N MET E 422 30.85 -25.84 -1.92
CA MET E 422 30.36 -27.15 -1.53
C MET E 422 29.75 -27.16 -0.13
N LYS E 423 29.54 -26.00 0.50
CA LYS E 423 28.94 -25.94 1.82
C LYS E 423 27.45 -25.54 1.77
N GLU E 424 26.90 -25.31 0.58
CA GLU E 424 25.51 -24.88 0.45
C GLU E 424 24.79 -25.79 -0.53
N PRO E 425 23.48 -26.02 -0.35
CA PRO E 425 22.73 -26.88 -1.26
C PRO E 425 22.20 -26.14 -2.49
N GLY E 426 22.28 -26.80 -3.63
CA GLY E 426 21.75 -26.24 -4.86
C GLY E 426 20.53 -27.00 -5.35
N TRP E 427 19.35 -26.39 -5.16
CA TRP E 427 18.11 -26.95 -5.65
C TRP E 427 17.79 -26.39 -7.04
N TYR E 428 16.50 -26.36 -7.42
CA TYR E 428 16.15 -26.05 -8.80
C TYR E 428 16.71 -24.67 -9.20
N SER E 429 17.34 -24.57 -10.37
CA SER E 429 17.80 -23.32 -10.89
C SER E 429 16.96 -22.94 -12.10
N PHE E 430 17.12 -21.72 -12.58
CA PHE E 430 16.37 -21.23 -13.71
C PHE E 430 17.22 -20.25 -14.52
N GLY E 431 16.76 -19.94 -15.73
CA GLY E 431 17.44 -18.96 -16.54
C GLY E 431 16.48 -17.94 -17.13
N PHE E 432 16.94 -16.68 -17.21
CA PHE E 432 16.05 -15.59 -17.59
C PHE E 432 16.85 -14.43 -18.12
N GLU E 433 16.13 -13.36 -18.53
CA GLU E 433 16.72 -12.17 -19.11
C GLU E 433 16.10 -10.91 -18.51
N ILE E 434 16.95 -9.94 -18.17
CA ILE E 434 16.50 -8.65 -17.67
C ILE E 434 16.61 -7.67 -18.83
N LYS E 435 15.56 -6.86 -19.04
CA LYS E 435 15.46 -6.01 -20.22
C LYS E 435 16.15 -4.68 -19.95
N ASP E 436 17.20 -4.38 -20.73
CA ASP E 436 17.82 -3.07 -20.75
C ASP E 436 17.14 -2.21 -21.82
N LYS E 437 17.53 -0.93 -21.90
CA LYS E 437 16.95 0.01 -22.85
C LYS E 437 17.24 -0.39 -24.29
N LYS E 438 18.48 -0.79 -24.59
CA LYS E 438 18.89 -1.04 -25.97
C LYS E 438 19.28 -2.50 -26.22
N CYS E 439 19.54 -3.27 -25.17
CA CYS E 439 19.89 -4.68 -25.32
C CYS E 439 19.28 -5.46 -24.16
N ASP E 440 19.72 -6.71 -24.00
CA ASP E 440 19.27 -7.57 -22.90
C ASP E 440 20.48 -8.18 -22.23
N VAL E 441 20.35 -8.41 -20.91
CA VAL E 441 21.40 -9.06 -20.15
C VAL E 441 20.95 -10.49 -19.80
N PRO E 442 21.67 -11.53 -20.26
CA PRO E 442 21.41 -12.90 -19.84
C PRO E 442 21.93 -13.19 -18.44
N CYS E 443 21.02 -13.29 -17.47
CA CYS E 443 21.32 -13.60 -16.10
C CYS E 443 20.84 -15.00 -15.76
N ILE E 444 21.50 -15.64 -14.79
CA ILE E 444 21.11 -16.96 -14.33
C ILE E 444 20.99 -16.97 -12.83
N GLY E 445 19.97 -17.66 -12.32
CA GLY E 445 19.72 -17.62 -10.89
C GLY E 445 19.71 -18.98 -10.28
N ILE E 446 19.95 -19.06 -8.98
CA ILE E 446 19.95 -20.34 -8.27
C ILE E 446 19.02 -20.23 -7.07
N GLU E 447 18.36 -21.32 -6.72
CA GLU E 447 17.58 -21.42 -5.50
C GLU E 447 18.41 -22.22 -4.46
N MET E 448 18.40 -21.72 -3.22
CA MET E 448 19.03 -22.40 -2.11
C MET E 448 18.00 -22.54 -1.00
N VAL E 449 17.94 -23.74 -0.40
CA VAL E 449 16.99 -24.03 0.66
C VAL E 449 17.76 -24.37 1.94
N HIS E 450 17.01 -24.70 3.00
CA HIS E 450 17.61 -25.17 4.25
C HIS E 450 16.74 -26.29 4.85
N HIS E 458 11.76 -24.81 6.08
CA HIS E 458 11.96 -25.21 4.66
C HIS E 458 11.54 -24.08 3.71
N SER E 459 12.02 -22.87 3.98
CA SER E 459 11.82 -21.72 3.11
C SER E 459 13.06 -21.55 2.25
N ALA E 460 12.86 -20.96 1.05
CA ALA E 460 13.90 -20.86 0.06
C ALA E 460 14.44 -19.43 -0.04
N ALA E 461 15.71 -19.33 -0.44
CA ALA E 461 16.33 -18.08 -0.87
C ALA E 461 16.43 -18.03 -2.38
N THR E 462 17.12 -17.00 -2.88
CA THR E 462 17.35 -16.86 -4.32
C THR E 462 18.61 -16.03 -4.56
N ALA E 463 19.62 -16.62 -5.18
CA ALA E 463 20.87 -15.96 -5.52
C ALA E 463 20.92 -15.72 -7.01
N ILE E 464 21.14 -14.47 -7.41
CA ILE E 464 20.95 -14.07 -8.81
C ILE E 464 22.25 -13.58 -9.39
N TYR E 465 22.69 -14.21 -10.47
CA TYR E 465 23.96 -13.90 -11.10
C TYR E 465 23.69 -13.35 -12.50
N CYS E 466 24.37 -12.28 -12.86
CA CYS E 466 24.24 -11.68 -14.18
C CYS E 466 25.57 -11.62 -14.90
N LEU E 467 25.51 -11.36 -16.20
CA LEU E 467 26.71 -11.24 -17.00
C LEU E 467 27.17 -9.79 -17.03
N MET E 468 28.43 -9.58 -16.63
CA MET E 468 28.99 -8.24 -16.48
C MET E 468 30.51 -8.27 -16.71
N GLY E 469 30.98 -7.37 -17.56
CA GLY E 469 32.40 -7.15 -17.71
C GLY E 469 33.11 -8.34 -18.35
N SER E 470 34.40 -8.46 -18.01
CA SER E 470 35.26 -9.48 -18.57
C SER E 470 36.13 -10.03 -17.44
N GLY E 471 37.16 -10.81 -17.81
CA GLY E 471 38.09 -11.36 -16.84
C GLY E 471 37.76 -12.82 -16.54
N GLN E 472 37.57 -13.12 -15.25
CA GLN E 472 37.29 -14.49 -14.84
C GLN E 472 36.36 -14.48 -13.64
N LEU E 473 35.52 -15.52 -13.54
CA LEU E 473 34.52 -15.58 -12.47
C LEU E 473 35.22 -15.92 -11.16
N LEU E 474 35.01 -15.06 -10.15
CA LEU E 474 35.62 -15.25 -8.84
C LEU E 474 35.03 -16.48 -8.08
#